data_3JTE
# 
_entry.id   3JTE 
# 
_audit_conform.dict_name       mmcif_pdbx.dic 
_audit_conform.dict_version    5.387 
_audit_conform.dict_location   http://mmcif.pdb.org/dictionaries/ascii/mmcif_pdbx.dic 
# 
loop_
_database_2.database_id 
_database_2.database_code 
_database_2.pdbx_database_accession 
_database_2.pdbx_DOI 
PDB   3JTE         pdb_00003jte 10.2210/pdb3jte/pdb 
RCSB  RCSB055135   ?            ?                   
WWPDB D_1000055135 ?            ?                   
# 
loop_
_pdbx_audit_revision_history.ordinal 
_pdbx_audit_revision_history.data_content_type 
_pdbx_audit_revision_history.major_revision 
_pdbx_audit_revision_history.minor_revision 
_pdbx_audit_revision_history.revision_date 
1 'Structure model' 1 0 2009-09-22 
2 'Structure model' 1 1 2011-07-13 
3 'Structure model' 1 2 2012-10-24 
4 'Structure model' 1 3 2018-11-21 
5 'Structure model' 1 4 2021-02-10 
6 'Structure model' 1 5 2024-02-21 
# 
_pdbx_audit_revision_details.ordinal             1 
_pdbx_audit_revision_details.revision_ordinal    1 
_pdbx_audit_revision_details.data_content_type   'Structure model' 
_pdbx_audit_revision_details.provider            repository 
_pdbx_audit_revision_details.type                'Initial release' 
_pdbx_audit_revision_details.description         ? 
_pdbx_audit_revision_details.details             ? 
# 
loop_
_pdbx_audit_revision_group.ordinal 
_pdbx_audit_revision_group.revision_ordinal 
_pdbx_audit_revision_group.data_content_type 
_pdbx_audit_revision_group.group 
1 2 'Structure model' 'Version format compliance' 
2 3 'Structure model' 'Structure summary'         
3 4 'Structure model' 'Data collection'           
4 4 'Structure model' 'Structure summary'         
5 5 'Structure model' 'Database references'       
6 5 'Structure model' 'Structure summary'         
7 6 'Structure model' 'Data collection'           
8 6 'Structure model' 'Database references'       
# 
loop_
_pdbx_audit_revision_category.ordinal 
_pdbx_audit_revision_category.revision_ordinal 
_pdbx_audit_revision_category.data_content_type 
_pdbx_audit_revision_category.category 
1 4 'Structure model' audit_author    
2 5 'Structure model' audit_author    
3 5 'Structure model' citation_author 
4 6 'Structure model' chem_comp_atom  
5 6 'Structure model' chem_comp_bond  
6 6 'Structure model' database_2      
# 
loop_
_pdbx_audit_revision_item.ordinal 
_pdbx_audit_revision_item.revision_ordinal 
_pdbx_audit_revision_item.data_content_type 
_pdbx_audit_revision_item.item 
1 4 'Structure model' '_audit_author.identifier_ORCID'      
2 5 'Structure model' '_audit_author.identifier_ORCID'      
3 5 'Structure model' '_citation_author.identifier_ORCID'   
4 6 'Structure model' '_database_2.pdbx_DOI'                
5 6 'Structure model' '_database_2.pdbx_database_accession' 
# 
_pdbx_database_status.status_code                     REL 
_pdbx_database_status.entry_id                        3JTE 
_pdbx_database_status.recvd_initial_deposition_date   2009-09-11 
_pdbx_database_status.deposit_site                    RCSB 
_pdbx_database_status.process_site                    RCSB 
_pdbx_database_status.status_code_sf                  REL 
_pdbx_database_status.status_code_mr                  ? 
_pdbx_database_status.SG_entry                        Y 
_pdbx_database_status.status_code_cs                  ? 
_pdbx_database_status.pdb_format_compatible           Y 
_pdbx_database_status.methods_development_category    ? 
_pdbx_database_status.status_code_nmr_data            ? 
# 
_pdbx_database_related.db_name        TargetDB 
_pdbx_database_related.db_id          NYSGXRC-11226e 
_pdbx_database_related.details        . 
_pdbx_database_related.content_type   unspecified 
# 
loop_
_audit_author.name 
_audit_author.pdbx_ordinal 
_audit_author.identifier_ORCID 
'Fedorov, A.A.'                                                  1 ?                   
'Fedorov, E.V.'                                                  2 ?                   
'Toro, R.'                                                       3 ?                   
'Sauder, J.M.'                                                   4 0000-0002-0254-4955 
'Burley, S.K.'                                                   5 0000-0002-2487-9713 
'Almo, S.C.'                                                     6 ?                   
'New York SGX Research Center for Structural Genomics (NYSGXRC)' 7 ?                   
# 
_citation.id                        primary 
_citation.title                     
;Crystal structure of response regulator receiver domain 
Protein from clostridium thermocellum
;
_citation.journal_abbrev            'To be Published' 
_citation.journal_volume            ? 
_citation.page_first                ? 
_citation.page_last                 ? 
_citation.year                      ? 
_citation.journal_id_ASTM           ? 
_citation.country                   ? 
_citation.journal_id_ISSN           ? 
_citation.journal_id_CSD            0353 
_citation.book_publisher            ? 
_citation.pdbx_database_id_PubMed   ? 
_citation.pdbx_database_id_DOI      ? 
# 
loop_
_citation_author.citation_id 
_citation_author.name 
_citation_author.ordinal 
_citation_author.identifier_ORCID 
primary 'Fedorov, A.A.' 1 ?                   
primary 'Fedorov, E.V.' 2 ?                   
primary 'Toro, R.'      3 ?                   
primary 'Sauder, J.M.'  4 ?                   
primary 'Burley, S.K.'  5 0000-0002-2487-9713 
primary 'Almo, S.C.'    6 ?                   
# 
loop_
_entity.id 
_entity.type 
_entity.src_method 
_entity.pdbx_description 
_entity.formula_weight 
_entity.pdbx_number_of_molecules 
_entity.pdbx_ec 
_entity.pdbx_mutation 
_entity.pdbx_fragment 
_entity.details 
1 polymer man 'Response regulator receiver protein' 16091.668 1  ? ? 'residues 2-134' ? 
2 water   nat water                                 18.015    63 ? ? ?                ? 
# 
_entity_poly.entity_id                      1 
_entity_poly.type                           'polypeptide(L)' 
_entity_poly.nstd_linkage                   no 
_entity_poly.nstd_monomer                   no 
_entity_poly.pdbx_seq_one_letter_code       
;MSLAKILVIDDESTILQNIKFLLEIDGNEVLTASSSTEGLRIFTENCNSIDVVITDMKMPKLSGMDILREIKKITPHMAV
IILTGHGDLDNAILAMKEGAFEYLRKPVTAQDLSIAINNAINRKKLLMENERMTQEGHHHHHH
;
_entity_poly.pdbx_seq_one_letter_code_can   
;MSLAKILVIDDESTILQNIKFLLEIDGNEVLTASSSTEGLRIFTENCNSIDVVITDMKMPKLSGMDILREIKKITPHMAV
IILTGHGDLDNAILAMKEGAFEYLRKPVTAQDLSIAINNAINRKKLLMENERMTQEGHHHHHH
;
_entity_poly.pdbx_strand_id                 A 
_entity_poly.pdbx_target_identifier         NYSGXRC-11226e 
# 
_pdbx_entity_nonpoly.entity_id   2 
_pdbx_entity_nonpoly.name        water 
_pdbx_entity_nonpoly.comp_id     HOH 
# 
loop_
_entity_poly_seq.entity_id 
_entity_poly_seq.num 
_entity_poly_seq.mon_id 
_entity_poly_seq.hetero 
1 1   MET n 
1 2   SER n 
1 3   LEU n 
1 4   ALA n 
1 5   LYS n 
1 6   ILE n 
1 7   LEU n 
1 8   VAL n 
1 9   ILE n 
1 10  ASP n 
1 11  ASP n 
1 12  GLU n 
1 13  SER n 
1 14  THR n 
1 15  ILE n 
1 16  LEU n 
1 17  GLN n 
1 18  ASN n 
1 19  ILE n 
1 20  LYS n 
1 21  PHE n 
1 22  LEU n 
1 23  LEU n 
1 24  GLU n 
1 25  ILE n 
1 26  ASP n 
1 27  GLY n 
1 28  ASN n 
1 29  GLU n 
1 30  VAL n 
1 31  LEU n 
1 32  THR n 
1 33  ALA n 
1 34  SER n 
1 35  SER n 
1 36  SER n 
1 37  THR n 
1 38  GLU n 
1 39  GLY n 
1 40  LEU n 
1 41  ARG n 
1 42  ILE n 
1 43  PHE n 
1 44  THR n 
1 45  GLU n 
1 46  ASN n 
1 47  CYS n 
1 48  ASN n 
1 49  SER n 
1 50  ILE n 
1 51  ASP n 
1 52  VAL n 
1 53  VAL n 
1 54  ILE n 
1 55  THR n 
1 56  ASP n 
1 57  MET n 
1 58  LYS n 
1 59  MET n 
1 60  PRO n 
1 61  LYS n 
1 62  LEU n 
1 63  SER n 
1 64  GLY n 
1 65  MET n 
1 66  ASP n 
1 67  ILE n 
1 68  LEU n 
1 69  ARG n 
1 70  GLU n 
1 71  ILE n 
1 72  LYS n 
1 73  LYS n 
1 74  ILE n 
1 75  THR n 
1 76  PRO n 
1 77  HIS n 
1 78  MET n 
1 79  ALA n 
1 80  VAL n 
1 81  ILE n 
1 82  ILE n 
1 83  LEU n 
1 84  THR n 
1 85  GLY n 
1 86  HIS n 
1 87  GLY n 
1 88  ASP n 
1 89  LEU n 
1 90  ASP n 
1 91  ASN n 
1 92  ALA n 
1 93  ILE n 
1 94  LEU n 
1 95  ALA n 
1 96  MET n 
1 97  LYS n 
1 98  GLU n 
1 99  GLY n 
1 100 ALA n 
1 101 PHE n 
1 102 GLU n 
1 103 TYR n 
1 104 LEU n 
1 105 ARG n 
1 106 LYS n 
1 107 PRO n 
1 108 VAL n 
1 109 THR n 
1 110 ALA n 
1 111 GLN n 
1 112 ASP n 
1 113 LEU n 
1 114 SER n 
1 115 ILE n 
1 116 ALA n 
1 117 ILE n 
1 118 ASN n 
1 119 ASN n 
1 120 ALA n 
1 121 ILE n 
1 122 ASN n 
1 123 ARG n 
1 124 LYS n 
1 125 LYS n 
1 126 LEU n 
1 127 LEU n 
1 128 MET n 
1 129 GLU n 
1 130 ASN n 
1 131 GLU n 
1 132 ARG n 
1 133 MET n 
1 134 THR n 
1 135 GLN n 
1 136 GLU n 
1 137 GLY n 
1 138 HIS n 
1 139 HIS n 
1 140 HIS n 
1 141 HIS n 
1 142 HIS n 
1 143 HIS n 
# 
_entity_src_gen.entity_id                          1 
_entity_src_gen.pdbx_src_id                        1 
_entity_src_gen.pdbx_alt_source_flag               sample 
_entity_src_gen.pdbx_seq_type                      ? 
_entity_src_gen.pdbx_beg_seq_num                   ? 
_entity_src_gen.pdbx_end_seq_num                   ? 
_entity_src_gen.gene_src_common_name               ? 
_entity_src_gen.gene_src_genus                     ? 
_entity_src_gen.pdbx_gene_src_gene                 Cthe_0583 
_entity_src_gen.gene_src_species                   ? 
_entity_src_gen.gene_src_strain                    'ATCC 27405 / DSM 1237' 
_entity_src_gen.gene_src_tissue                    ? 
_entity_src_gen.gene_src_tissue_fraction           ? 
_entity_src_gen.gene_src_details                   ? 
_entity_src_gen.pdbx_gene_src_fragment             ? 
_entity_src_gen.pdbx_gene_src_scientific_name      'Clostridium thermocellum ATCC 27405' 
_entity_src_gen.pdbx_gene_src_ncbi_taxonomy_id     203119 
_entity_src_gen.pdbx_gene_src_variant              ? 
_entity_src_gen.pdbx_gene_src_cell_line            ? 
_entity_src_gen.pdbx_gene_src_atcc                 ? 
_entity_src_gen.pdbx_gene_src_organ                ? 
_entity_src_gen.pdbx_gene_src_organelle            ? 
_entity_src_gen.pdbx_gene_src_cell                 ? 
_entity_src_gen.pdbx_gene_src_cellular_location    ? 
_entity_src_gen.host_org_common_name               ? 
_entity_src_gen.pdbx_host_org_scientific_name      'Escherichia coli' 
_entity_src_gen.pdbx_host_org_ncbi_taxonomy_id     562 
_entity_src_gen.host_org_genus                     ? 
_entity_src_gen.pdbx_host_org_gene                 ? 
_entity_src_gen.pdbx_host_org_organ                ? 
_entity_src_gen.host_org_species                   ? 
_entity_src_gen.pdbx_host_org_tissue               ? 
_entity_src_gen.pdbx_host_org_tissue_fraction      ? 
_entity_src_gen.pdbx_host_org_strain               ? 
_entity_src_gen.pdbx_host_org_variant              ? 
_entity_src_gen.pdbx_host_org_cell_line            ? 
_entity_src_gen.pdbx_host_org_atcc                 ? 
_entity_src_gen.pdbx_host_org_culture_collection   ? 
_entity_src_gen.pdbx_host_org_cell                 ? 
_entity_src_gen.pdbx_host_org_organelle            ? 
_entity_src_gen.pdbx_host_org_cellular_location    ? 
_entity_src_gen.pdbx_host_org_vector_type          ? 
_entity_src_gen.pdbx_host_org_vector               ? 
_entity_src_gen.host_org_details                   ? 
_entity_src_gen.expression_system_id               ? 
_entity_src_gen.plasmid_name                       ? 
_entity_src_gen.plasmid_details                    ? 
_entity_src_gen.pdbx_description                   ? 
# 
loop_
_chem_comp.id 
_chem_comp.type 
_chem_comp.mon_nstd_flag 
_chem_comp.name 
_chem_comp.pdbx_synonyms 
_chem_comp.formula 
_chem_comp.formula_weight 
ALA 'L-peptide linking' y ALANINE         ? 'C3 H7 N O2'     89.093  
ARG 'L-peptide linking' y ARGININE        ? 'C6 H15 N4 O2 1' 175.209 
ASN 'L-peptide linking' y ASPARAGINE      ? 'C4 H8 N2 O3'    132.118 
ASP 'L-peptide linking' y 'ASPARTIC ACID' ? 'C4 H7 N O4'     133.103 
CYS 'L-peptide linking' y CYSTEINE        ? 'C3 H7 N O2 S'   121.158 
GLN 'L-peptide linking' y GLUTAMINE       ? 'C5 H10 N2 O3'   146.144 
GLU 'L-peptide linking' y 'GLUTAMIC ACID' ? 'C5 H9 N O4'     147.129 
GLY 'peptide linking'   y GLYCINE         ? 'C2 H5 N O2'     75.067  
HIS 'L-peptide linking' y HISTIDINE       ? 'C6 H10 N3 O2 1' 156.162 
HOH non-polymer         . WATER           ? 'H2 O'           18.015  
ILE 'L-peptide linking' y ISOLEUCINE      ? 'C6 H13 N O2'    131.173 
LEU 'L-peptide linking' y LEUCINE         ? 'C6 H13 N O2'    131.173 
LYS 'L-peptide linking' y LYSINE          ? 'C6 H15 N2 O2 1' 147.195 
MET 'L-peptide linking' y METHIONINE      ? 'C5 H11 N O2 S'  149.211 
PHE 'L-peptide linking' y PHENYLALANINE   ? 'C9 H11 N O2'    165.189 
PRO 'L-peptide linking' y PROLINE         ? 'C5 H9 N O2'     115.130 
SER 'L-peptide linking' y SERINE          ? 'C3 H7 N O3'     105.093 
THR 'L-peptide linking' y THREONINE       ? 'C4 H9 N O3'     119.119 
TYR 'L-peptide linking' y TYROSINE        ? 'C9 H11 N O3'    181.189 
VAL 'L-peptide linking' y VALINE          ? 'C5 H11 N O2'    117.146 
# 
loop_
_pdbx_poly_seq_scheme.asym_id 
_pdbx_poly_seq_scheme.entity_id 
_pdbx_poly_seq_scheme.seq_id 
_pdbx_poly_seq_scheme.mon_id 
_pdbx_poly_seq_scheme.ndb_seq_num 
_pdbx_poly_seq_scheme.pdb_seq_num 
_pdbx_poly_seq_scheme.auth_seq_num 
_pdbx_poly_seq_scheme.pdb_mon_id 
_pdbx_poly_seq_scheme.auth_mon_id 
_pdbx_poly_seq_scheme.pdb_strand_id 
_pdbx_poly_seq_scheme.pdb_ins_code 
_pdbx_poly_seq_scheme.hetero 
A 1 1   MET 1   1   ?   ?   ?   A . n 
A 1 2   SER 2   2   ?   ?   ?   A . n 
A 1 3   LEU 3   3   3   LEU LEU A . n 
A 1 4   ALA 4   4   4   ALA ALA A . n 
A 1 5   LYS 5   5   5   LYS LYS A . n 
A 1 6   ILE 6   6   6   ILE ILE A . n 
A 1 7   LEU 7   7   7   LEU LEU A . n 
A 1 8   VAL 8   8   8   VAL VAL A . n 
A 1 9   ILE 9   9   9   ILE ILE A . n 
A 1 10  ASP 10  10  10  ASP ASP A . n 
A 1 11  ASP 11  11  11  ASP ASP A . n 
A 1 12  GLU 12  12  12  GLU GLU A . n 
A 1 13  SER 13  13  13  SER SER A . n 
A 1 14  THR 14  14  14  THR THR A . n 
A 1 15  ILE 15  15  15  ILE ILE A . n 
A 1 16  LEU 16  16  16  LEU LEU A . n 
A 1 17  GLN 17  17  17  GLN GLN A . n 
A 1 18  ASN 18  18  18  ASN ASN A . n 
A 1 19  ILE 19  19  19  ILE ILE A . n 
A 1 20  LYS 20  20  20  LYS LYS A . n 
A 1 21  PHE 21  21  21  PHE PHE A . n 
A 1 22  LEU 22  22  22  LEU LEU A . n 
A 1 23  LEU 23  23  23  LEU LEU A . n 
A 1 24  GLU 24  24  24  GLU GLU A . n 
A 1 25  ILE 25  25  25  ILE ILE A . n 
A 1 26  ASP 26  26  26  ASP ASP A . n 
A 1 27  GLY 27  27  27  GLY GLY A . n 
A 1 28  ASN 28  28  28  ASN ASN A . n 
A 1 29  GLU 29  29  29  GLU GLU A . n 
A 1 30  VAL 30  30  30  VAL VAL A . n 
A 1 31  LEU 31  31  31  LEU LEU A . n 
A 1 32  THR 32  32  32  THR THR A . n 
A 1 33  ALA 33  33  33  ALA ALA A . n 
A 1 34  SER 34  34  34  SER SER A . n 
A 1 35  SER 35  35  35  SER SER A . n 
A 1 36  SER 36  36  36  SER SER A . n 
A 1 37  THR 37  37  37  THR THR A . n 
A 1 38  GLU 38  38  38  GLU GLU A . n 
A 1 39  GLY 39  39  39  GLY GLY A . n 
A 1 40  LEU 40  40  40  LEU LEU A . n 
A 1 41  ARG 41  41  41  ARG ARG A . n 
A 1 42  ILE 42  42  42  ILE ILE A . n 
A 1 43  PHE 43  43  43  PHE PHE A . n 
A 1 44  THR 44  44  44  THR THR A . n 
A 1 45  GLU 45  45  45  GLU GLU A . n 
A 1 46  ASN 46  46  46  ASN ASN A . n 
A 1 47  CYS 47  47  47  CYS CYS A . n 
A 1 48  ASN 48  48  48  ASN ASN A . n 
A 1 49  SER 49  49  49  SER SER A . n 
A 1 50  ILE 50  50  50  ILE ILE A . n 
A 1 51  ASP 51  51  51  ASP ASP A . n 
A 1 52  VAL 52  52  52  VAL VAL A . n 
A 1 53  VAL 53  53  53  VAL VAL A . n 
A 1 54  ILE 54  54  54  ILE ILE A . n 
A 1 55  THR 55  55  55  THR THR A . n 
A 1 56  ASP 56  56  56  ASP ASP A . n 
A 1 57  MET 57  57  57  MET MET A . n 
A 1 58  LYS 58  58  58  LYS LYS A . n 
A 1 59  MET 59  59  59  MET MET A . n 
A 1 60  PRO 60  60  60  PRO PRO A . n 
A 1 61  LYS 61  61  61  LYS LYS A . n 
A 1 62  LEU 62  62  62  LEU LEU A . n 
A 1 63  SER 63  63  63  SER SER A . n 
A 1 64  GLY 64  64  64  GLY GLY A . n 
A 1 65  MET 65  65  65  MET MET A . n 
A 1 66  ASP 66  66  66  ASP ASP A . n 
A 1 67  ILE 67  67  67  ILE ILE A . n 
A 1 68  LEU 68  68  68  LEU LEU A . n 
A 1 69  ARG 69  69  69  ARG ARG A . n 
A 1 70  GLU 70  70  70  GLU GLU A . n 
A 1 71  ILE 71  71  71  ILE ILE A . n 
A 1 72  LYS 72  72  72  LYS LYS A . n 
A 1 73  LYS 73  73  73  LYS LYS A . n 
A 1 74  ILE 74  74  74  ILE ILE A . n 
A 1 75  THR 75  75  75  THR THR A . n 
A 1 76  PRO 76  76  76  PRO PRO A . n 
A 1 77  HIS 77  77  77  HIS HIS A . n 
A 1 78  MET 78  78  78  MET MET A . n 
A 1 79  ALA 79  79  79  ALA ALA A . n 
A 1 80  VAL 80  80  80  VAL VAL A . n 
A 1 81  ILE 81  81  81  ILE ILE A . n 
A 1 82  ILE 82  82  82  ILE ILE A . n 
A 1 83  LEU 83  83  83  LEU LEU A . n 
A 1 84  THR 84  84  84  THR THR A . n 
A 1 85  GLY 85  85  85  GLY GLY A . n 
A 1 86  HIS 86  86  86  HIS HIS A . n 
A 1 87  GLY 87  87  87  GLY GLY A . n 
A 1 88  ASP 88  88  88  ASP ASP A . n 
A 1 89  LEU 89  89  89  LEU LEU A . n 
A 1 90  ASP 90  90  90  ASP ASP A . n 
A 1 91  ASN 91  91  91  ASN ASN A . n 
A 1 92  ALA 92  92  92  ALA ALA A . n 
A 1 93  ILE 93  93  93  ILE ILE A . n 
A 1 94  LEU 94  94  94  LEU LEU A . n 
A 1 95  ALA 95  95  95  ALA ALA A . n 
A 1 96  MET 96  96  96  MET MET A . n 
A 1 97  LYS 97  97  97  LYS LYS A . n 
A 1 98  GLU 98  98  98  GLU GLU A . n 
A 1 99  GLY 99  99  99  GLY GLY A . n 
A 1 100 ALA 100 100 100 ALA ALA A . n 
A 1 101 PHE 101 101 101 PHE PHE A . n 
A 1 102 GLU 102 102 102 GLU GLU A . n 
A 1 103 TYR 103 103 103 TYR TYR A . n 
A 1 104 LEU 104 104 104 LEU LEU A . n 
A 1 105 ARG 105 105 105 ARG ARG A . n 
A 1 106 LYS 106 106 106 LYS LYS A . n 
A 1 107 PRO 107 107 107 PRO PRO A . n 
A 1 108 VAL 108 108 108 VAL VAL A . n 
A 1 109 THR 109 109 109 THR THR A . n 
A 1 110 ALA 110 110 110 ALA ALA A . n 
A 1 111 GLN 111 111 111 GLN GLN A . n 
A 1 112 ASP 112 112 112 ASP ASP A . n 
A 1 113 LEU 113 113 113 LEU LEU A . n 
A 1 114 SER 114 114 114 SER SER A . n 
A 1 115 ILE 115 115 115 ILE ILE A . n 
A 1 116 ALA 116 116 116 ALA ALA A . n 
A 1 117 ILE 117 117 117 ILE ILE A . n 
A 1 118 ASN 118 118 118 ASN ASN A . n 
A 1 119 ASN 119 119 119 ASN ASN A . n 
A 1 120 ALA 120 120 120 ALA ALA A . n 
A 1 121 ILE 121 121 121 ILE ILE A . n 
A 1 122 ASN 122 122 122 ASN ASN A . n 
A 1 123 ARG 123 123 123 ARG ARG A . n 
A 1 124 LYS 124 124 124 LYS LYS A . n 
A 1 125 LYS 125 125 125 LYS LYS A . n 
A 1 126 LEU 126 126 126 LEU LEU A . n 
A 1 127 LEU 127 127 127 LEU LEU A . n 
A 1 128 MET 128 128 128 MET MET A . n 
A 1 129 GLU 129 129 ?   ?   ?   A . n 
A 1 130 ASN 130 130 ?   ?   ?   A . n 
A 1 131 GLU 131 131 ?   ?   ?   A . n 
A 1 132 ARG 132 132 ?   ?   ?   A . n 
A 1 133 MET 133 133 ?   ?   ?   A . n 
A 1 134 THR 134 134 ?   ?   ?   A . n 
A 1 135 GLN 135 135 ?   ?   ?   A . n 
A 1 136 GLU 136 136 ?   ?   ?   A . n 
A 1 137 GLY 137 137 ?   ?   ?   A . n 
A 1 138 HIS 138 138 ?   ?   ?   A . n 
A 1 139 HIS 139 139 ?   ?   ?   A . n 
A 1 140 HIS 140 140 ?   ?   ?   A . n 
A 1 141 HIS 141 141 ?   ?   ?   A . n 
A 1 142 HIS 142 142 ?   ?   ?   A . n 
A 1 143 HIS 143 143 ?   ?   ?   A . n 
# 
loop_
_pdbx_nonpoly_scheme.asym_id 
_pdbx_nonpoly_scheme.entity_id 
_pdbx_nonpoly_scheme.mon_id 
_pdbx_nonpoly_scheme.ndb_seq_num 
_pdbx_nonpoly_scheme.pdb_seq_num 
_pdbx_nonpoly_scheme.auth_seq_num 
_pdbx_nonpoly_scheme.pdb_mon_id 
_pdbx_nonpoly_scheme.auth_mon_id 
_pdbx_nonpoly_scheme.pdb_strand_id 
_pdbx_nonpoly_scheme.pdb_ins_code 
B 2 HOH 1  144 1  HOH HOH A . 
B 2 HOH 2  145 2  HOH HOH A . 
B 2 HOH 3  146 4  HOH HOH A . 
B 2 HOH 4  147 5  HOH HOH A . 
B 2 HOH 5  148 6  HOH HOH A . 
B 2 HOH 6  149 7  HOH HOH A . 
B 2 HOH 7  150 8  HOH HOH A . 
B 2 HOH 8  151 9  HOH HOH A . 
B 2 HOH 9  152 10 HOH HOH A . 
B 2 HOH 10 153 12 HOH HOH A . 
B 2 HOH 11 154 13 HOH HOH A . 
B 2 HOH 12 155 14 HOH HOH A . 
B 2 HOH 13 156 15 HOH HOH A . 
B 2 HOH 14 157 16 HOH HOH A . 
B 2 HOH 15 158 17 HOH HOH A . 
B 2 HOH 16 159 19 HOH HOH A . 
B 2 HOH 17 160 20 HOH HOH A . 
B 2 HOH 18 161 22 HOH HOH A . 
B 2 HOH 19 162 23 HOH HOH A . 
B 2 HOH 20 163 24 HOH HOH A . 
B 2 HOH 21 164 25 HOH HOH A . 
B 2 HOH 22 165 26 HOH HOH A . 
B 2 HOH 23 166 27 HOH HOH A . 
B 2 HOH 24 167 28 HOH HOH A . 
B 2 HOH 25 168 29 HOH HOH A . 
B 2 HOH 26 169 30 HOH HOH A . 
B 2 HOH 27 170 31 HOH HOH A . 
B 2 HOH 28 171 32 HOH HOH A . 
B 2 HOH 29 172 33 HOH HOH A . 
B 2 HOH 30 173 34 HOH HOH A . 
B 2 HOH 31 174 35 HOH HOH A . 
B 2 HOH 32 175 36 HOH HOH A . 
B 2 HOH 33 176 37 HOH HOH A . 
B 2 HOH 34 177 38 HOH HOH A . 
B 2 HOH 35 178 40 HOH HOH A . 
B 2 HOH 36 179 41 HOH HOH A . 
B 2 HOH 37 180 42 HOH HOH A . 
B 2 HOH 38 181 43 HOH HOH A . 
B 2 HOH 39 182 44 HOH HOH A . 
B 2 HOH 40 183 45 HOH HOH A . 
B 2 HOH 41 184 46 HOH HOH A . 
B 2 HOH 42 185 47 HOH HOH A . 
B 2 HOH 43 186 48 HOH HOH A . 
B 2 HOH 44 187 55 HOH HOH A . 
B 2 HOH 45 188 57 HOH HOH A . 
B 2 HOH 46 189 58 HOH HOH A . 
B 2 HOH 47 190 59 HOH HOH A . 
B 2 HOH 48 191 61 HOH HOH A . 
B 2 HOH 49 192 64 HOH HOH A . 
B 2 HOH 50 193 65 HOH HOH A . 
B 2 HOH 51 194 67 HOH HOH A . 
B 2 HOH 52 195 68 HOH HOH A . 
B 2 HOH 53 196 70 HOH HOH A . 
B 2 HOH 54 197 71 HOH HOH A . 
B 2 HOH 55 198 72 HOH HOH A . 
B 2 HOH 56 199 73 HOH HOH A . 
B 2 HOH 57 200 74 HOH HOH A . 
B 2 HOH 58 201 80 HOH HOH A . 
B 2 HOH 59 202 82 HOH HOH A . 
B 2 HOH 60 203 83 HOH HOH A . 
B 2 HOH 61 204 85 HOH HOH A . 
B 2 HOH 62 205 88 HOH HOH A . 
B 2 HOH 63 206 89 HOH HOH A . 
# 
loop_
_software.name 
_software.classification 
_software.version 
_software.citation_id 
_software.pdbx_ordinal 
APEX      'data collection' .   ? 1 
BALBES    phasing           .   ? 2 
CNS       refinement        1.1 ? 3 
DENZO     'data reduction'  .   ? 4 
SCALEPACK 'data scaling'    .   ? 5 
# 
_cell.entry_id           3JTE 
_cell.length_a           98.896 
_cell.length_b           98.896 
_cell.length_c           86.700 
_cell.angle_alpha        90.00 
_cell.angle_beta         90.00 
_cell.angle_gamma        90.00 
_cell.Z_PDB              16 
_cell.pdbx_unique_axis   ? 
_cell.length_a_esd       ? 
_cell.length_b_esd       ? 
_cell.length_c_esd       ? 
_cell.angle_alpha_esd    ? 
_cell.angle_beta_esd     ? 
_cell.angle_gamma_esd    ? 
# 
_symmetry.entry_id                         3JTE 
_symmetry.space_group_name_H-M             'I 4 2 2' 
_symmetry.pdbx_full_space_group_name_H-M   ? 
_symmetry.cell_setting                     ? 
_symmetry.Int_Tables_number                97 
_symmetry.space_group_name_Hall            ? 
# 
_exptl.entry_id          3JTE 
_exptl.method            'X-RAY DIFFRACTION' 
_exptl.crystals_number   1 
# 
_exptl_crystal.id                    1 
_exptl_crystal.density_meas          ? 
_exptl_crystal.density_Matthews      3.29 
_exptl_crystal.density_percent_sol   62.65 
_exptl_crystal.description           ? 
_exptl_crystal.F_000                 ? 
_exptl_crystal.preparation           ? 
# 
_exptl_crystal_grow.crystal_id      1 
_exptl_crystal_grow.method          'VAPOR DIFFUSION, HANGING DROP' 
_exptl_crystal_grow.temp            293.0 
_exptl_crystal_grow.temp_details    ? 
_exptl_crystal_grow.pH              7.5 
_exptl_crystal_grow.pdbx_details    '1.26M ammonium sulfate, 0.1MHepes, pH 7.5, VAPOR DIFFUSION, HANGING DROP, temperature 293.0K' 
_exptl_crystal_grow.pdbx_pH_range   ? 
# 
_diffrn.id                     1 
_diffrn.ambient_temp           100 
_diffrn.ambient_temp_details   ? 
_diffrn.crystal_id             1 
# 
_diffrn_detector.diffrn_id              1 
_diffrn_detector.detector               CCD 
_diffrn_detector.type                   'ADSC QUANTUM 4' 
_diffrn_detector.pdbx_collection_date   2009-08-07 
_diffrn_detector.details                ? 
# 
_diffrn_radiation.diffrn_id                        1 
_diffrn_radiation.wavelength_id                    1 
_diffrn_radiation.pdbx_monochromatic_or_laue_m_l   M 
_diffrn_radiation.monochromator                    'Si 111 CHANNEL' 
_diffrn_radiation.pdbx_diffrn_protocol             'SINGLE WAVELENGTH' 
_diffrn_radiation.pdbx_scattering_type             x-ray 
# 
_diffrn_radiation_wavelength.id           1 
_diffrn_radiation_wavelength.wavelength   0.97915 
_diffrn_radiation_wavelength.wt           1.0 
# 
_diffrn_source.diffrn_id                   1 
_diffrn_source.source                      SYNCHROTRON 
_diffrn_source.type                        'NSLS BEAMLINE X4A' 
_diffrn_source.pdbx_synchrotron_site       NSLS 
_diffrn_source.pdbx_synchrotron_beamline   X4A 
_diffrn_source.pdbx_wavelength             ? 
_diffrn_source.pdbx_wavelength_list        0.97915 
# 
_reflns.entry_id                     3JTE 
_reflns.observed_criterion_sigma_I   0.0 
_reflns.observed_criterion_sigma_F   0.0 
_reflns.d_resolution_low             25.0 
_reflns.d_resolution_high            1.9 
_reflns.number_obs                   17201 
_reflns.number_all                   17201 
_reflns.percent_possible_obs         99.8 
_reflns.pdbx_Rmerge_I_obs            0.074 
_reflns.pdbx_Rsym_value              ? 
_reflns.pdbx_netI_over_sigmaI        ? 
_reflns.B_iso_Wilson_estimate        29.9 
_reflns.pdbx_redundancy              ? 
_reflns.R_free_details               ? 
_reflns.limit_h_max                  ? 
_reflns.limit_h_min                  ? 
_reflns.limit_k_max                  ? 
_reflns.limit_k_min                  ? 
_reflns.limit_l_max                  ? 
_reflns.limit_l_min                  ? 
_reflns.observed_criterion_F_max     ? 
_reflns.observed_criterion_F_min     ? 
_reflns.pdbx_chi_squared             ? 
_reflns.pdbx_scaling_rejects         ? 
_reflns.pdbx_ordinal                 1 
_reflns.pdbx_diffrn_id               1 
# 
_refine.entry_id                                 3JTE 
_refine.ls_number_reflns_obs                     17201 
_refine.ls_number_reflns_all                     17201 
_refine.pdbx_ls_sigma_I                          0.0 
_refine.pdbx_ls_sigma_F                          0.0 
_refine.pdbx_data_cutoff_high_absF               3213154.15 
_refine.pdbx_data_cutoff_low_absF                0.000000 
_refine.pdbx_data_cutoff_high_rms_absF           ? 
_refine.ls_d_res_low                             24.73 
_refine.ls_d_res_high                            1.90 
_refine.ls_percent_reflns_obs                    99.8 
_refine.ls_R_factor_obs                          0.226 
_refine.ls_R_factor_all                          0.228 
_refine.ls_R_factor_R_work                       0.226 
_refine.ls_R_factor_R_free                       0.248 
_refine.ls_R_factor_R_free_error                 0.008 
_refine.ls_R_factor_R_free_error_details         ? 
_refine.ls_percent_reflns_R_free                 5.1 
_refine.ls_number_reflns_R_free                  869 
_refine.ls_number_parameters                     ? 
_refine.ls_number_restraints                     ? 
_refine.occupancy_min                            ? 
_refine.occupancy_max                            ? 
_refine.correlation_coeff_Fo_to_Fc               ? 
_refine.correlation_coeff_Fo_to_Fc_free          ? 
_refine.B_iso_mean                               38.9 
_refine.aniso_B[1][1]                            0.34 
_refine.aniso_B[2][2]                            0.34 
_refine.aniso_B[3][3]                            -0.68 
_refine.aniso_B[1][2]                            0.00 
_refine.aniso_B[1][3]                            0.00 
_refine.aniso_B[2][3]                            0.00 
_refine.solvent_model_details                    'FLAT MODEL' 
_refine.solvent_model_param_ksol                 0.377429 
_refine.solvent_model_param_bsol                 52.3371 
_refine.pdbx_solvent_vdw_probe_radii             ? 
_refine.pdbx_solvent_ion_probe_radii             ? 
_refine.pdbx_solvent_shrinkage_radii             ? 
_refine.pdbx_ls_cross_valid_method               THROUGHOUT 
_refine.details                                  ? 
_refine.pdbx_starting_model                      ? 
_refine.pdbx_method_to_determine_struct          'MOLECULAR REPLACEMENT' 
_refine.pdbx_isotropic_thermal_model             RESTRAINED 
_refine.pdbx_stereochemistry_target_values       ? 
_refine.pdbx_stereochem_target_val_spec_case     ? 
_refine.pdbx_R_Free_selection_details            RANDOM 
_refine.pdbx_overall_ESU_R                       ? 
_refine.pdbx_overall_ESU_R_Free                  ? 
_refine.overall_SU_ML                            ? 
_refine.overall_SU_B                             ? 
_refine.ls_redundancy_reflns_obs                 ? 
_refine.B_iso_min                                ? 
_refine.B_iso_max                                ? 
_refine.overall_SU_R_Cruickshank_DPI             ? 
_refine.overall_SU_R_free                        ? 
_refine.ls_wR_factor_R_free                      ? 
_refine.ls_wR_factor_R_work                      ? 
_refine.overall_FOM_free_R_set                   ? 
_refine.overall_FOM_work_R_set                   ? 
_refine.pdbx_overall_phase_error                 ? 
_refine.pdbx_refine_id                           'X-RAY DIFFRACTION' 
_refine.pdbx_diffrn_id                           1 
_refine.pdbx_TLS_residual_ADP_flag               ? 
_refine.pdbx_overall_SU_R_free_Cruickshank_DPI   ? 
_refine.pdbx_overall_SU_R_Blow_DPI               ? 
_refine.pdbx_overall_SU_R_free_Blow_DPI          ? 
# 
_refine_analyze.entry_id                        3JTE 
_refine_analyze.Luzzati_coordinate_error_obs    0.25 
_refine_analyze.Luzzati_sigma_a_obs             0.19 
_refine_analyze.Luzzati_d_res_low_obs           5.00 
_refine_analyze.Luzzati_coordinate_error_free   0.28 
_refine_analyze.Luzzati_sigma_a_free            0.23 
_refine_analyze.Luzzati_d_res_low_free          ? 
_refine_analyze.number_disordered_residues      ? 
_refine_analyze.occupancy_sum_hydrogen          ? 
_refine_analyze.occupancy_sum_non_hydrogen      ? 
_refine_analyze.pdbx_Luzzati_d_res_high_obs     ? 
_refine_analyze.pdbx_refine_id                  'X-RAY DIFFRACTION' 
# 
_refine_hist.pdbx_refine_id                   'X-RAY DIFFRACTION' 
_refine_hist.cycle_id                         LAST 
_refine_hist.pdbx_number_atoms_protein        973 
_refine_hist.pdbx_number_atoms_nucleic_acid   0 
_refine_hist.pdbx_number_atoms_ligand         0 
_refine_hist.number_atoms_solvent             63 
_refine_hist.number_atoms_total               1036 
_refine_hist.d_res_high                       1.90 
_refine_hist.d_res_low                        24.73 
# 
loop_
_refine_ls_restr.type 
_refine_ls_restr.dev_ideal 
_refine_ls_restr.dev_ideal_target 
_refine_ls_restr.weight 
_refine_ls_restr.number 
_refine_ls_restr.pdbx_refine_id 
_refine_ls_restr.pdbx_restraint_function 
c_bond_d           0.005 ?    ? ? 'X-RAY DIFFRACTION' ? 
c_angle_deg        1.2   ?    ? ? 'X-RAY DIFFRACTION' ? 
c_dihedral_angle_d 22.1  ?    ? ? 'X-RAY DIFFRACTION' ? 
c_improper_angle_d 0.71  ?    ? ? 'X-RAY DIFFRACTION' ? 
c_mcbond_it        1.41  1.50 ? ? 'X-RAY DIFFRACTION' ? 
c_mcangle_it       2.20  2.00 ? ? 'X-RAY DIFFRACTION' ? 
c_scbond_it        2.39  2.00 ? ? 'X-RAY DIFFRACTION' ? 
c_scangle_it       3.62  2.50 ? ? 'X-RAY DIFFRACTION' ? 
# 
_refine_ls_restr_ncs.pdbx_refine_id      'X-RAY DIFFRACTION' 
_refine_ls_restr_ncs.dom_id              1 
_refine_ls_restr_ncs.ncs_model_details   NONE 
_refine_ls_restr_ncs.rms_dev_position    ? 
_refine_ls_restr_ncs.weight_position     ? 
_refine_ls_restr_ncs.rms_dev_B_iso       ? 
_refine_ls_restr_ncs.weight_B_iso        ? 
_refine_ls_restr_ncs.pdbx_ordinal        1 
_refine_ls_restr_ncs.pdbx_type           . 
_refine_ls_restr_ncs.pdbx_auth_asym_id   . 
_refine_ls_restr_ncs.pdbx_ens_id         1 
_refine_ls_restr_ncs.pdbx_number         ? 
_refine_ls_restr_ncs.pdbx_asym_id        ? 
_refine_ls_restr_ncs.pdbx_rms            ? 
_refine_ls_restr_ncs.pdbx_weight         ? 
# 
_refine_ls_shell.pdbx_total_number_of_bins_used   10 
_refine_ls_shell.d_res_high                       1.90 
_refine_ls_shell.d_res_low                        1.97 
_refine_ls_shell.number_reflns_R_work             1559 
_refine_ls_shell.R_factor_R_work                  0.277 
_refine_ls_shell.percent_reflns_obs               97.2 
_refine_ls_shell.R_factor_R_free                  0.318 
_refine_ls_shell.R_factor_R_free_error            0.035 
_refine_ls_shell.percent_reflns_R_free            5.2 
_refine_ls_shell.number_reflns_R_free             85 
_refine_ls_shell.number_reflns_all                ? 
_refine_ls_shell.R_factor_all                     ? 
_refine_ls_shell.number_reflns_obs                1559 
_refine_ls_shell.redundancy_reflns_obs            ? 
_refine_ls_shell.pdbx_refine_id                   'X-RAY DIFFRACTION' 
# 
loop_
_pdbx_xplor_file.serial_no 
_pdbx_xplor_file.param_file 
_pdbx_xplor_file.topol_file 
_pdbx_xplor_file.pdbx_refine_id 
1 protein_rep.param      protein.top           'X-RAY DIFFRACTION' 
2 water_rep.param        water.top             'X-RAY DIFFRACTION' 
3 ion.param              ion.top               'X-RAY DIFFRACTION' 
4 &_1_PARAMETER_INFILE_4 &_1_TOPOLOGY_INFILE_4 'X-RAY DIFFRACTION' 
5 &_1_PARAMETER_INFILE_5 &_1_TOPOLOGY_INFILE_5 'X-RAY DIFFRACTION' 
# 
_struct_ncs_dom.id            1 
_struct_ncs_dom.details       ? 
_struct_ncs_dom.pdbx_ens_id   1 
# 
_struct_ncs_ens.id        1 
_struct_ncs_ens.details   ? 
# 
_struct.entry_id                  3JTE 
_struct.title                     'Crystal structure of response regulator receiver domain Protein from clostridium thermocellum' 
_struct.pdbx_model_details        ? 
_struct.pdbx_CASP_flag            ? 
_struct.pdbx_model_type_details   ? 
# 
_struct_keywords.entry_id        3JTE 
_struct_keywords.pdbx_keywords   'PROTEIN BINDING' 
_struct_keywords.text            
;Structural genomics, NYSGRC, RESPONSE REGULATOR RECEIVER DOMAIN, target 11226e, PSI-2, Protein Structure Initiative, New York SGX Research Center for Structural Genomics, NYSGXRC, PROTEIN BINDING
;
# 
loop_
_struct_asym.id 
_struct_asym.pdbx_blank_PDB_chainid_flag 
_struct_asym.pdbx_modified 
_struct_asym.entity_id 
_struct_asym.details 
A N N 1 ? 
B N N 2 ? 
# 
_struct_ref.id                         1 
_struct_ref.db_name                    UNP 
_struct_ref.db_code                    A3DCZ0_CLOTH 
_struct_ref.pdbx_db_accession          A3DCZ0 
_struct_ref.entity_id                  1 
_struct_ref.pdbx_seq_one_letter_code   
;AKILVIDDESTILQNIKFLLEIDGNEVLTASSSTEGLRIFTENCNSIDVVITDMKMPKLSGMDILREIKKITPHMAVIIL
TGHGDLDNAILAMKEGAFEYLRKPVTAQDLSIAINNAINRKKLLMENERMTQE
;
_struct_ref.pdbx_align_begin           2 
_struct_ref.pdbx_db_isoform            ? 
# 
_struct_ref_seq.align_id                      1 
_struct_ref_seq.ref_id                        1 
_struct_ref_seq.pdbx_PDB_id_code              3JTE 
_struct_ref_seq.pdbx_strand_id                A 
_struct_ref_seq.seq_align_beg                 4 
_struct_ref_seq.pdbx_seq_align_beg_ins_code   ? 
_struct_ref_seq.seq_align_end                 136 
_struct_ref_seq.pdbx_seq_align_end_ins_code   ? 
_struct_ref_seq.pdbx_db_accession             A3DCZ0 
_struct_ref_seq.db_align_beg                  2 
_struct_ref_seq.pdbx_db_align_beg_ins_code    ? 
_struct_ref_seq.db_align_end                  134 
_struct_ref_seq.pdbx_db_align_end_ins_code    ? 
_struct_ref_seq.pdbx_auth_seq_align_beg       4 
_struct_ref_seq.pdbx_auth_seq_align_end       136 
# 
loop_
_struct_ref_seq_dif.align_id 
_struct_ref_seq_dif.pdbx_pdb_id_code 
_struct_ref_seq_dif.mon_id 
_struct_ref_seq_dif.pdbx_pdb_strand_id 
_struct_ref_seq_dif.seq_num 
_struct_ref_seq_dif.pdbx_pdb_ins_code 
_struct_ref_seq_dif.pdbx_seq_db_name 
_struct_ref_seq_dif.pdbx_seq_db_accession_code 
_struct_ref_seq_dif.db_mon_id 
_struct_ref_seq_dif.pdbx_seq_db_seq_num 
_struct_ref_seq_dif.details 
_struct_ref_seq_dif.pdbx_auth_seq_num 
_struct_ref_seq_dif.pdbx_ordinal 
1 3JTE MET A 1   ? UNP A3DCZ0 ? ? 'expression tag' 1   1  
1 3JTE SER A 2   ? UNP A3DCZ0 ? ? 'expression tag' 2   2  
1 3JTE LEU A 3   ? UNP A3DCZ0 ? ? 'expression tag' 3   3  
1 3JTE GLY A 137 ? UNP A3DCZ0 ? ? 'expression tag' 137 4  
1 3JTE HIS A 138 ? UNP A3DCZ0 ? ? 'expression tag' 138 5  
1 3JTE HIS A 139 ? UNP A3DCZ0 ? ? 'expression tag' 139 6  
1 3JTE HIS A 140 ? UNP A3DCZ0 ? ? 'expression tag' 140 7  
1 3JTE HIS A 141 ? UNP A3DCZ0 ? ? 'expression tag' 141 8  
1 3JTE HIS A 142 ? UNP A3DCZ0 ? ? 'expression tag' 142 9  
1 3JTE HIS A 143 ? UNP A3DCZ0 ? ? 'expression tag' 143 10 
# 
_pdbx_struct_assembly.id                   1 
_pdbx_struct_assembly.details              author_and_software_defined_assembly 
_pdbx_struct_assembly.method_details       PISA 
_pdbx_struct_assembly.oligomeric_details   monomeric 
_pdbx_struct_assembly.oligomeric_count     1 
# 
_pdbx_struct_assembly_gen.assembly_id       1 
_pdbx_struct_assembly_gen.oper_expression   1 
_pdbx_struct_assembly_gen.asym_id_list      A,B 
# 
_pdbx_struct_oper_list.id                   1 
_pdbx_struct_oper_list.type                 'identity operation' 
_pdbx_struct_oper_list.name                 1_555 
_pdbx_struct_oper_list.symmetry_operation   x,y,z 
_pdbx_struct_oper_list.matrix[1][1]         1.0000000000 
_pdbx_struct_oper_list.matrix[1][2]         0.0000000000 
_pdbx_struct_oper_list.matrix[1][3]         0.0000000000 
_pdbx_struct_oper_list.vector[1]            0.0000000000 
_pdbx_struct_oper_list.matrix[2][1]         0.0000000000 
_pdbx_struct_oper_list.matrix[2][2]         1.0000000000 
_pdbx_struct_oper_list.matrix[2][3]         0.0000000000 
_pdbx_struct_oper_list.vector[2]            0.0000000000 
_pdbx_struct_oper_list.matrix[3][1]         0.0000000000 
_pdbx_struct_oper_list.matrix[3][2]         0.0000000000 
_pdbx_struct_oper_list.matrix[3][3]         1.0000000000 
_pdbx_struct_oper_list.vector[3]            0.0000000000 
# 
_struct_biol.id   1 
# 
loop_
_struct_conf.conf_type_id 
_struct_conf.id 
_struct_conf.pdbx_PDB_helix_id 
_struct_conf.beg_label_comp_id 
_struct_conf.beg_label_asym_id 
_struct_conf.beg_label_seq_id 
_struct_conf.pdbx_beg_PDB_ins_code 
_struct_conf.end_label_comp_id 
_struct_conf.end_label_asym_id 
_struct_conf.end_label_seq_id 
_struct_conf.pdbx_end_PDB_ins_code 
_struct_conf.beg_auth_comp_id 
_struct_conf.beg_auth_asym_id 
_struct_conf.beg_auth_seq_id 
_struct_conf.end_auth_comp_id 
_struct_conf.end_auth_asym_id 
_struct_conf.end_auth_seq_id 
_struct_conf.pdbx_PDB_helix_class 
_struct_conf.details 
_struct_conf.pdbx_PDB_helix_length 
HELX_P HELX_P1 1 GLU A 12  ? ASP A 26  ? GLU A 12  ASP A 26  1 ? 15 
HELX_P HELX_P2 2 SER A 35  ? ASN A 46  ? SER A 35  ASN A 46  1 ? 12 
HELX_P HELX_P3 3 SER A 63  ? THR A 75  ? SER A 63  THR A 75  1 ? 13 
HELX_P HELX_P4 4 ASP A 88  ? GLU A 98  ? ASP A 88  GLU A 98  1 ? 11 
HELX_P HELX_P5 5 THR A 109 ? MET A 128 ? THR A 109 MET A 128 1 ? 20 
# 
_struct_conf_type.id          HELX_P 
_struct_conf_type.criteria    ? 
_struct_conf_type.reference   ? 
# 
_struct_mon_prot_cis.pdbx_id                1 
_struct_mon_prot_cis.label_comp_id          LYS 
_struct_mon_prot_cis.label_seq_id           106 
_struct_mon_prot_cis.label_asym_id          A 
_struct_mon_prot_cis.label_alt_id           . 
_struct_mon_prot_cis.pdbx_PDB_ins_code      ? 
_struct_mon_prot_cis.auth_comp_id           LYS 
_struct_mon_prot_cis.auth_seq_id            106 
_struct_mon_prot_cis.auth_asym_id           A 
_struct_mon_prot_cis.pdbx_label_comp_id_2   PRO 
_struct_mon_prot_cis.pdbx_label_seq_id_2    107 
_struct_mon_prot_cis.pdbx_label_asym_id_2   A 
_struct_mon_prot_cis.pdbx_PDB_ins_code_2    ? 
_struct_mon_prot_cis.pdbx_auth_comp_id_2    PRO 
_struct_mon_prot_cis.pdbx_auth_seq_id_2     107 
_struct_mon_prot_cis.pdbx_auth_asym_id_2    A 
_struct_mon_prot_cis.pdbx_PDB_model_num     1 
_struct_mon_prot_cis.pdbx_omega_angle       -0.18 
# 
_struct_sheet.id               A 
_struct_sheet.type             ? 
_struct_sheet.number_strands   5 
_struct_sheet.details          ? 
# 
loop_
_struct_sheet_order.sheet_id 
_struct_sheet_order.range_id_1 
_struct_sheet_order.range_id_2 
_struct_sheet_order.offset 
_struct_sheet_order.sense 
A 1 2 ? parallel 
A 2 3 ? parallel 
A 3 4 ? parallel 
A 4 5 ? parallel 
# 
loop_
_struct_sheet_range.sheet_id 
_struct_sheet_range.id 
_struct_sheet_range.beg_label_comp_id 
_struct_sheet_range.beg_label_asym_id 
_struct_sheet_range.beg_label_seq_id 
_struct_sheet_range.pdbx_beg_PDB_ins_code 
_struct_sheet_range.end_label_comp_id 
_struct_sheet_range.end_label_asym_id 
_struct_sheet_range.end_label_seq_id 
_struct_sheet_range.pdbx_end_PDB_ins_code 
_struct_sheet_range.beg_auth_comp_id 
_struct_sheet_range.beg_auth_asym_id 
_struct_sheet_range.beg_auth_seq_id 
_struct_sheet_range.end_auth_comp_id 
_struct_sheet_range.end_auth_asym_id 
_struct_sheet_range.end_auth_seq_id 
A 1 GLU A 29  ? ALA A 33  ? GLU A 29  ALA A 33  
A 2 LYS A 5   ? ILE A 9   ? LYS A 5   ILE A 9   
A 3 VAL A 52  ? ASP A 56  ? VAL A 52  ASP A 56  
A 4 ALA A 79  ? THR A 84  ? ALA A 79  THR A 84  
A 5 GLU A 102 ? ARG A 105 ? GLU A 102 ARG A 105 
# 
loop_
_pdbx_struct_sheet_hbond.sheet_id 
_pdbx_struct_sheet_hbond.range_id_1 
_pdbx_struct_sheet_hbond.range_id_2 
_pdbx_struct_sheet_hbond.range_1_label_atom_id 
_pdbx_struct_sheet_hbond.range_1_label_comp_id 
_pdbx_struct_sheet_hbond.range_1_label_asym_id 
_pdbx_struct_sheet_hbond.range_1_label_seq_id 
_pdbx_struct_sheet_hbond.range_1_PDB_ins_code 
_pdbx_struct_sheet_hbond.range_1_auth_atom_id 
_pdbx_struct_sheet_hbond.range_1_auth_comp_id 
_pdbx_struct_sheet_hbond.range_1_auth_asym_id 
_pdbx_struct_sheet_hbond.range_1_auth_seq_id 
_pdbx_struct_sheet_hbond.range_2_label_atom_id 
_pdbx_struct_sheet_hbond.range_2_label_comp_id 
_pdbx_struct_sheet_hbond.range_2_label_asym_id 
_pdbx_struct_sheet_hbond.range_2_label_seq_id 
_pdbx_struct_sheet_hbond.range_2_PDB_ins_code 
_pdbx_struct_sheet_hbond.range_2_auth_atom_id 
_pdbx_struct_sheet_hbond.range_2_auth_comp_id 
_pdbx_struct_sheet_hbond.range_2_auth_asym_id 
_pdbx_struct_sheet_hbond.range_2_auth_seq_id 
A 1 2 O LEU A 31 ? O LEU A 31 N ILE A 6   ? N ILE A 6   
A 2 3 N LEU A 7  ? N LEU A 7  O ILE A 54  ? O ILE A 54  
A 3 4 N VAL A 53 ? N VAL A 53 O ILE A 81  ? O ILE A 81  
A 4 5 N ILE A 82 ? N ILE A 82 O LEU A 104 ? O LEU A 104 
# 
_pdbx_validate_torsion.id              1 
_pdbx_validate_torsion.PDB_model_num   1 
_pdbx_validate_torsion.auth_comp_id    LYS 
_pdbx_validate_torsion.auth_asym_id    A 
_pdbx_validate_torsion.auth_seq_id     61 
_pdbx_validate_torsion.PDB_ins_code    ? 
_pdbx_validate_torsion.label_alt_id    ? 
_pdbx_validate_torsion.phi             65.11 
_pdbx_validate_torsion.psi             -65.37 
# 
_pdbx_SG_project.id                    1 
_pdbx_SG_project.project_name          'PSI, Protein Structure Initiative' 
_pdbx_SG_project.full_name_of_center   'New York SGX Research Center for Structural Genomics' 
_pdbx_SG_project.initial_of_center     NYSGXRC 
# 
loop_
_pdbx_unobs_or_zero_occ_residues.id 
_pdbx_unobs_or_zero_occ_residues.PDB_model_num 
_pdbx_unobs_or_zero_occ_residues.polymer_flag 
_pdbx_unobs_or_zero_occ_residues.occupancy_flag 
_pdbx_unobs_or_zero_occ_residues.auth_asym_id 
_pdbx_unobs_or_zero_occ_residues.auth_comp_id 
_pdbx_unobs_or_zero_occ_residues.auth_seq_id 
_pdbx_unobs_or_zero_occ_residues.PDB_ins_code 
_pdbx_unobs_or_zero_occ_residues.label_asym_id 
_pdbx_unobs_or_zero_occ_residues.label_comp_id 
_pdbx_unobs_or_zero_occ_residues.label_seq_id 
1  1 Y 1 A MET 1   ? A MET 1   
2  1 Y 1 A SER 2   ? A SER 2   
3  1 Y 1 A GLU 129 ? A GLU 129 
4  1 Y 1 A ASN 130 ? A ASN 130 
5  1 Y 1 A GLU 131 ? A GLU 131 
6  1 Y 1 A ARG 132 ? A ARG 132 
7  1 Y 1 A MET 133 ? A MET 133 
8  1 Y 1 A THR 134 ? A THR 134 
9  1 Y 1 A GLN 135 ? A GLN 135 
10 1 Y 1 A GLU 136 ? A GLU 136 
11 1 Y 1 A GLY 137 ? A GLY 137 
12 1 Y 1 A HIS 138 ? A HIS 138 
13 1 Y 1 A HIS 139 ? A HIS 139 
14 1 Y 1 A HIS 140 ? A HIS 140 
15 1 Y 1 A HIS 141 ? A HIS 141 
16 1 Y 1 A HIS 142 ? A HIS 142 
17 1 Y 1 A HIS 143 ? A HIS 143 
# 
loop_
_chem_comp_atom.comp_id 
_chem_comp_atom.atom_id 
_chem_comp_atom.type_symbol 
_chem_comp_atom.pdbx_aromatic_flag 
_chem_comp_atom.pdbx_stereo_config 
_chem_comp_atom.pdbx_ordinal 
ALA N    N N N 1   
ALA CA   C N S 2   
ALA C    C N N 3   
ALA O    O N N 4   
ALA CB   C N N 5   
ALA OXT  O N N 6   
ALA H    H N N 7   
ALA H2   H N N 8   
ALA HA   H N N 9   
ALA HB1  H N N 10  
ALA HB2  H N N 11  
ALA HB3  H N N 12  
ALA HXT  H N N 13  
ARG N    N N N 14  
ARG CA   C N S 15  
ARG C    C N N 16  
ARG O    O N N 17  
ARG CB   C N N 18  
ARG CG   C N N 19  
ARG CD   C N N 20  
ARG NE   N N N 21  
ARG CZ   C N N 22  
ARG NH1  N N N 23  
ARG NH2  N N N 24  
ARG OXT  O N N 25  
ARG H    H N N 26  
ARG H2   H N N 27  
ARG HA   H N N 28  
ARG HB2  H N N 29  
ARG HB3  H N N 30  
ARG HG2  H N N 31  
ARG HG3  H N N 32  
ARG HD2  H N N 33  
ARG HD3  H N N 34  
ARG HE   H N N 35  
ARG HH11 H N N 36  
ARG HH12 H N N 37  
ARG HH21 H N N 38  
ARG HH22 H N N 39  
ARG HXT  H N N 40  
ASN N    N N N 41  
ASN CA   C N S 42  
ASN C    C N N 43  
ASN O    O N N 44  
ASN CB   C N N 45  
ASN CG   C N N 46  
ASN OD1  O N N 47  
ASN ND2  N N N 48  
ASN OXT  O N N 49  
ASN H    H N N 50  
ASN H2   H N N 51  
ASN HA   H N N 52  
ASN HB2  H N N 53  
ASN HB3  H N N 54  
ASN HD21 H N N 55  
ASN HD22 H N N 56  
ASN HXT  H N N 57  
ASP N    N N N 58  
ASP CA   C N S 59  
ASP C    C N N 60  
ASP O    O N N 61  
ASP CB   C N N 62  
ASP CG   C N N 63  
ASP OD1  O N N 64  
ASP OD2  O N N 65  
ASP OXT  O N N 66  
ASP H    H N N 67  
ASP H2   H N N 68  
ASP HA   H N N 69  
ASP HB2  H N N 70  
ASP HB3  H N N 71  
ASP HD2  H N N 72  
ASP HXT  H N N 73  
CYS N    N N N 74  
CYS CA   C N R 75  
CYS C    C N N 76  
CYS O    O N N 77  
CYS CB   C N N 78  
CYS SG   S N N 79  
CYS OXT  O N N 80  
CYS H    H N N 81  
CYS H2   H N N 82  
CYS HA   H N N 83  
CYS HB2  H N N 84  
CYS HB3  H N N 85  
CYS HG   H N N 86  
CYS HXT  H N N 87  
GLN N    N N N 88  
GLN CA   C N S 89  
GLN C    C N N 90  
GLN O    O N N 91  
GLN CB   C N N 92  
GLN CG   C N N 93  
GLN CD   C N N 94  
GLN OE1  O N N 95  
GLN NE2  N N N 96  
GLN OXT  O N N 97  
GLN H    H N N 98  
GLN H2   H N N 99  
GLN HA   H N N 100 
GLN HB2  H N N 101 
GLN HB3  H N N 102 
GLN HG2  H N N 103 
GLN HG3  H N N 104 
GLN HE21 H N N 105 
GLN HE22 H N N 106 
GLN HXT  H N N 107 
GLU N    N N N 108 
GLU CA   C N S 109 
GLU C    C N N 110 
GLU O    O N N 111 
GLU CB   C N N 112 
GLU CG   C N N 113 
GLU CD   C N N 114 
GLU OE1  O N N 115 
GLU OE2  O N N 116 
GLU OXT  O N N 117 
GLU H    H N N 118 
GLU H2   H N N 119 
GLU HA   H N N 120 
GLU HB2  H N N 121 
GLU HB3  H N N 122 
GLU HG2  H N N 123 
GLU HG3  H N N 124 
GLU HE2  H N N 125 
GLU HXT  H N N 126 
GLY N    N N N 127 
GLY CA   C N N 128 
GLY C    C N N 129 
GLY O    O N N 130 
GLY OXT  O N N 131 
GLY H    H N N 132 
GLY H2   H N N 133 
GLY HA2  H N N 134 
GLY HA3  H N N 135 
GLY HXT  H N N 136 
HIS N    N N N 137 
HIS CA   C N S 138 
HIS C    C N N 139 
HIS O    O N N 140 
HIS CB   C N N 141 
HIS CG   C Y N 142 
HIS ND1  N Y N 143 
HIS CD2  C Y N 144 
HIS CE1  C Y N 145 
HIS NE2  N Y N 146 
HIS OXT  O N N 147 
HIS H    H N N 148 
HIS H2   H N N 149 
HIS HA   H N N 150 
HIS HB2  H N N 151 
HIS HB3  H N N 152 
HIS HD1  H N N 153 
HIS HD2  H N N 154 
HIS HE1  H N N 155 
HIS HE2  H N N 156 
HIS HXT  H N N 157 
HOH O    O N N 158 
HOH H1   H N N 159 
HOH H2   H N N 160 
ILE N    N N N 161 
ILE CA   C N S 162 
ILE C    C N N 163 
ILE O    O N N 164 
ILE CB   C N S 165 
ILE CG1  C N N 166 
ILE CG2  C N N 167 
ILE CD1  C N N 168 
ILE OXT  O N N 169 
ILE H    H N N 170 
ILE H2   H N N 171 
ILE HA   H N N 172 
ILE HB   H N N 173 
ILE HG12 H N N 174 
ILE HG13 H N N 175 
ILE HG21 H N N 176 
ILE HG22 H N N 177 
ILE HG23 H N N 178 
ILE HD11 H N N 179 
ILE HD12 H N N 180 
ILE HD13 H N N 181 
ILE HXT  H N N 182 
LEU N    N N N 183 
LEU CA   C N S 184 
LEU C    C N N 185 
LEU O    O N N 186 
LEU CB   C N N 187 
LEU CG   C N N 188 
LEU CD1  C N N 189 
LEU CD2  C N N 190 
LEU OXT  O N N 191 
LEU H    H N N 192 
LEU H2   H N N 193 
LEU HA   H N N 194 
LEU HB2  H N N 195 
LEU HB3  H N N 196 
LEU HG   H N N 197 
LEU HD11 H N N 198 
LEU HD12 H N N 199 
LEU HD13 H N N 200 
LEU HD21 H N N 201 
LEU HD22 H N N 202 
LEU HD23 H N N 203 
LEU HXT  H N N 204 
LYS N    N N N 205 
LYS CA   C N S 206 
LYS C    C N N 207 
LYS O    O N N 208 
LYS CB   C N N 209 
LYS CG   C N N 210 
LYS CD   C N N 211 
LYS CE   C N N 212 
LYS NZ   N N N 213 
LYS OXT  O N N 214 
LYS H    H N N 215 
LYS H2   H N N 216 
LYS HA   H N N 217 
LYS HB2  H N N 218 
LYS HB3  H N N 219 
LYS HG2  H N N 220 
LYS HG3  H N N 221 
LYS HD2  H N N 222 
LYS HD3  H N N 223 
LYS HE2  H N N 224 
LYS HE3  H N N 225 
LYS HZ1  H N N 226 
LYS HZ2  H N N 227 
LYS HZ3  H N N 228 
LYS HXT  H N N 229 
MET N    N N N 230 
MET CA   C N S 231 
MET C    C N N 232 
MET O    O N N 233 
MET CB   C N N 234 
MET CG   C N N 235 
MET SD   S N N 236 
MET CE   C N N 237 
MET OXT  O N N 238 
MET H    H N N 239 
MET H2   H N N 240 
MET HA   H N N 241 
MET HB2  H N N 242 
MET HB3  H N N 243 
MET HG2  H N N 244 
MET HG3  H N N 245 
MET HE1  H N N 246 
MET HE2  H N N 247 
MET HE3  H N N 248 
MET HXT  H N N 249 
PHE N    N N N 250 
PHE CA   C N S 251 
PHE C    C N N 252 
PHE O    O N N 253 
PHE CB   C N N 254 
PHE CG   C Y N 255 
PHE CD1  C Y N 256 
PHE CD2  C Y N 257 
PHE CE1  C Y N 258 
PHE CE2  C Y N 259 
PHE CZ   C Y N 260 
PHE OXT  O N N 261 
PHE H    H N N 262 
PHE H2   H N N 263 
PHE HA   H N N 264 
PHE HB2  H N N 265 
PHE HB3  H N N 266 
PHE HD1  H N N 267 
PHE HD2  H N N 268 
PHE HE1  H N N 269 
PHE HE2  H N N 270 
PHE HZ   H N N 271 
PHE HXT  H N N 272 
PRO N    N N N 273 
PRO CA   C N S 274 
PRO C    C N N 275 
PRO O    O N N 276 
PRO CB   C N N 277 
PRO CG   C N N 278 
PRO CD   C N N 279 
PRO OXT  O N N 280 
PRO H    H N N 281 
PRO HA   H N N 282 
PRO HB2  H N N 283 
PRO HB3  H N N 284 
PRO HG2  H N N 285 
PRO HG3  H N N 286 
PRO HD2  H N N 287 
PRO HD3  H N N 288 
PRO HXT  H N N 289 
SER N    N N N 290 
SER CA   C N S 291 
SER C    C N N 292 
SER O    O N N 293 
SER CB   C N N 294 
SER OG   O N N 295 
SER OXT  O N N 296 
SER H    H N N 297 
SER H2   H N N 298 
SER HA   H N N 299 
SER HB2  H N N 300 
SER HB3  H N N 301 
SER HG   H N N 302 
SER HXT  H N N 303 
THR N    N N N 304 
THR CA   C N S 305 
THR C    C N N 306 
THR O    O N N 307 
THR CB   C N R 308 
THR OG1  O N N 309 
THR CG2  C N N 310 
THR OXT  O N N 311 
THR H    H N N 312 
THR H2   H N N 313 
THR HA   H N N 314 
THR HB   H N N 315 
THR HG1  H N N 316 
THR HG21 H N N 317 
THR HG22 H N N 318 
THR HG23 H N N 319 
THR HXT  H N N 320 
TYR N    N N N 321 
TYR CA   C N S 322 
TYR C    C N N 323 
TYR O    O N N 324 
TYR CB   C N N 325 
TYR CG   C Y N 326 
TYR CD1  C Y N 327 
TYR CD2  C Y N 328 
TYR CE1  C Y N 329 
TYR CE2  C Y N 330 
TYR CZ   C Y N 331 
TYR OH   O N N 332 
TYR OXT  O N N 333 
TYR H    H N N 334 
TYR H2   H N N 335 
TYR HA   H N N 336 
TYR HB2  H N N 337 
TYR HB3  H N N 338 
TYR HD1  H N N 339 
TYR HD2  H N N 340 
TYR HE1  H N N 341 
TYR HE2  H N N 342 
TYR HH   H N N 343 
TYR HXT  H N N 344 
VAL N    N N N 345 
VAL CA   C N S 346 
VAL C    C N N 347 
VAL O    O N N 348 
VAL CB   C N N 349 
VAL CG1  C N N 350 
VAL CG2  C N N 351 
VAL OXT  O N N 352 
VAL H    H N N 353 
VAL H2   H N N 354 
VAL HA   H N N 355 
VAL HB   H N N 356 
VAL HG11 H N N 357 
VAL HG12 H N N 358 
VAL HG13 H N N 359 
VAL HG21 H N N 360 
VAL HG22 H N N 361 
VAL HG23 H N N 362 
VAL HXT  H N N 363 
# 
loop_
_chem_comp_bond.comp_id 
_chem_comp_bond.atom_id_1 
_chem_comp_bond.atom_id_2 
_chem_comp_bond.value_order 
_chem_comp_bond.pdbx_aromatic_flag 
_chem_comp_bond.pdbx_stereo_config 
_chem_comp_bond.pdbx_ordinal 
ALA N   CA   sing N N 1   
ALA N   H    sing N N 2   
ALA N   H2   sing N N 3   
ALA CA  C    sing N N 4   
ALA CA  CB   sing N N 5   
ALA CA  HA   sing N N 6   
ALA C   O    doub N N 7   
ALA C   OXT  sing N N 8   
ALA CB  HB1  sing N N 9   
ALA CB  HB2  sing N N 10  
ALA CB  HB3  sing N N 11  
ALA OXT HXT  sing N N 12  
ARG N   CA   sing N N 13  
ARG N   H    sing N N 14  
ARG N   H2   sing N N 15  
ARG CA  C    sing N N 16  
ARG CA  CB   sing N N 17  
ARG CA  HA   sing N N 18  
ARG C   O    doub N N 19  
ARG C   OXT  sing N N 20  
ARG CB  CG   sing N N 21  
ARG CB  HB2  sing N N 22  
ARG CB  HB3  sing N N 23  
ARG CG  CD   sing N N 24  
ARG CG  HG2  sing N N 25  
ARG CG  HG3  sing N N 26  
ARG CD  NE   sing N N 27  
ARG CD  HD2  sing N N 28  
ARG CD  HD3  sing N N 29  
ARG NE  CZ   sing N N 30  
ARG NE  HE   sing N N 31  
ARG CZ  NH1  sing N N 32  
ARG CZ  NH2  doub N N 33  
ARG NH1 HH11 sing N N 34  
ARG NH1 HH12 sing N N 35  
ARG NH2 HH21 sing N N 36  
ARG NH2 HH22 sing N N 37  
ARG OXT HXT  sing N N 38  
ASN N   CA   sing N N 39  
ASN N   H    sing N N 40  
ASN N   H2   sing N N 41  
ASN CA  C    sing N N 42  
ASN CA  CB   sing N N 43  
ASN CA  HA   sing N N 44  
ASN C   O    doub N N 45  
ASN C   OXT  sing N N 46  
ASN CB  CG   sing N N 47  
ASN CB  HB2  sing N N 48  
ASN CB  HB3  sing N N 49  
ASN CG  OD1  doub N N 50  
ASN CG  ND2  sing N N 51  
ASN ND2 HD21 sing N N 52  
ASN ND2 HD22 sing N N 53  
ASN OXT HXT  sing N N 54  
ASP N   CA   sing N N 55  
ASP N   H    sing N N 56  
ASP N   H2   sing N N 57  
ASP CA  C    sing N N 58  
ASP CA  CB   sing N N 59  
ASP CA  HA   sing N N 60  
ASP C   O    doub N N 61  
ASP C   OXT  sing N N 62  
ASP CB  CG   sing N N 63  
ASP CB  HB2  sing N N 64  
ASP CB  HB3  sing N N 65  
ASP CG  OD1  doub N N 66  
ASP CG  OD2  sing N N 67  
ASP OD2 HD2  sing N N 68  
ASP OXT HXT  sing N N 69  
CYS N   CA   sing N N 70  
CYS N   H    sing N N 71  
CYS N   H2   sing N N 72  
CYS CA  C    sing N N 73  
CYS CA  CB   sing N N 74  
CYS CA  HA   sing N N 75  
CYS C   O    doub N N 76  
CYS C   OXT  sing N N 77  
CYS CB  SG   sing N N 78  
CYS CB  HB2  sing N N 79  
CYS CB  HB3  sing N N 80  
CYS SG  HG   sing N N 81  
CYS OXT HXT  sing N N 82  
GLN N   CA   sing N N 83  
GLN N   H    sing N N 84  
GLN N   H2   sing N N 85  
GLN CA  C    sing N N 86  
GLN CA  CB   sing N N 87  
GLN CA  HA   sing N N 88  
GLN C   O    doub N N 89  
GLN C   OXT  sing N N 90  
GLN CB  CG   sing N N 91  
GLN CB  HB2  sing N N 92  
GLN CB  HB3  sing N N 93  
GLN CG  CD   sing N N 94  
GLN CG  HG2  sing N N 95  
GLN CG  HG3  sing N N 96  
GLN CD  OE1  doub N N 97  
GLN CD  NE2  sing N N 98  
GLN NE2 HE21 sing N N 99  
GLN NE2 HE22 sing N N 100 
GLN OXT HXT  sing N N 101 
GLU N   CA   sing N N 102 
GLU N   H    sing N N 103 
GLU N   H2   sing N N 104 
GLU CA  C    sing N N 105 
GLU CA  CB   sing N N 106 
GLU CA  HA   sing N N 107 
GLU C   O    doub N N 108 
GLU C   OXT  sing N N 109 
GLU CB  CG   sing N N 110 
GLU CB  HB2  sing N N 111 
GLU CB  HB3  sing N N 112 
GLU CG  CD   sing N N 113 
GLU CG  HG2  sing N N 114 
GLU CG  HG3  sing N N 115 
GLU CD  OE1  doub N N 116 
GLU CD  OE2  sing N N 117 
GLU OE2 HE2  sing N N 118 
GLU OXT HXT  sing N N 119 
GLY N   CA   sing N N 120 
GLY N   H    sing N N 121 
GLY N   H2   sing N N 122 
GLY CA  C    sing N N 123 
GLY CA  HA2  sing N N 124 
GLY CA  HA3  sing N N 125 
GLY C   O    doub N N 126 
GLY C   OXT  sing N N 127 
GLY OXT HXT  sing N N 128 
HIS N   CA   sing N N 129 
HIS N   H    sing N N 130 
HIS N   H2   sing N N 131 
HIS CA  C    sing N N 132 
HIS CA  CB   sing N N 133 
HIS CA  HA   sing N N 134 
HIS C   O    doub N N 135 
HIS C   OXT  sing N N 136 
HIS CB  CG   sing N N 137 
HIS CB  HB2  sing N N 138 
HIS CB  HB3  sing N N 139 
HIS CG  ND1  sing Y N 140 
HIS CG  CD2  doub Y N 141 
HIS ND1 CE1  doub Y N 142 
HIS ND1 HD1  sing N N 143 
HIS CD2 NE2  sing Y N 144 
HIS CD2 HD2  sing N N 145 
HIS CE1 NE2  sing Y N 146 
HIS CE1 HE1  sing N N 147 
HIS NE2 HE2  sing N N 148 
HIS OXT HXT  sing N N 149 
HOH O   H1   sing N N 150 
HOH O   H2   sing N N 151 
ILE N   CA   sing N N 152 
ILE N   H    sing N N 153 
ILE N   H2   sing N N 154 
ILE CA  C    sing N N 155 
ILE CA  CB   sing N N 156 
ILE CA  HA   sing N N 157 
ILE C   O    doub N N 158 
ILE C   OXT  sing N N 159 
ILE CB  CG1  sing N N 160 
ILE CB  CG2  sing N N 161 
ILE CB  HB   sing N N 162 
ILE CG1 CD1  sing N N 163 
ILE CG1 HG12 sing N N 164 
ILE CG1 HG13 sing N N 165 
ILE CG2 HG21 sing N N 166 
ILE CG2 HG22 sing N N 167 
ILE CG2 HG23 sing N N 168 
ILE CD1 HD11 sing N N 169 
ILE CD1 HD12 sing N N 170 
ILE CD1 HD13 sing N N 171 
ILE OXT HXT  sing N N 172 
LEU N   CA   sing N N 173 
LEU N   H    sing N N 174 
LEU N   H2   sing N N 175 
LEU CA  C    sing N N 176 
LEU CA  CB   sing N N 177 
LEU CA  HA   sing N N 178 
LEU C   O    doub N N 179 
LEU C   OXT  sing N N 180 
LEU CB  CG   sing N N 181 
LEU CB  HB2  sing N N 182 
LEU CB  HB3  sing N N 183 
LEU CG  CD1  sing N N 184 
LEU CG  CD2  sing N N 185 
LEU CG  HG   sing N N 186 
LEU CD1 HD11 sing N N 187 
LEU CD1 HD12 sing N N 188 
LEU CD1 HD13 sing N N 189 
LEU CD2 HD21 sing N N 190 
LEU CD2 HD22 sing N N 191 
LEU CD2 HD23 sing N N 192 
LEU OXT HXT  sing N N 193 
LYS N   CA   sing N N 194 
LYS N   H    sing N N 195 
LYS N   H2   sing N N 196 
LYS CA  C    sing N N 197 
LYS CA  CB   sing N N 198 
LYS CA  HA   sing N N 199 
LYS C   O    doub N N 200 
LYS C   OXT  sing N N 201 
LYS CB  CG   sing N N 202 
LYS CB  HB2  sing N N 203 
LYS CB  HB3  sing N N 204 
LYS CG  CD   sing N N 205 
LYS CG  HG2  sing N N 206 
LYS CG  HG3  sing N N 207 
LYS CD  CE   sing N N 208 
LYS CD  HD2  sing N N 209 
LYS CD  HD3  sing N N 210 
LYS CE  NZ   sing N N 211 
LYS CE  HE2  sing N N 212 
LYS CE  HE3  sing N N 213 
LYS NZ  HZ1  sing N N 214 
LYS NZ  HZ2  sing N N 215 
LYS NZ  HZ3  sing N N 216 
LYS OXT HXT  sing N N 217 
MET N   CA   sing N N 218 
MET N   H    sing N N 219 
MET N   H2   sing N N 220 
MET CA  C    sing N N 221 
MET CA  CB   sing N N 222 
MET CA  HA   sing N N 223 
MET C   O    doub N N 224 
MET C   OXT  sing N N 225 
MET CB  CG   sing N N 226 
MET CB  HB2  sing N N 227 
MET CB  HB3  sing N N 228 
MET CG  SD   sing N N 229 
MET CG  HG2  sing N N 230 
MET CG  HG3  sing N N 231 
MET SD  CE   sing N N 232 
MET CE  HE1  sing N N 233 
MET CE  HE2  sing N N 234 
MET CE  HE3  sing N N 235 
MET OXT HXT  sing N N 236 
PHE N   CA   sing N N 237 
PHE N   H    sing N N 238 
PHE N   H2   sing N N 239 
PHE CA  C    sing N N 240 
PHE CA  CB   sing N N 241 
PHE CA  HA   sing N N 242 
PHE C   O    doub N N 243 
PHE C   OXT  sing N N 244 
PHE CB  CG   sing N N 245 
PHE CB  HB2  sing N N 246 
PHE CB  HB3  sing N N 247 
PHE CG  CD1  doub Y N 248 
PHE CG  CD2  sing Y N 249 
PHE CD1 CE1  sing Y N 250 
PHE CD1 HD1  sing N N 251 
PHE CD2 CE2  doub Y N 252 
PHE CD2 HD2  sing N N 253 
PHE CE1 CZ   doub Y N 254 
PHE CE1 HE1  sing N N 255 
PHE CE2 CZ   sing Y N 256 
PHE CE2 HE2  sing N N 257 
PHE CZ  HZ   sing N N 258 
PHE OXT HXT  sing N N 259 
PRO N   CA   sing N N 260 
PRO N   CD   sing N N 261 
PRO N   H    sing N N 262 
PRO CA  C    sing N N 263 
PRO CA  CB   sing N N 264 
PRO CA  HA   sing N N 265 
PRO C   O    doub N N 266 
PRO C   OXT  sing N N 267 
PRO CB  CG   sing N N 268 
PRO CB  HB2  sing N N 269 
PRO CB  HB3  sing N N 270 
PRO CG  CD   sing N N 271 
PRO CG  HG2  sing N N 272 
PRO CG  HG3  sing N N 273 
PRO CD  HD2  sing N N 274 
PRO CD  HD3  sing N N 275 
PRO OXT HXT  sing N N 276 
SER N   CA   sing N N 277 
SER N   H    sing N N 278 
SER N   H2   sing N N 279 
SER CA  C    sing N N 280 
SER CA  CB   sing N N 281 
SER CA  HA   sing N N 282 
SER C   O    doub N N 283 
SER C   OXT  sing N N 284 
SER CB  OG   sing N N 285 
SER CB  HB2  sing N N 286 
SER CB  HB3  sing N N 287 
SER OG  HG   sing N N 288 
SER OXT HXT  sing N N 289 
THR N   CA   sing N N 290 
THR N   H    sing N N 291 
THR N   H2   sing N N 292 
THR CA  C    sing N N 293 
THR CA  CB   sing N N 294 
THR CA  HA   sing N N 295 
THR C   O    doub N N 296 
THR C   OXT  sing N N 297 
THR CB  OG1  sing N N 298 
THR CB  CG2  sing N N 299 
THR CB  HB   sing N N 300 
THR OG1 HG1  sing N N 301 
THR CG2 HG21 sing N N 302 
THR CG2 HG22 sing N N 303 
THR CG2 HG23 sing N N 304 
THR OXT HXT  sing N N 305 
TYR N   CA   sing N N 306 
TYR N   H    sing N N 307 
TYR N   H2   sing N N 308 
TYR CA  C    sing N N 309 
TYR CA  CB   sing N N 310 
TYR CA  HA   sing N N 311 
TYR C   O    doub N N 312 
TYR C   OXT  sing N N 313 
TYR CB  CG   sing N N 314 
TYR CB  HB2  sing N N 315 
TYR CB  HB3  sing N N 316 
TYR CG  CD1  doub Y N 317 
TYR CG  CD2  sing Y N 318 
TYR CD1 CE1  sing Y N 319 
TYR CD1 HD1  sing N N 320 
TYR CD2 CE2  doub Y N 321 
TYR CD2 HD2  sing N N 322 
TYR CE1 CZ   doub Y N 323 
TYR CE1 HE1  sing N N 324 
TYR CE2 CZ   sing Y N 325 
TYR CE2 HE2  sing N N 326 
TYR CZ  OH   sing N N 327 
TYR OH  HH   sing N N 328 
TYR OXT HXT  sing N N 329 
VAL N   CA   sing N N 330 
VAL N   H    sing N N 331 
VAL N   H2   sing N N 332 
VAL CA  C    sing N N 333 
VAL CA  CB   sing N N 334 
VAL CA  HA   sing N N 335 
VAL C   O    doub N N 336 
VAL C   OXT  sing N N 337 
VAL CB  CG1  sing N N 338 
VAL CB  CG2  sing N N 339 
VAL CB  HB   sing N N 340 
VAL CG1 HG11 sing N N 341 
VAL CG1 HG12 sing N N 342 
VAL CG1 HG13 sing N N 343 
VAL CG2 HG21 sing N N 344 
VAL CG2 HG22 sing N N 345 
VAL CG2 HG23 sing N N 346 
VAL OXT HXT  sing N N 347 
# 
_atom_sites.entry_id                    3JTE 
_atom_sites.fract_transf_matrix[1][1]   -0.01002982 
_atom_sites.fract_transf_matrix[1][2]   0.00041407 
_atom_sites.fract_transf_matrix[1][3]   -0.00121813 
_atom_sites.fract_transf_matrix[2][1]   -0.00010226 
_atom_sites.fract_transf_matrix[2][2]   -0.00980026 
_atom_sites.fract_transf_matrix[2][3]   -0.00248936 
_atom_sites.fract_transf_matrix[3][1]   -0.00146287 
_atom_sites.fract_transf_matrix[3][2]   -0.00280230 
_atom_sites.fract_transf_matrix[3][3]   0.01109235 
_atom_sites.fract_transf_vector[1]      0.371978 
_atom_sites.fract_transf_vector[2]      0.319508 
_atom_sites.fract_transf_vector[3]      0.157752 
# 
loop_
_atom_type.symbol 
C 
N 
O 
S 
# 
loop_
_atom_site.group_PDB 
_atom_site.id 
_atom_site.type_symbol 
_atom_site.label_atom_id 
_atom_site.label_alt_id 
_atom_site.label_comp_id 
_atom_site.label_asym_id 
_atom_site.label_entity_id 
_atom_site.label_seq_id 
_atom_site.pdbx_PDB_ins_code 
_atom_site.Cartn_x 
_atom_site.Cartn_y 
_atom_site.Cartn_z 
_atom_site.occupancy 
_atom_site.B_iso_or_equiv 
_atom_site.pdbx_formal_charge 
_atom_site.auth_seq_id 
_atom_site.auth_comp_id 
_atom_site.auth_asym_id 
_atom_site.auth_atom_id 
_atom_site.pdbx_PDB_model_num 
ATOM   1    N N   . LEU A 1 3   ? 4.356   -17.154 -1.262  1.00 30.37 ? 3   LEU A N   1 
ATOM   2    C CA  . LEU A 1 3   ? 3.265   -16.238 -1.710  1.00 30.47 ? 3   LEU A CA  1 
ATOM   3    C C   . LEU A 1 3   ? 3.695   -14.789 -1.525  1.00 31.43 ? 3   LEU A C   1 
ATOM   4    O O   . LEU A 1 3   ? 4.643   -14.503 -0.793  1.00 31.06 ? 3   LEU A O   1 
ATOM   5    C CB  . LEU A 1 3   ? 1.988   -16.499 -0.903  1.00 31.60 ? 3   LEU A CB  1 
ATOM   6    C CG  . LEU A 1 3   ? 1.424   -17.924 -0.961  1.00 33.12 ? 3   LEU A CG  1 
ATOM   7    C CD1 . LEU A 1 3   ? 0.150   -18.003 -0.133  1.00 36.00 ? 3   LEU A CD1 1 
ATOM   8    C CD2 . LEU A 1 3   ? 1.138   -18.313 -2.403  1.00 32.04 ? 3   LEU A CD2 1 
ATOM   9    N N   . ALA A 1 4   ? 2.996   -13.874 -2.187  1.00 30.23 ? 4   ALA A N   1 
ATOM   10   C CA  . ALA A 1 4   ? 3.321   -12.461 -2.066  1.00 31.14 ? 4   ALA A CA  1 
ATOM   11   C C   . ALA A 1 4   ? 2.970   -11.998 -0.655  1.00 31.90 ? 4   ALA A C   1 
ATOM   12   O O   . ALA A 1 4   ? 2.014   -12.489 -0.050  1.00 32.02 ? 4   ALA A O   1 
ATOM   13   C CB  . ALA A 1 4   ? 2.533   -11.650 -3.092  1.00 29.18 ? 4   ALA A CB  1 
ATOM   14   N N   . LYS A 1 5   ? 3.752   -11.069 -0.123  1.00 32.35 ? 5   LYS A N   1 
ATOM   15   C CA  . LYS A 1 5   ? 3.483   -10.539 1.207   1.00 32.14 ? 5   LYS A CA  1 
ATOM   16   C C   . LYS A 1 5   ? 3.103   -9.077  1.051   1.00 31.12 ? 5   LYS A C   1 
ATOM   17   O O   . LYS A 1 5   ? 3.853   -8.284  0.478   1.00 30.40 ? 5   LYS A O   1 
ATOM   18   C CB  . LYS A 1 5   ? 4.704   -10.672 2.115   1.00 36.49 ? 5   LYS A CB  1 
ATOM   19   C CG  . LYS A 1 5   ? 4.445   -10.147 3.522   1.00 38.90 ? 5   LYS A CG  1 
ATOM   20   C CD  . LYS A 1 5   ? 5.344   -10.813 4.546   1.00 44.36 ? 5   LYS A CD  1 
ATOM   21   C CE  . LYS A 1 5   ? 6.798   -10.456 4.348   1.00 46.18 ? 5   LYS A CE  1 
ATOM   22   N NZ  . LYS A 1 5   ? 7.646   -11.185 5.341   1.00 48.32 ? 5   LYS A NZ  1 
ATOM   23   N N   . ILE A 1 6   ? 1.926   -8.731  1.559   1.00 30.13 ? 6   ILE A N   1 
ATOM   24   C CA  . ILE A 1 6   ? 1.411   -7.378  1.446   1.00 29.93 ? 6   ILE A CA  1 
ATOM   25   C C   . ILE A 1 6   ? 1.236   -6.721  2.810   1.00 29.68 ? 6   ILE A C   1 
ATOM   26   O O   . ILE A 1 6   ? 0.718   -7.341  3.739   1.00 30.85 ? 6   ILE A O   1 
ATOM   27   C CB  . ILE A 1 6   ? 0.018   -7.378  0.765   1.00 29.76 ? 6   ILE A CB  1 
ATOM   28   C CG1 . ILE A 1 6   ? 0.002   -8.320  -0.449  1.00 28.86 ? 6   ILE A CG1 1 
ATOM   29   C CG2 . ILE A 1 6   ? -0.378  -5.955  0.389   1.00 29.88 ? 6   ILE A CG2 1 
ATOM   30   C CD1 . ILE A 1 6   ? 0.934   -7.945  -1.578  1.00 30.20 ? 6   ILE A CD1 1 
ATOM   31   N N   . LEU A 1 7   ? 1.669   -5.469  2.922   1.00 28.70 ? 7   LEU A N   1 
ATOM   32   C CA  . LEU A 1 7   ? 1.499   -4.700  4.153   1.00 29.39 ? 7   LEU A CA  1 
ATOM   33   C C   . LEU A 1 7   ? 0.352   -3.722  3.892   1.00 27.82 ? 7   LEU A C   1 
ATOM   34   O O   . LEU A 1 7   ? 0.396   -2.947  2.933   1.00 27.34 ? 7   LEU A O   1 
ATOM   35   C CB  . LEU A 1 7   ? 2.772   -3.917  4.503   1.00 30.66 ? 7   LEU A CB  1 
ATOM   36   C CG  . LEU A 1 7   ? 2.619   -2.863  5.619   1.00 32.59 ? 7   LEU A CG  1 
ATOM   37   C CD1 . LEU A 1 7   ? 2.101   -3.512  6.904   1.00 31.90 ? 7   LEU A CD1 1 
ATOM   38   C CD2 . LEU A 1 7   ? 3.955   -2.176  5.860   1.00 32.51 ? 7   LEU A CD2 1 
ATOM   39   N N   . VAL A 1 8   ? -0.682  -3.771  4.723   1.00 27.61 ? 8   VAL A N   1 
ATOM   40   C CA  . VAL A 1 8   ? -1.819  -2.871  4.554   1.00 28.97 ? 8   VAL A CA  1 
ATOM   41   C C   . VAL A 1 8   ? -1.913  -1.917  5.739   1.00 30.46 ? 8   VAL A C   1 
ATOM   42   O O   . VAL A 1 8   ? -1.877  -2.346  6.896   1.00 31.09 ? 8   VAL A O   1 
ATOM   43   C CB  . VAL A 1 8   ? -3.149  -3.647  4.435   1.00 28.03 ? 8   VAL A CB  1 
ATOM   44   C CG1 . VAL A 1 8   ? -4.287  -2.677  4.119   1.00 27.21 ? 8   VAL A CG1 1 
ATOM   45   C CG2 . VAL A 1 8   ? -3.034  -4.710  3.345   1.00 28.45 ? 8   VAL A CG2 1 
ATOM   46   N N   . ILE A 1 9   ? -2.041  -0.629  5.434   1.00 30.93 ? 9   ILE A N   1 
ATOM   47   C CA  . ILE A 1 9   ? -2.115  0.417   6.450   1.00 32.35 ? 9   ILE A CA  1 
ATOM   48   C C   . ILE A 1 9   ? -3.426  1.210   6.395   1.00 33.49 ? 9   ILE A C   1 
ATOM   49   O O   . ILE A 1 9   ? -3.734  1.856   5.392   1.00 33.55 ? 9   ILE A O   1 
ATOM   50   C CB  . ILE A 1 9   ? -0.934  1.402   6.287   1.00 31.74 ? 9   ILE A CB  1 
ATOM   51   C CG1 . ILE A 1 9   ? 0.388   0.631   6.342   1.00 33.06 ? 9   ILE A CG1 1 
ATOM   52   C CG2 . ILE A 1 9   ? -0.981  2.480   7.368   1.00 30.73 ? 9   ILE A CG2 1 
ATOM   53   C CD1 . ILE A 1 9   ? 1.601   1.470   5.997   1.00 33.90 ? 9   ILE A CD1 1 
ATOM   54   N N   . ASP A 1 10  ? -4.191  1.148   7.482   1.00 34.04 ? 10  ASP A N   1 
ATOM   55   C CA  . ASP A 1 10  ? -5.455  1.868   7.594   1.00 36.03 ? 10  ASP A CA  1 
ATOM   56   C C   . ASP A 1 10  ? -5.784  1.996   9.079   1.00 36.48 ? 10  ASP A C   1 
ATOM   57   O O   . ASP A 1 10  ? -5.630  1.033   9.832   1.00 35.29 ? 10  ASP A O   1 
ATOM   58   C CB  . ASP A 1 10  ? -6.582  1.119   6.878   1.00 37.25 ? 10  ASP A CB  1 
ATOM   59   C CG  . ASP A 1 10  ? -7.835  1.966   6.721   1.00 41.30 ? 10  ASP A CG  1 
ATOM   60   O OD1 . ASP A 1 10  ? -8.436  2.363   7.742   1.00 42.80 ? 10  ASP A OD1 1 
ATOM   61   O OD2 . ASP A 1 10  ? -8.223  2.244   5.569   1.00 46.58 ? 10  ASP A OD2 1 
ATOM   62   N N   . ASP A 1 11  ? -6.240  3.175   9.493   1.00 38.31 ? 11  ASP A N   1 
ATOM   63   C CA  . ASP A 1 11  ? -6.562  3.401   10.900  1.00 41.40 ? 11  ASP A CA  1 
ATOM   64   C C   . ASP A 1 11  ? -7.948  2.916   11.309  1.00 42.49 ? 11  ASP A C   1 
ATOM   65   O O   . ASP A 1 11  ? -8.363  3.097   12.458  1.00 42.66 ? 11  ASP A O   1 
ATOM   66   C CB  . ASP A 1 11  ? -6.400  4.882   11.262  1.00 42.89 ? 11  ASP A CB  1 
ATOM   67   C CG  . ASP A 1 11  ? -7.317  5.787   10.470  1.00 45.96 ? 11  ASP A CG  1 
ATOM   68   O OD1 . ASP A 1 11  ? -7.425  6.977   10.835  1.00 49.10 ? 11  ASP A OD1 1 
ATOM   69   O OD2 . ASP A 1 11  ? -7.925  5.323   9.483   1.00 48.32 ? 11  ASP A OD2 1 
ATOM   70   N N   . GLU A 1 12  ? -8.668  2.303   10.375  1.00 42.04 ? 12  GLU A N   1 
ATOM   71   C CA  . GLU A 1 12  ? -9.991  1.774   10.678  1.00 43.65 ? 12  GLU A CA  1 
ATOM   72   C C   . GLU A 1 12  ? -9.940  0.250   10.725  1.00 44.08 ? 12  GLU A C   1 
ATOM   73   O O   . GLU A 1 12  ? -9.893  -0.420  9.689   1.00 40.82 ? 12  GLU A O   1 
ATOM   74   C CB  . GLU A 1 12  ? -11.005 2.261   9.640   1.00 45.91 ? 12  GLU A CB  1 
ATOM   75   C CG  . GLU A 1 12  ? -11.456 3.691   9.890   1.00 49.93 ? 12  GLU A CG  1 
ATOM   76   C CD  . GLU A 1 12  ? -12.322 4.249   8.781   1.00 51.94 ? 12  GLU A CD  1 
ATOM   77   O OE1 . GLU A 1 12  ? -11.769 4.632   7.728   1.00 54.72 ? 12  GLU A OE1 1 
ATOM   78   O OE2 . GLU A 1 12  ? -13.557 4.299   8.960   1.00 52.86 ? 12  GLU A OE2 1 
ATOM   79   N N   . SER A 1 13  ? -9.946  -0.284  11.946  1.00 42.79 ? 13  SER A N   1 
ATOM   80   C CA  . SER A 1 13  ? -9.874  -1.722  12.191  1.00 44.87 ? 13  SER A CA  1 
ATOM   81   C C   . SER A 1 13  ? -10.744 -2.595  11.296  1.00 43.28 ? 13  SER A C   1 
ATOM   82   O O   . SER A 1 13  ? -10.269 -3.582  10.736  1.00 43.67 ? 13  SER A O   1 
ATOM   83   C CB  . SER A 1 13  ? -10.220 -2.021  13.652  1.00 47.28 ? 13  SER A CB  1 
ATOM   84   O OG  . SER A 1 13  ? -9.325  -1.356  14.522  1.00 54.18 ? 13  SER A OG  1 
ATOM   85   N N   . THR A 1 14  ? -12.017 -2.248  11.179  1.00 41.93 ? 14  THR A N   1 
ATOM   86   C CA  . THR A 1 14  ? -12.931 -3.031  10.358  1.00 42.38 ? 14  THR A CA  1 
ATOM   87   C C   . THR A 1 14  ? -12.521 -3.018  8.888   1.00 39.53 ? 14  THR A C   1 
ATOM   88   O O   . THR A 1 14  ? -12.639 -4.033  8.201   1.00 38.44 ? 14  THR A O   1 
ATOM   89   C CB  . THR A 1 14  ? -14.381 -2.515  10.490  1.00 45.12 ? 14  THR A CB  1 
ATOM   90   O OG1 . THR A 1 14  ? -14.452 -1.161  10.027  1.00 48.37 ? 14  THR A OG1 1 
ATOM   91   C CG2 . THR A 1 14  ? -14.833 -2.574  11.948  1.00 46.44 ? 14  THR A CG2 1 
ATOM   92   N N   . ILE A 1 15  ? -12.043 -1.875  8.407   1.00 37.34 ? 15  ILE A N   1 
ATOM   93   C CA  . ILE A 1 15  ? -11.609 -1.759  7.012   1.00 38.24 ? 15  ILE A CA  1 
ATOM   94   C C   . ILE A 1 15  ? -10.371 -2.621  6.826   1.00 36.96 ? 15  ILE A C   1 
ATOM   95   O O   . ILE A 1 15  ? -10.253 -3.379  5.861   1.00 34.45 ? 15  ILE A O   1 
ATOM   96   C CB  . ILE A 1 15  ? -11.246 -0.298  6.644   1.00 39.19 ? 15  ILE A CB  1 
ATOM   97   C CG1 . ILE A 1 15  ? -12.486 0.591   6.746   1.00 40.84 ? 15  ILE A CG1 1 
ATOM   98   C CG2 . ILE A 1 15  ? -10.642 -0.243  5.236   1.00 39.61 ? 15  ILE A CG2 1 
ATOM   99   C CD1 . ILE A 1 15  ? -13.593 0.214   5.798   1.00 45.18 ? 15  ILE A CD1 1 
ATOM   100  N N   . LEU A 1 16  ? -9.453  -2.500  7.775   1.00 35.88 ? 16  LEU A N   1 
ATOM   101  C CA  . LEU A 1 16  ? -8.216  -3.255  7.758   1.00 37.75 ? 16  LEU A CA  1 
ATOM   102  C C   . LEU A 1 16  ? -8.543  -4.744  7.716   1.00 38.16 ? 16  LEU A C   1 
ATOM   103  O O   . LEU A 1 16  ? -7.925  -5.510  6.972   1.00 36.38 ? 16  LEU A O   1 
ATOM   104  C CB  . LEU A 1 16  ? -7.403  -2.920  9.012   1.00 38.89 ? 16  LEU A CB  1 
ATOM   105  C CG  . LEU A 1 16  ? -5.911  -3.235  8.994   1.00 41.49 ? 16  LEU A CG  1 
ATOM   106  C CD1 . LEU A 1 16  ? -5.254  -2.566  7.783   1.00 39.94 ? 16  LEU A CD1 1 
ATOM   107  C CD2 . LEU A 1 16  ? -5.287  -2.738  10.295  1.00 41.00 ? 16  LEU A CD2 1 
ATOM   108  N N   . GLN A 1 17  ? -9.532  -5.140  8.510   1.00 38.45 ? 17  GLN A N   1 
ATOM   109  C CA  . GLN A 1 17  ? -9.959  -6.532  8.572   1.00 41.41 ? 17  GLN A CA  1 
ATOM   110  C C   . GLN A 1 17  ? -10.558 -7.001  7.250   1.00 39.79 ? 17  GLN A C   1 
ATOM   111  O O   . GLN A 1 17  ? -10.230 -8.084  6.765   1.00 39.34 ? 17  GLN A O   1 
ATOM   112  C CB  . GLN A 1 17  ? -10.999 -6.727  9.682   1.00 45.63 ? 17  GLN A CB  1 
ATOM   113  C CG  . GLN A 1 17  ? -10.492 -6.428  11.082  1.00 53.68 ? 17  GLN A CG  1 
ATOM   114  C CD  . GLN A 1 17  ? -9.190  -7.137  11.387  1.00 57.60 ? 17  GLN A CD  1 
ATOM   115  O OE1 . GLN A 1 17  ? -9.067  -8.349  11.189  1.00 61.16 ? 17  GLN A OE1 1 
ATOM   116  N NE2 . GLN A 1 17  ? -8.208  -6.387  11.877  1.00 60.36 ? 17  GLN A NE2 1 
ATOM   117  N N   . ASN A 1 18  ? -11.442 -6.186  6.678   1.00 38.06 ? 18  ASN A N   1 
ATOM   118  C CA  . ASN A 1 18  ? -12.087 -6.533  5.416   1.00 37.64 ? 18  ASN A CA  1 
ATOM   119  C C   . ASN A 1 18  ? -11.062 -6.696  4.299   1.00 36.04 ? 18  ASN A C   1 
ATOM   120  O O   . ASN A 1 18  ? -11.115 -7.663  3.530   1.00 34.98 ? 18  ASN A O   1 
ATOM   121  C CB  . ASN A 1 18  ? -13.109 -5.463  5.010   1.00 38.92 ? 18  ASN A CB  1 
ATOM   122  C CG  . ASN A 1 18  ? -14.269 -5.357  5.984   1.00 45.86 ? 18  ASN A CG  1 
ATOM   123  O OD1 . ASN A 1 18  ? -14.635 -6.333  6.643   1.00 46.66 ? 18  ASN A OD1 1 
ATOM   124  N ND2 . ASN A 1 18  ? -14.869 -4.169  6.066   1.00 45.97 ? 18  ASN A ND2 1 
ATOM   125  N N   . ILE A 1 19  ? -10.134 -5.749  4.211   1.00 33.66 ? 19  ILE A N   1 
ATOM   126  C CA  . ILE A 1 19  ? -9.105  -5.795  3.180   1.00 33.54 ? 19  ILE A CA  1 
ATOM   127  C C   . ILE A 1 19  ? -8.196  -7.009  3.360   1.00 34.08 ? 19  ILE A C   1 
ATOM   128  O O   . ILE A 1 19  ? -7.843  -7.677  2.390   1.00 33.02 ? 19  ILE A O   1 
ATOM   129  C CB  . ILE A 1 19  ? -8.263  -4.507  3.179   1.00 32.40 ? 19  ILE A CB  1 
ATOM   130  C CG1 . ILE A 1 19  ? -9.139  -3.327  2.738   1.00 32.23 ? 19  ILE A CG1 1 
ATOM   131  C CG2 . ILE A 1 19  ? -7.058  -4.663  2.246   1.00 32.17 ? 19  ILE A CG2 1 
ATOM   132  C CD1 . ILE A 1 19  ? -8.428  -1.980  2.722   1.00 31.54 ? 19  ILE A CD1 1 
ATOM   133  N N   . LYS A 1 20  ? -7.824  -7.301  4.602   1.00 34.56 ? 20  LYS A N   1 
ATOM   134  C CA  . LYS A 1 20  ? -6.968  -8.449  4.882   1.00 35.07 ? 20  LYS A CA  1 
ATOM   135  C C   . LYS A 1 20  ? -7.646  -9.731  4.411   1.00 34.85 ? 20  LYS A C   1 
ATOM   136  O O   . LYS A 1 20  ? -7.026  -10.573 3.765   1.00 33.62 ? 20  LYS A O   1 
ATOM   137  C CB  . LYS A 1 20  ? -6.678  -8.536  6.383   1.00 37.70 ? 20  LYS A CB  1 
ATOM   138  C CG  . LYS A 1 20  ? -5.818  -9.729  6.794   1.00 38.89 ? 20  LYS A CG  1 
ATOM   139  C CD  . LYS A 1 20  ? -5.345  -9.572  8.235   1.00 43.48 ? 20  LYS A CD  1 
ATOM   140  C CE  . LYS A 1 20  ? -4.543  -10.773 8.706   1.00 44.60 ? 20  LYS A CE  1 
ATOM   141  N NZ  . LYS A 1 20  ? -5.382  -12.000 8.747   1.00 47.90 ? 20  LYS A NZ  1 
ATOM   142  N N   . PHE A 1 21  ? -8.927  -9.862  4.739   1.00 35.16 ? 21  PHE A N   1 
ATOM   143  C CA  . PHE A 1 21  ? -9.714  -11.032 4.360   1.00 37.00 ? 21  PHE A CA  1 
ATOM   144  C C   . PHE A 1 21  ? -9.720  -11.216 2.848   1.00 36.92 ? 21  PHE A C   1 
ATOM   145  O O   . PHE A 1 21  ? -9.472  -12.309 2.337   1.00 37.05 ? 21  PHE A O   1 
ATOM   146  C CB  . PHE A 1 21  ? -11.154 -10.873 4.853   1.00 39.55 ? 21  PHE A CB  1 
ATOM   147  C CG  . PHE A 1 21  ? -12.090 -11.925 4.335   1.00 43.11 ? 21  PHE A CG  1 
ATOM   148  C CD1 . PHE A 1 21  ? -12.021 -13.231 4.809   1.00 43.44 ? 21  PHE A CD1 1 
ATOM   149  C CD2 . PHE A 1 21  ? -13.030 -11.612 3.355   1.00 43.93 ? 21  PHE A CD2 1 
ATOM   150  C CE1 . PHE A 1 21  ? -12.874 -14.215 4.314   1.00 45.23 ? 21  PHE A CE1 1 
ATOM   151  C CE2 . PHE A 1 21  ? -13.888 -12.589 2.852   1.00 45.31 ? 21  PHE A CE2 1 
ATOM   152  C CZ  . PHE A 1 21  ? -13.810 -13.893 3.333   1.00 46.03 ? 21  PHE A CZ  1 
ATOM   153  N N   . LEU A 1 22  ? -10.014 -10.131 2.141   1.00 35.78 ? 22  LEU A N   1 
ATOM   154  C CA  . LEU A 1 22  ? -10.061 -10.142 0.689   1.00 34.68 ? 22  LEU A CA  1 
ATOM   155  C C   . LEU A 1 22  ? -8.702  -10.531 0.107   1.00 33.71 ? 22  LEU A C   1 
ATOM   156  O O   . LEU A 1 22  ? -8.619  -11.348 -0.810  1.00 32.76 ? 22  LEU A O   1 
ATOM   157  C CB  . LEU A 1 22  ? -10.482 -8.750  0.196   1.00 37.21 ? 22  LEU A CB  1 
ATOM   158  C CG  . LEU A 1 22  ? -10.705 -8.436  -1.286  1.00 40.08 ? 22  LEU A CG  1 
ATOM   159  C CD1 . LEU A 1 22  ? -11.548 -7.170  -1.392  1.00 42.16 ? 22  LEU A CD1 1 
ATOM   160  C CD2 . LEU A 1 22  ? -9.377  -8.259  -2.010  1.00 41.23 ? 22  LEU A CD2 1 
ATOM   161  N N   . LEU A 1 23  ? -7.635  -9.951  0.643   1.00 31.49 ? 23  LEU A N   1 
ATOM   162  C CA  . LEU A 1 23  ? -6.298  -10.245 0.140   1.00 32.08 ? 23  LEU A CA  1 
ATOM   163  C C   . LEU A 1 23  ? -5.837  -11.670 0.426   1.00 33.21 ? 23  LEU A C   1 
ATOM   164  O O   . LEU A 1 23  ? -5.094  -12.254 -0.368  1.00 31.52 ? 23  LEU A O   1 
ATOM   165  C CB  . LEU A 1 23  ? -5.289  -9.241  0.702   1.00 32.88 ? 23  LEU A CB  1 
ATOM   166  C CG  . LEU A 1 23  ? -5.511  -7.798  0.246   1.00 33.94 ? 23  LEU A CG  1 
ATOM   167  C CD1 . LEU A 1 23  ? -4.377  -6.923  0.766   1.00 33.98 ? 23  LEU A CD1 1 
ATOM   168  C CD2 . LEU A 1 23  ? -5.565  -7.743  -1.275  1.00 34.31 ? 23  LEU A CD2 1 
ATOM   169  N N   . GLU A 1 24  ? -6.269  -12.237 1.547   1.00 32.75 ? 24  GLU A N   1 
ATOM   170  C CA  . GLU A 1 24  ? -5.880  -13.608 1.868   1.00 36.12 ? 24  GLU A CA  1 
ATOM   171  C C   . GLU A 1 24  ? -6.602  -14.553 0.919   1.00 38.05 ? 24  GLU A C   1 
ATOM   172  O O   . GLU A 1 24  ? -6.027  -15.536 0.448   1.00 38.47 ? 24  GLU A O   1 
ATOM   173  C CB  . GLU A 1 24  ? -6.218  -13.939 3.320   1.00 35.80 ? 24  GLU A CB  1 
ATOM   174  C CG  . GLU A 1 24  ? -5.480  -13.050 4.302   1.00 39.41 ? 24  GLU A CG  1 
ATOM   175  C CD  . GLU A 1 24  ? -5.687  -13.460 5.744   1.00 40.79 ? 24  GLU A CD  1 
ATOM   176  O OE1 . GLU A 1 24  ? -6.818  -13.860 6.095   1.00 43.26 ? 24  GLU A OE1 1 
ATOM   177  O OE2 . GLU A 1 24  ? -4.718  -13.366 6.523   1.00 39.69 ? 24  GLU A OE2 1 
ATOM   178  N N   . ILE A 1 25  ? -7.863  -14.237 0.634   1.00 38.64 ? 25  ILE A N   1 
ATOM   179  C CA  . ILE A 1 25  ? -8.673  -15.015 -0.293  1.00 42.68 ? 25  ILE A CA  1 
ATOM   180  C C   . ILE A 1 25  ? -8.032  -14.932 -1.682  1.00 42.55 ? 25  ILE A C   1 
ATOM   181  O O   . ILE A 1 25  ? -8.079  -15.889 -2.460  1.00 42.71 ? 25  ILE A O   1 
ATOM   182  C CB  . ILE A 1 25  ? -10.117 -14.448 -0.378  1.00 45.21 ? 25  ILE A CB  1 
ATOM   183  C CG1 . ILE A 1 25  ? -10.853 -14.687 0.943   1.00 47.74 ? 25  ILE A CG1 1 
ATOM   184  C CG2 . ILE A 1 25  ? -10.867 -15.072 -1.547  1.00 48.52 ? 25  ILE A CG2 1 
ATOM   185  C CD1 . ILE A 1 25  ? -10.914 -16.137 1.368   1.00 49.48 ? 25  ILE A CD1 1 
ATOM   186  N N   . ASP A 1 26  ? -7.435  -13.780 -1.980  1.00 39.96 ? 26  ASP A N   1 
ATOM   187  C CA  . ASP A 1 26  ? -6.782  -13.546 -3.267  1.00 39.51 ? 26  ASP A CA  1 
ATOM   188  C C   . ASP A 1 26  ? -5.426  -14.251 -3.367  1.00 37.13 ? 26  ASP A C   1 
ATOM   189  O O   . ASP A 1 26  ? -4.767  -14.179 -4.401  1.00 37.72 ? 26  ASP A O   1 
ATOM   190  C CB  . ASP A 1 26  ? -6.611  -12.034 -3.496  1.00 39.99 ? 26  ASP A CB  1 
ATOM   191  C CG  . ASP A 1 26  ? -5.992  -11.701 -4.853  1.00 42.47 ? 26  ASP A CG  1 
ATOM   192  O OD1 . ASP A 1 26  ? -6.589  -12.052 -5.894  1.00 42.35 ? 26  ASP A OD1 1 
ATOM   193  O OD2 . ASP A 1 26  ? -4.906  -11.075 -4.881  1.00 43.23 ? 26  ASP A OD2 1 
ATOM   194  N N   . GLY A 1 27  ? -5.007  -14.911 -2.291  1.00 36.01 ? 27  GLY A N   1 
ATOM   195  C CA  . GLY A 1 27  ? -3.741  -15.634 -2.311  1.00 35.09 ? 27  GLY A CA  1 
ATOM   196  C C   . GLY A 1 27  ? -2.503  -14.917 -1.790  1.00 34.39 ? 27  GLY A C   1 
ATOM   197  O O   . GLY A 1 27  ? -1.378  -15.270 -2.163  1.00 34.35 ? 27  GLY A O   1 
ATOM   198  N N   . ASN A 1 28  ? -2.698  -13.927 -0.922  1.00 33.22 ? 28  ASN A N   1 
ATOM   199  C CA  . ASN A 1 28  ? -1.589  -13.157 -0.361  1.00 32.58 ? 28  ASN A CA  1 
ATOM   200  C C   . ASN A 1 28  ? -1.404  -13.378 1.131   1.00 33.26 ? 28  ASN A C   1 
ATOM   201  O O   . ASN A 1 28  ? -2.350  -13.707 1.845   1.00 34.28 ? 28  ASN A O   1 
ATOM   202  C CB  . ASN A 1 28  ? -1.826  -11.652 -0.545  1.00 30.73 ? 28  ASN A CB  1 
ATOM   203  C CG  . ASN A 1 28  ? -1.941  -11.245 -1.988  1.00 30.23 ? 28  ASN A CG  1 
ATOM   204  O OD1 . ASN A 1 28  ? -0.940  -11.147 -2.700  1.00 28.83 ? 28  ASN A OD1 1 
ATOM   205  N ND2 . ASN A 1 28  ? -3.171  -11.001 -2.436  1.00 27.06 ? 28  ASN A ND2 1 
ATOM   206  N N   . GLU A 1 29  ? -0.173  -13.188 1.593   1.00 34.32 ? 29  GLU A N   1 
ATOM   207  C CA  . GLU A 1 29  ? 0.123   -13.258 3.018   1.00 36.19 ? 29  GLU A CA  1 
ATOM   208  C C   . GLU A 1 29  ? -0.046  -11.777 3.364   1.00 35.04 ? 29  GLU A C   1 
ATOM   209  O O   . GLU A 1 29  ? 0.461   -10.919 2.633   1.00 33.77 ? 29  GLU A O   1 
ATOM   210  C CB  . GLU A 1 29  ? 1.569   -13.690 3.257   1.00 39.92 ? 29  GLU A CB  1 
ATOM   211  C CG  . GLU A 1 29  ? 1.964   -13.698 4.724   1.00 45.66 ? 29  GLU A CG  1 
ATOM   212  C CD  . GLU A 1 29  ? 3.461   -13.857 4.922   1.00 49.23 ? 29  GLU A CD  1 
ATOM   213  O OE1 . GLU A 1 29  ? 4.056   -14.745 4.279   1.00 51.00 ? 29  GLU A OE1 1 
ATOM   214  O OE2 . GLU A 1 29  ? 4.038   -13.097 5.727   1.00 53.44 ? 29  GLU A OE2 1 
ATOM   215  N N   . VAL A 1 30  ? -0.746  -11.463 4.450   1.00 33.84 ? 30  VAL A N   1 
ATOM   216  C CA  . VAL A 1 30  ? -0.994  -10.065 4.788   1.00 33.45 ? 30  VAL A CA  1 
ATOM   217  C C   . VAL A 1 30  ? -0.545  -9.589  6.165   1.00 35.05 ? 30  VAL A C   1 
ATOM   218  O O   . VAL A 1 30  ? -0.799  -10.245 7.168   1.00 35.80 ? 30  VAL A O   1 
ATOM   219  C CB  . VAL A 1 30  ? -2.511  -9.734  4.672   1.00 34.70 ? 30  VAL A CB  1 
ATOM   220  C CG1 . VAL A 1 30  ? -2.745  -8.244  4.920   1.00 33.06 ? 30  VAL A CG1 1 
ATOM   221  C CG2 . VAL A 1 30  ? -3.043  -10.148 3.304   1.00 33.55 ? 30  VAL A CG2 1 
ATOM   222  N N   . LEU A 1 31  ? 0.127   -8.441  6.195   1.00 34.97 ? 31  LEU A N   1 
ATOM   223  C CA  . LEU A 1 31  ? 0.557   -7.822  7.445   1.00 36.64 ? 31  LEU A CA  1 
ATOM   224  C C   . LEU A 1 31  ? -0.293  -6.559  7.533   1.00 37.85 ? 31  LEU A C   1 
ATOM   225  O O   . LEU A 1 31  ? -0.557  -5.925  6.506   1.00 35.99 ? 31  LEU A O   1 
ATOM   226  C CB  . LEU A 1 31  ? 2.038   -7.440  7.397   1.00 36.70 ? 31  LEU A CB  1 
ATOM   227  C CG  . LEU A 1 31  ? 3.060   -8.565  7.240   1.00 38.62 ? 31  LEU A CG  1 
ATOM   228  C CD1 . LEU A 1 31  ? 4.465   -7.970  7.252   1.00 39.42 ? 31  LEU A CD1 1 
ATOM   229  C CD2 . LEU A 1 31  ? 2.893   -9.580  8.366   1.00 41.27 ? 31  LEU A CD2 1 
ATOM   230  N N   . THR A 1 32  ? -0.730  -6.192  8.736   1.00 36.02 ? 32  THR A N   1 
ATOM   231  C CA  . THR A 1 32  ? -1.563  -5.004  8.889   1.00 36.92 ? 32  THR A CA  1 
ATOM   232  C C   . THR A 1 32  ? -1.041  -4.030  9.937   1.00 37.54 ? 32  THR A C   1 
ATOM   233  O O   . THR A 1 32  ? -0.384  -4.427  10.901  1.00 36.72 ? 32  THR A O   1 
ATOM   234  C CB  . THR A 1 32  ? -3.010  -5.376  9.275   1.00 38.79 ? 32  THR A CB  1 
ATOM   235  O OG1 . THR A 1 32  ? -3.006  -6.040  10.545  1.00 40.52 ? 32  THR A OG1 1 
ATOM   236  C CG2 . THR A 1 32  ? -3.631  -6.295  8.227   1.00 37.96 ? 32  THR A CG2 1 
ATOM   237  N N   . ALA A 1 33  ? -1.342  -2.752  9.735   1.00 36.25 ? 33  ALA A N   1 
ATOM   238  C CA  . ALA A 1 33  ? -0.926  -1.700  10.653  1.00 36.53 ? 33  ALA A CA  1 
ATOM   239  C C   . ALA A 1 33  ? -2.069  -0.696  10.772  1.00 37.98 ? 33  ALA A C   1 
ATOM   240  O O   . ALA A 1 33  ? -2.625  -0.251  9.762   1.00 35.13 ? 33  ALA A O   1 
ATOM   241  C CB  . ALA A 1 33  ? 0.335   -1.016  10.132  1.00 34.72 ? 33  ALA A CB  1 
ATOM   242  N N   . SER A 1 34  ? -2.423  -0.343  12.005  1.00 38.46 ? 34  SER A N   1 
ATOM   243  C CA  . SER A 1 34  ? -3.519  0.594   12.234  1.00 38.71 ? 34  SER A CA  1 
ATOM   244  C C   . SER A 1 34  ? -3.068  2.038   12.440  1.00 37.62 ? 34  SER A C   1 
ATOM   245  O O   . SER A 1 34  ? -3.887  2.910   12.734  1.00 37.97 ? 34  SER A O   1 
ATOM   246  C CB  . SER A 1 34  ? -4.359  0.136   13.430  1.00 40.10 ? 34  SER A CB  1 
ATOM   247  O OG  . SER A 1 34  ? -3.551  -0.025  14.579  1.00 43.22 ? 34  SER A OG  1 
ATOM   248  N N   . SER A 1 35  ? -1.772  2.285   12.288  1.00 37.21 ? 35  SER A N   1 
ATOM   249  C CA  . SER A 1 35  ? -1.217  3.631   12.427  1.00 37.93 ? 35  SER A CA  1 
ATOM   250  C C   . SER A 1 35  ? -0.031  3.756   11.477  1.00 36.52 ? 35  SER A C   1 
ATOM   251  O O   . SER A 1 35  ? 0.591   2.755   11.121  1.00 36.99 ? 35  SER A O   1 
ATOM   252  C CB  . SER A 1 35  ? -0.754  3.896   13.869  1.00 37.86 ? 35  SER A CB  1 
ATOM   253  O OG  . SER A 1 35  ? 0.512   3.313   14.119  1.00 37.24 ? 35  SER A OG  1 
ATOM   254  N N   . SER A 1 36  ? 0.275   4.987   11.074  1.00 35.46 ? 36  SER A N   1 
ATOM   255  C CA  . SER A 1 36  ? 1.367   5.259   10.152  1.00 35.74 ? 36  SER A CA  1 
ATOM   256  C C   . SER A 1 36  ? 2.728   4.857   10.705  1.00 36.73 ? 36  SER A C   1 
ATOM   257  O O   . SER A 1 36  ? 3.582   4.359   9.970   1.00 33.60 ? 36  SER A O   1 
ATOM   258  C CB  . SER A 1 36  ? 1.383   6.745   9.787   1.00 36.10 ? 36  SER A CB  1 
ATOM   259  O OG  . SER A 1 36  ? 0.123   7.156   9.276   1.00 36.92 ? 36  SER A OG  1 
ATOM   260  N N   . THR A 1 37  ? 2.936   5.082   11.997  1.00 36.10 ? 37  THR A N   1 
ATOM   261  C CA  . THR A 1 37  ? 4.206   4.726   12.610  1.00 36.91 ? 37  THR A CA  1 
ATOM   262  C C   . THR A 1 37  ? 4.340   3.212   12.691  1.00 36.39 ? 37  THR A C   1 
ATOM   263  O O   . THR A 1 37  ? 5.402   2.665   12.388  1.00 36.90 ? 37  THR A O   1 
ATOM   264  C CB  . THR A 1 37  ? 4.347   5.348   14.021  1.00 36.57 ? 37  THR A CB  1 
ATOM   265  O OG1 . THR A 1 37  ? 3.137   5.155   14.758  1.00 36.64 ? 37  THR A OG1 1 
ATOM   266  C CG2 . THR A 1 37  ? 4.640   6.829   13.910  1.00 37.16 ? 37  THR A CG2 1 
ATOM   267  N N   . GLU A 1 38  ? 3.270   2.532   13.091  1.00 37.41 ? 38  GLU A N   1 
ATOM   268  C CA  . GLU A 1 38  ? 3.314   1.079   13.168  1.00 38.34 ? 38  GLU A CA  1 
ATOM   269  C C   . GLU A 1 38  ? 3.588   0.548   11.759  1.00 38.05 ? 38  GLU A C   1 
ATOM   270  O O   . GLU A 1 38  ? 4.374   -0.383  11.575  1.00 34.74 ? 38  GLU A O   1 
ATOM   271  C CB  . GLU A 1 38  ? 1.989   0.507   13.690  1.00 40.02 ? 38  GLU A CB  1 
ATOM   272  C CG  . GLU A 1 38  ? 1.938   -1.021  13.621  1.00 42.66 ? 38  GLU A CG  1 
ATOM   273  C CD  . GLU A 1 38  ? 0.653   -1.619  14.166  1.00 45.68 ? 38  GLU A CD  1 
ATOM   274  O OE1 . GLU A 1 38  ? -0.425  -1.017  13.975  1.00 48.56 ? 38  GLU A OE1 1 
ATOM   275  O OE2 . GLU A 1 38  ? 0.718   -2.710  14.773  1.00 48.61 ? 38  GLU A OE2 1 
ATOM   276  N N   . GLY A 1 39  ? 2.942   1.160   10.769  1.00 36.78 ? 39  GLY A N   1 
ATOM   277  C CA  . GLY A 1 39  ? 3.138   0.740   9.392   1.00 36.18 ? 39  GLY A CA  1 
ATOM   278  C C   . GLY A 1 39  ? 4.586   0.850   8.960   1.00 35.38 ? 39  GLY A C   1 
ATOM   279  O O   . GLY A 1 39  ? 5.166   -0.108  8.447   1.00 35.59 ? 39  GLY A O   1 
ATOM   280  N N   . LEU A 1 40  ? 5.183   2.018   9.169   1.00 35.21 ? 40  LEU A N   1 
ATOM   281  C CA  . LEU A 1 40  ? 6.572   2.219   8.782   1.00 36.36 ? 40  LEU A CA  1 
ATOM   282  C C   . LEU A 1 40  ? 7.517   1.347   9.608   1.00 36.75 ? 40  LEU A C   1 
ATOM   283  O O   . LEU A 1 40  ? 8.590   0.971   9.140   1.00 36.50 ? 40  LEU A O   1 
ATOM   284  C CB  . LEU A 1 40  ? 6.953   3.698   8.914   1.00 36.77 ? 40  LEU A CB  1 
ATOM   285  C CG  . LEU A 1 40  ? 6.279   4.612   7.882   1.00 37.04 ? 40  LEU A CG  1 
ATOM   286  C CD1 . LEU A 1 40  ? 6.644   6.072   8.145   1.00 37.93 ? 40  LEU A CD1 1 
ATOM   287  C CD2 . LEU A 1 40  ? 6.718   4.192   6.475   1.00 38.72 ? 40  LEU A CD2 1 
ATOM   288  N N   . ARG A 1 41  ? 7.109   1.017   10.829  1.00 39.06 ? 41  ARG A N   1 
ATOM   289  C CA  . ARG A 1 41  ? 7.931   0.179   11.698  1.00 41.55 ? 41  ARG A CA  1 
ATOM   290  C C   . ARG A 1 41  ? 7.969   -1.241  11.140  1.00 40.93 ? 41  ARG A C   1 
ATOM   291  O O   . ARG A 1 41  ? 9.039   -1.804  10.902  1.00 42.10 ? 41  ARG A O   1 
ATOM   292  C CB  . ARG A 1 41  ? 7.367   0.170   13.124  1.00 42.89 ? 41  ARG A CB  1 
ATOM   293  C CG  . ARG A 1 41  ? 8.257   -0.560  14.130  1.00 46.07 ? 41  ARG A CG  1 
ATOM   294  C CD  . ARG A 1 41  ? 7.829   -0.315  15.575  1.00 46.50 ? 41  ARG A CD  1 
ATOM   295  N NE  . ARG A 1 41  ? 6.555   -0.943  15.919  1.00 46.40 ? 41  ARG A NE  1 
ATOM   296  C CZ  . ARG A 1 41  ? 5.430   -0.276  16.158  1.00 47.15 ? 41  ARG A CZ  1 
ATOM   297  N NH1 . ARG A 1 41  ? 5.408   1.048   16.091  1.00 45.51 ? 41  ARG A NH1 1 
ATOM   298  N NH2 . ARG A 1 41  ? 4.323   -0.936  16.474  1.00 49.58 ? 41  ARG A NH2 1 
ATOM   299  N N   . ILE A 1 42  ? 6.788   -1.815  10.936  1.00 40.24 ? 42  ILE A N   1 
ATOM   300  C CA  . ILE A 1 42  ? 6.673   -3.157  10.386  1.00 39.75 ? 42  ILE A CA  1 
ATOM   301  C C   . ILE A 1 42  ? 7.364   -3.205  9.024   1.00 39.62 ? 42  ILE A C   1 
ATOM   302  O O   . ILE A 1 42  ? 8.045   -4.180  8.697   1.00 39.63 ? 42  ILE A O   1 
ATOM   303  C CB  . ILE A 1 42  ? 5.187   -3.555  10.232  1.00 39.64 ? 42  ILE A CB  1 
ATOM   304  C CG1 . ILE A 1 42  ? 4.546   -3.668  11.620  1.00 39.46 ? 42  ILE A CG1 1 
ATOM   305  C CG2 . ILE A 1 42  ? 5.066   -4.863  9.459   1.00 37.74 ? 42  ILE A CG2 1 
ATOM   306  C CD1 . ILE A 1 42  ? 3.053   -3.921  11.611  1.00 40.06 ? 42  ILE A CD1 1 
ATOM   307  N N   . PHE A 1 43  ? 7.209   -2.146  8.234   1.00 38.53 ? 43  PHE A N   1 
ATOM   308  C CA  . PHE A 1 43  ? 7.839   -2.119  6.922   1.00 39.16 ? 43  PHE A CA  1 
ATOM   309  C C   . PHE A 1 43  ? 9.355   -2.168  7.033   1.00 40.51 ? 43  PHE A C   1 
ATOM   310  O O   . PHE A 1 43  ? 10.013  -2.932  6.330   1.00 38.67 ? 43  PHE A O   1 
ATOM   311  C CB  . PHE A 1 43  ? 7.464   -0.864  6.139   1.00 38.12 ? 43  PHE A CB  1 
ATOM   312  C CG  . PHE A 1 43  ? 8.113   -0.805  4.790   1.00 39.48 ? 43  PHE A CG  1 
ATOM   313  C CD1 . PHE A 1 43  ? 7.653   -1.610  3.747   1.00 39.94 ? 43  PHE A CD1 1 
ATOM   314  C CD2 . PHE A 1 43  ? 9.233   -0.009  4.577   1.00 38.75 ? 43  PHE A CD2 1 
ATOM   315  C CE1 . PHE A 1 43  ? 8.305   -1.625  2.517   1.00 39.26 ? 43  PHE A CE1 1 
ATOM   316  C CE2 . PHE A 1 43  ? 9.893   -0.019  3.351   1.00 39.18 ? 43  PHE A CE2 1 
ATOM   317  C CZ  . PHE A 1 43  ? 9.426   -0.829  2.319   1.00 38.98 ? 43  PHE A CZ  1 
ATOM   318  N N   . THR A 1 44  ? 9.908   -1.331  7.905   1.00 41.37 ? 44  THR A N   1 
ATOM   319  C CA  . THR A 1 44  ? 11.348  -1.285  8.096   1.00 42.97 ? 44  THR A CA  1 
ATOM   320  C C   . THR A 1 44  ? 11.892  -2.652  8.498   1.00 42.96 ? 44  THR A C   1 
ATOM   321  O O   . THR A 1 44  ? 12.926  -3.084  7.997   1.00 42.71 ? 44  THR A O   1 
ATOM   322  C CB  . THR A 1 44  ? 11.730  -0.254  9.182   1.00 43.98 ? 44  THR A CB  1 
ATOM   323  O OG1 . THR A 1 44  ? 11.268  1.045   8.787   1.00 44.92 ? 44  THR A OG1 1 
ATOM   324  C CG2 . THR A 1 44  ? 13.240  -0.208  9.366   1.00 45.54 ? 44  THR A CG2 1 
ATOM   325  N N   . GLU A 1 45  ? 11.179  -3.333  9.389   1.00 45.93 ? 45  GLU A N   1 
ATOM   326  C CA  . GLU A 1 45  ? 11.602  -4.645  9.872   1.00 48.48 ? 45  GLU A CA  1 
ATOM   327  C C   . GLU A 1 45  ? 11.428  -5.767  8.844   1.00 48.86 ? 45  GLU A C   1 
ATOM   328  O O   . GLU A 1 45  ? 11.965  -6.862  9.022   1.00 49.28 ? 45  GLU A O   1 
ATOM   329  C CB  . GLU A 1 45  ? 10.836  -4.999  11.152  1.00 50.37 ? 45  GLU A CB  1 
ATOM   330  C CG  . GLU A 1 45  ? 10.867  -3.900  12.211  1.00 55.37 ? 45  GLU A CG  1 
ATOM   331  C CD  . GLU A 1 45  ? 10.066  -4.244  13.459  1.00 58.50 ? 45  GLU A CD  1 
ATOM   332  O OE1 . GLU A 1 45  ? 8.930   -4.750  13.324  1.00 60.04 ? 45  GLU A OE1 1 
ATOM   333  O OE2 . GLU A 1 45  ? 10.567  -3.991  14.578  1.00 59.83 ? 45  GLU A OE2 1 
ATOM   334  N N   . ASN A 1 46  ? 10.692  -5.498  7.770   1.00 48.42 ? 46  ASN A N   1 
ATOM   335  C CA  . ASN A 1 46  ? 10.461  -6.516  6.741   1.00 47.71 ? 46  ASN A CA  1 
ATOM   336  C C   . ASN A 1 46  ? 10.607  -5.962  5.328   1.00 47.36 ? 46  ASN A C   1 
ATOM   337  O O   . ASN A 1 46  ? 10.051  -6.515  4.374   1.00 46.93 ? 46  ASN A O   1 
ATOM   338  C CB  . ASN A 1 46  ? 9.059   -7.107  6.906   1.00 48.50 ? 46  ASN A CB  1 
ATOM   339  C CG  . ASN A 1 46  ? 8.854   -7.759  8.257   1.00 51.04 ? 46  ASN A CG  1 
ATOM   340  O OD1 . ASN A 1 46  ? 9.395   -8.828  8.530   1.00 52.60 ? 46  ASN A OD1 1 
ATOM   341  N ND2 . ASN A 1 46  ? 8.077   -7.107  9.118   1.00 51.05 ? 46  ASN A ND2 1 
ATOM   342  N N   . CYS A 1 47  ? 11.366  -4.880  5.192   1.00 47.09 ? 47  CYS A N   1 
ATOM   343  C CA  . CYS A 1 47  ? 11.554  -4.239  3.897   1.00 49.85 ? 47  CYS A CA  1 
ATOM   344  C C   . CYS A 1 47  ? 12.119  -5.157  2.815   1.00 50.45 ? 47  CYS A C   1 
ATOM   345  O O   . CYS A 1 47  ? 12.009  -4.855  1.629   1.00 51.42 ? 47  CYS A O   1 
ATOM   346  C CB  . CYS A 1 47  ? 12.452  -3.007  4.040   1.00 50.41 ? 47  CYS A CB  1 
ATOM   347  S SG  . CYS A 1 47  ? 14.133  -3.375  4.571   1.00 54.46 ? 47  CYS A SG  1 
ATOM   348  N N   . ASN A 1 48  ? 12.718  -6.274  3.215   1.00 50.86 ? 48  ASN A N   1 
ATOM   349  C CA  . ASN A 1 48  ? 13.286  -7.199  2.241   1.00 50.62 ? 48  ASN A CA  1 
ATOM   350  C C   . ASN A 1 48  ? 12.381  -8.368  1.867   1.00 48.57 ? 48  ASN A C   1 
ATOM   351  O O   . ASN A 1 48  ? 12.697  -9.122  0.950   1.00 49.51 ? 48  ASN A O   1 
ATOM   352  C CB  . ASN A 1 48  ? 14.634  -7.734  2.736   1.00 54.26 ? 48  ASN A CB  1 
ATOM   353  C CG  . ASN A 1 48  ? 15.797  -6.836  2.347   1.00 57.55 ? 48  ASN A CG  1 
ATOM   354  O OD1 . ASN A 1 48  ? 16.946  -7.107  2.697   1.00 62.30 ? 48  ASN A OD1 1 
ATOM   355  N ND2 . ASN A 1 48  ? 15.505  -5.765  1.617   1.00 58.60 ? 48  ASN A ND2 1 
ATOM   356  N N   . SER A 1 49  ? 11.260  -8.524  2.565   1.00 46.39 ? 49  SER A N   1 
ATOM   357  C CA  . SER A 1 49  ? 10.342  -9.617  2.255   1.00 43.81 ? 49  SER A CA  1 
ATOM   358  C C   . SER A 1 49  ? 8.955   -9.134  1.820   1.00 41.53 ? 49  SER A C   1 
ATOM   359  O O   . SER A 1 49  ? 8.146   -9.923  1.325   1.00 41.44 ? 49  SER A O   1 
ATOM   360  C CB  . SER A 1 49  ? 10.213  -10.564 3.451   1.00 43.41 ? 49  SER A CB  1 
ATOM   361  O OG  . SER A 1 49  ? 9.743   -9.886  4.597   1.00 45.58 ? 49  SER A OG  1 
ATOM   362  N N   . ILE A 1 50  ? 8.682   -7.845  2.006   1.00 37.71 ? 50  ILE A N   1 
ATOM   363  C CA  . ILE A 1 50  ? 7.397   -7.272  1.606   1.00 34.42 ? 50  ILE A CA  1 
ATOM   364  C C   . ILE A 1 50  ? 7.429   -7.001  0.101   1.00 32.39 ? 50  ILE A C   1 
ATOM   365  O O   . ILE A 1 50  ? 8.413   -6.486  -0.422  1.00 31.79 ? 50  ILE A O   1 
ATOM   366  C CB  . ILE A 1 50  ? 7.110   -5.954  2.370   1.00 33.99 ? 50  ILE A CB  1 
ATOM   367  C CG1 . ILE A 1 50  ? 6.833   -6.269  3.842   1.00 33.53 ? 50  ILE A CG1 1 
ATOM   368  C CG2 . ILE A 1 50  ? 5.923   -5.217  1.740   1.00 31.63 ? 50  ILE A CG2 1 
ATOM   369  C CD1 . ILE A 1 50  ? 6.742   -5.043  4.737   1.00 30.88 ? 50  ILE A CD1 1 
ATOM   370  N N   . ASP A 1 51  ? 6.350   -7.344  -0.593  1.00 31.30 ? 51  ASP A N   1 
ATOM   371  C CA  . ASP A 1 51  ? 6.289   -7.146  -2.035  1.00 30.79 ? 51  ASP A CA  1 
ATOM   372  C C   . ASP A 1 51  ? 5.478   -5.922  -2.438  1.00 30.34 ? 51  ASP A C   1 
ATOM   373  O O   . ASP A 1 51  ? 5.771   -5.274  -3.443  1.00 29.32 ? 51  ASP A O   1 
ATOM   374  C CB  . ASP A 1 51  ? 5.710   -8.401  -2.694  1.00 31.16 ? 51  ASP A CB  1 
ATOM   375  C CG  . ASP A 1 51  ? 6.534   -9.638  -2.396  1.00 32.35 ? 51  ASP A CG  1 
ATOM   376  O OD1 . ASP A 1 51  ? 7.727   -9.637  -2.750  1.00 33.40 ? 51  ASP A OD1 1 
ATOM   377  O OD2 . ASP A 1 51  ? 5.999   -10.602 -1.802  1.00 32.72 ? 51  ASP A OD2 1 
ATOM   378  N N   . VAL A 1 52  ? 4.465   -5.600  -1.641  1.00 29.24 ? 52  VAL A N   1 
ATOM   379  C CA  . VAL A 1 52  ? 3.608   -4.459  -1.932  1.00 28.50 ? 52  VAL A CA  1 
ATOM   380  C C   . VAL A 1 52  ? 3.102   -3.811  -0.651  1.00 28.55 ? 52  VAL A C   1 
ATOM   381  O O   . VAL A 1 52  ? 2.809   -4.494  0.333   1.00 29.64 ? 52  VAL A O   1 
ATOM   382  C CB  . VAL A 1 52  ? 2.357   -4.884  -2.747  1.00 28.49 ? 52  VAL A CB  1 
ATOM   383  C CG1 . VAL A 1 52  ? 1.585   -3.656  -3.195  1.00 29.93 ? 52  VAL A CG1 1 
ATOM   384  C CG2 . VAL A 1 52  ? 2.758   -5.743  -3.941  1.00 28.27 ? 52  VAL A CG2 1 
ATOM   385  N N   . VAL A 1 53  ? 3.010   -2.486  -0.665  1.00 28.56 ? 53  VAL A N   1 
ATOM   386  C CA  . VAL A 1 53  ? 2.464   -1.768  0.476   1.00 28.93 ? 53  VAL A CA  1 
ATOM   387  C C   . VAL A 1 53  ? 1.223   -1.046  -0.019  1.00 29.99 ? 53  VAL A C   1 
ATOM   388  O O   . VAL A 1 53  ? 1.238   -0.410  -1.076  1.00 30.21 ? 53  VAL A O   1 
ATOM   389  C CB  . VAL A 1 53  ? 3.432   -0.713  1.048   1.00 29.24 ? 53  VAL A CB  1 
ATOM   390  C CG1 . VAL A 1 53  ? 2.732   0.061   2.170   1.00 28.37 ? 53  VAL A CG1 1 
ATOM   391  C CG2 . VAL A 1 53  ? 4.689   -1.389  1.591   1.00 27.85 ? 53  VAL A CG2 1 
ATOM   392  N N   . ILE A 1 54  ? 0.144   -1.176  0.740   1.00 28.98 ? 54  ILE A N   1 
ATOM   393  C CA  . ILE A 1 54  ? -1.113  -0.530  0.412   1.00 28.37 ? 54  ILE A CA  1 
ATOM   394  C C   . ILE A 1 54  ? -1.454  0.356   1.603   1.00 28.95 ? 54  ILE A C   1 
ATOM   395  O O   . ILE A 1 54  ? -1.476  -0.106  2.741   1.00 30.87 ? 54  ILE A O   1 
ATOM   396  C CB  . ILE A 1 54  ? -2.251  -1.557  0.213   1.00 28.04 ? 54  ILE A CB  1 
ATOM   397  C CG1 . ILE A 1 54  ? -1.908  -2.513  -0.938  1.00 27.53 ? 54  ILE A CG1 1 
ATOM   398  C CG2 . ILE A 1 54  ? -3.561  -0.833  -0.100  1.00 27.06 ? 54  ILE A CG2 1 
ATOM   399  C CD1 . ILE A 1 54  ? -2.904  -3.642  -1.094  1.00 28.37 ? 54  ILE A CD1 1 
ATOM   400  N N   . THR A 1 55  ? -1.705  1.631   1.345   1.00 28.86 ? 55  THR A N   1 
ATOM   401  C CA  . THR A 1 55  ? -2.046  2.545   2.428   1.00 29.41 ? 55  THR A CA  1 
ATOM   402  C C   . THR A 1 55  ? -3.145  3.490   1.992   1.00 29.44 ? 55  THR A C   1 
ATOM   403  O O   . THR A 1 55  ? -3.287  3.783   0.810   1.00 29.72 ? 55  THR A O   1 
ATOM   404  C CB  . THR A 1 55  ? -0.820  3.402   2.859   1.00 29.62 ? 55  THR A CB  1 
ATOM   405  O OG1 . THR A 1 55  ? -1.201  4.278   3.931   1.00 30.67 ? 55  THR A OG1 1 
ATOM   406  C CG2 . THR A 1 55  ? -0.318  4.250   1.695   1.00 27.57 ? 55  THR A CG2 1 
ATOM   407  N N   . ASP A 1 56  ? -3.933  3.958   2.953   1.00 30.96 ? 56  ASP A N   1 
ATOM   408  C CA  . ASP A 1 56  ? -4.983  4.912   2.648   1.00 32.51 ? 56  ASP A CA  1 
ATOM   409  C C   . ASP A 1 56  ? -4.237  6.230   2.469   1.00 31.78 ? 56  ASP A C   1 
ATOM   410  O O   . ASP A 1 56  ? -3.160  6.411   3.040   1.00 31.33 ? 56  ASP A O   1 
ATOM   411  C CB  . ASP A 1 56  ? -5.979  5.008   3.810   1.00 33.94 ? 56  ASP A CB  1 
ATOM   412  C CG  . ASP A 1 56  ? -7.269  5.703   3.415   1.00 38.41 ? 56  ASP A CG  1 
ATOM   413  O OD1 . ASP A 1 56  ? -7.257  6.940   3.231   1.00 40.58 ? 56  ASP A OD1 1 
ATOM   414  O OD2 . ASP A 1 56  ? -8.298  5.007   3.276   1.00 39.52 ? 56  ASP A OD2 1 
ATOM   415  N N   . MET A 1 57  ? -4.776  7.134   1.660   1.00 29.40 ? 57  MET A N   1 
ATOM   416  C CA  . MET A 1 57  ? -4.116  8.417   1.448   1.00 32.32 ? 57  MET A CA  1 
ATOM   417  C C   . MET A 1 57  ? -4.164  9.238   2.732   1.00 33.41 ? 57  MET A C   1 
ATOM   418  O O   . MET A 1 57  ? -3.244  10.001  3.028   1.00 33.04 ? 57  MET A O   1 
ATOM   419  C CB  . MET A 1 57  ? -4.792  9.201   0.323   1.00 30.95 ? 57  MET A CB  1 
ATOM   420  C CG  . MET A 1 57  ? -4.227  10.612  0.110   1.00 31.35 ? 57  MET A CG  1 
ATOM   421  S SD  . MET A 1 57  ? -2.493  10.664  -0.374  1.00 30.20 ? 57  MET A SD  1 
ATOM   422  C CE  . MET A 1 57  ? -2.634  10.533  -2.182  1.00 33.79 ? 57  MET A CE  1 
ATOM   423  N N   . LYS A 1 58  ? -5.238  9.088   3.493   1.00 34.43 ? 58  LYS A N   1 
ATOM   424  C CA  . LYS A 1 58  ? -5.345  9.847   4.724   1.00 38.85 ? 58  LYS A CA  1 
ATOM   425  C C   . LYS A 1 58  ? -5.171  8.993   5.963   1.00 37.98 ? 58  LYS A C   1 
ATOM   426  O O   . LYS A 1 58  ? -5.869  7.999   6.174   1.00 38.90 ? 58  LYS A O   1 
ATOM   427  C CB  . LYS A 1 58  ? -6.671  10.608  4.776   1.00 41.70 ? 58  LYS A CB  1 
ATOM   428  C CG  . LYS A 1 58  ? -7.914  9.754   4.733   1.00 47.56 ? 58  LYS A CG  1 
ATOM   429  C CD  . LYS A 1 58  ? -8.956  10.406  3.830   1.00 50.87 ? 58  LYS A CD  1 
ATOM   430  C CE  . LYS A 1 58  ? -9.146  11.886  4.152   1.00 49.99 ? 58  LYS A CE  1 
ATOM   431  N NZ  . LYS A 1 58  ? -9.896  12.584  3.069   1.00 52.27 ? 58  LYS A NZ  1 
ATOM   432  N N   . MET A 1 59  ? -4.204  9.393   6.774   1.00 37.26 ? 59  MET A N   1 
ATOM   433  C CA  . MET A 1 59  ? -3.896  8.708   8.015   1.00 37.10 ? 59  MET A CA  1 
ATOM   434  C C   . MET A 1 59  ? -3.531  9.795   9.017   1.00 37.61 ? 59  MET A C   1 
ATOM   435  O O   . MET A 1 59  ? -3.041  10.856  8.640   1.00 36.55 ? 59  MET A O   1 
ATOM   436  C CB  . MET A 1 59  ? -2.705  7.760   7.826   1.00 35.56 ? 59  MET A CB  1 
ATOM   437  C CG  . MET A 1 59  ? -3.008  6.482   7.038   1.00 33.40 ? 59  MET A CG  1 
ATOM   438  S SD  . MET A 1 59  ? -4.098  5.350   7.906   1.00 26.87 ? 59  MET A SD  1 
ATOM   439  C CE  . MET A 1 59  ? -2.954  4.698   9.194   1.00 31.66 ? 59  MET A CE  1 
ATOM   440  N N   . PRO A 1 60  ? -3.794  9.554   10.305  1.00 38.47 ? 60  PRO A N   1 
ATOM   441  C CA  . PRO A 1 60  ? -3.453  10.571  11.303  1.00 39.95 ? 60  PRO A CA  1 
ATOM   442  C C   . PRO A 1 60  ? -1.934  10.760  11.362  1.00 41.32 ? 60  PRO A C   1 
ATOM   443  O O   . PRO A 1 60  ? -1.175  9.836   11.055  1.00 41.62 ? 60  PRO A O   1 
ATOM   444  C CB  . PRO A 1 60  ? -4.001  9.979   12.599  1.00 39.98 ? 60  PRO A CB  1 
ATOM   445  C CG  . PRO A 1 60  ? -5.131  9.100   12.139  1.00 40.54 ? 60  PRO A CG  1 
ATOM   446  C CD  . PRO A 1 60  ? -4.560  8.450   10.906  1.00 39.19 ? 60  PRO A CD  1 
ATOM   447  N N   . LYS A 1 61  ? -1.503  11.960  11.745  1.00 41.31 ? 61  LYS A N   1 
ATOM   448  C CA  . LYS A 1 61  ? -0.083  12.288  11.884  1.00 41.88 ? 61  LYS A CA  1 
ATOM   449  C C   . LYS A 1 61  ? 0.720   12.264  10.584  1.00 40.95 ? 61  LYS A C   1 
ATOM   450  O O   . LYS A 1 61  ? 1.230   13.296  10.154  1.00 41.80 ? 61  LYS A O   1 
ATOM   451  C CB  . LYS A 1 61  ? 0.562   11.355  12.914  1.00 42.61 ? 61  LYS A CB  1 
ATOM   452  C CG  . LYS A 1 61  ? -0.144  11.357  14.267  1.00 44.14 ? 61  LYS A CG  1 
ATOM   453  C CD  . LYS A 1 61  ? 0.520   10.396  15.243  1.00 45.86 ? 61  LYS A CD  1 
ATOM   454  C CE  . LYS A 1 61  ? -0.266  10.276  16.541  1.00 46.68 ? 61  LYS A CE  1 
ATOM   455  N NZ  . LYS A 1 61  ? -0.393  11.581  17.240  1.00 50.24 ? 61  LYS A NZ  1 
ATOM   456  N N   . LEU A 1 62  ? 0.857   11.090  9.978   1.00 39.08 ? 62  LEU A N   1 
ATOM   457  C CA  . LEU A 1 62  ? 1.584   10.961  8.718   1.00 38.53 ? 62  LEU A CA  1 
ATOM   458  C C   . LEU A 1 62  ? 0.608   10.467  7.655   1.00 37.79 ? 62  LEU A C   1 
ATOM   459  O O   . LEU A 1 62  ? -0.005  9.414   7.816   1.00 37.85 ? 62  LEU A O   1 
ATOM   460  C CB  . LEU A 1 62  ? 2.741   9.965   8.850   1.00 38.87 ? 62  LEU A CB  1 
ATOM   461  C CG  . LEU A 1 62  ? 3.904   10.335  9.777   1.00 40.84 ? 62  LEU A CG  1 
ATOM   462  C CD1 . LEU A 1 62  ? 4.883   9.177   9.853   1.00 40.97 ? 62  LEU A CD1 1 
ATOM   463  C CD2 . LEU A 1 62  ? 4.595   11.591  9.267   1.00 40.76 ? 62  LEU A CD2 1 
ATOM   464  N N   . SER A 1 63  ? 0.470   11.230  6.576   1.00 37.63 ? 63  SER A N   1 
ATOM   465  C CA  . SER A 1 63  ? -0.451  10.870  5.497   1.00 37.42 ? 63  SER A CA  1 
ATOM   466  C C   . SER A 1 63  ? 0.160   9.827   4.580   1.00 36.99 ? 63  SER A C   1 
ATOM   467  O O   . SER A 1 63  ? 1.314   9.429   4.754   1.00 35.78 ? 63  SER A O   1 
ATOM   468  C CB  . SER A 1 63  ? -0.799  12.102  4.660   1.00 35.46 ? 63  SER A CB  1 
ATOM   469  O OG  . SER A 1 63  ? 0.296   12.475  3.839   1.00 35.37 ? 63  SER A OG  1 
ATOM   470  N N   . GLY A 1 64  ? -0.621  9.392   3.591   1.00 36.91 ? 64  GLY A N   1 
ATOM   471  C CA  . GLY A 1 64  ? -0.124  8.412   2.648   1.00 34.33 ? 64  GLY A CA  1 
ATOM   472  C C   . GLY A 1 64  ? 1.053   8.994   1.894   1.00 35.49 ? 64  GLY A C   1 
ATOM   473  O O   . GLY A 1 64  ? 1.950   8.269   1.466   1.00 35.09 ? 64  GLY A O   1 
ATOM   474  N N   . MET A 1 65  ? 1.047   10.315  1.727   1.00 35.86 ? 65  MET A N   1 
ATOM   475  C CA  . MET A 1 65  ? 2.133   10.997  1.029   1.00 37.76 ? 65  MET A CA  1 
ATOM   476  C C   . MET A 1 65  ? 3.416   10.873  1.846   1.00 37.97 ? 65  MET A C   1 
ATOM   477  O O   . MET A 1 65  ? 4.482   10.569  1.308   1.00 37.00 ? 65  MET A O   1 
ATOM   478  C CB  . MET A 1 65  ? 1.804   12.479  0.838   1.00 38.44 ? 65  MET A CB  1 
ATOM   479  C CG  . MET A 1 65  ? 0.520   12.747  0.064   1.00 40.95 ? 65  MET A CG  1 
ATOM   480  S SD  . MET A 1 65  ? 0.550   12.018  -1.584  1.00 38.29 ? 65  MET A SD  1 
ATOM   481  C CE  . MET A 1 65  ? 1.993   12.803  -2.286  1.00 38.00 ? 65  MET A CE  1 
ATOM   482  N N   . ASP A 1 66  ? 3.306   11.121  3.149   1.00 38.92 ? 66  ASP A N   1 
ATOM   483  C CA  . ASP A 1 66  ? 4.466   11.034  4.032   1.00 38.10 ? 66  ASP A CA  1 
ATOM   484  C C   . ASP A 1 66  ? 4.964   9.595   4.061   1.00 37.28 ? 66  ASP A C   1 
ATOM   485  O O   . ASP A 1 66  ? 6.161   9.339   3.949   1.00 35.77 ? 66  ASP A O   1 
ATOM   486  C CB  . ASP A 1 66  ? 4.100   11.497  5.448   1.00 39.22 ? 66  ASP A CB  1 
ATOM   487  C CG  . ASP A 1 66  ? 3.584   12.926  5.480   1.00 39.68 ? 66  ASP A CG  1 
ATOM   488  O OD1 . ASP A 1 66  ? 4.174   13.788  4.792   1.00 41.88 ? 66  ASP A OD1 1 
ATOM   489  O OD2 . ASP A 1 66  ? 2.599   13.191  6.197   1.00 39.49 ? 66  ASP A OD2 1 
ATOM   490  N N   . ILE A 1 67  ? 4.027   8.661   4.211   1.00 36.77 ? 67  ILE A N   1 
ATOM   491  C CA  . ILE A 1 67  ? 4.343   7.239   4.242   1.00 36.41 ? 67  ILE A CA  1 
ATOM   492  C C   . ILE A 1 67  ? 5.061   6.849   2.955   1.00 35.96 ? 67  ILE A C   1 
ATOM   493  O O   . ILE A 1 67  ? 6.095   6.185   2.991   1.00 33.64 ? 67  ILE A O   1 
ATOM   494  C CB  . ILE A 1 67  ? 3.055   6.397   4.397   1.00 36.64 ? 67  ILE A CB  1 
ATOM   495  C CG1 . ILE A 1 67  ? 2.487   6.591   5.808   1.00 36.98 ? 67  ILE A CG1 1 
ATOM   496  C CG2 . ILE A 1 67  ? 3.344   4.918   4.118   1.00 36.09 ? 67  ILE A CG2 1 
ATOM   497  C CD1 . ILE A 1 67  ? 1.161   5.909   6.041   1.00 35.82 ? 67  ILE A CD1 1 
ATOM   498  N N   . LEU A 1 68  ? 4.513   7.274   1.818   1.00 36.59 ? 68  LEU A N   1 
ATOM   499  C CA  . LEU A 1 68  ? 5.129   6.970   0.533   1.00 36.01 ? 68  LEU A CA  1 
ATOM   500  C C   . LEU A 1 68  ? 6.571   7.457   0.501   1.00 36.09 ? 68  LEU A C   1 
ATOM   501  O O   . LEU A 1 68  ? 7.482   6.689   0.208   1.00 36.11 ? 68  LEU A O   1 
ATOM   502  C CB  . LEU A 1 68  ? 4.355   7.631   -0.610  1.00 35.81 ? 68  LEU A CB  1 
ATOM   503  C CG  . LEU A 1 68  ? 5.035   7.605   -1.988  1.00 35.78 ? 68  LEU A CG  1 
ATOM   504  C CD1 . LEU A 1 68  ? 5.158   6.169   -2.507  1.00 35.96 ? 68  LEU A CD1 1 
ATOM   505  C CD2 . LEU A 1 68  ? 4.226   8.456   -2.958  1.00 36.41 ? 68  LEU A CD2 1 
ATOM   506  N N   . ARG A 1 69  ? 6.774   8.736   0.808   1.00 36.90 ? 69  ARG A N   1 
ATOM   507  C CA  . ARG A 1 69  ? 8.116   9.312   0.780   1.00 38.28 ? 69  ARG A CA  1 
ATOM   508  C C   . ARG A 1 69  ? 9.122   8.559   1.643   1.00 37.48 ? 69  ARG A C   1 
ATOM   509  O O   . ARG A 1 69  ? 10.261  8.358   1.232   1.00 38.23 ? 69  ARG A O   1 
ATOM   510  C CB  . ARG A 1 69  ? 8.077   10.785  1.196   1.00 41.27 ? 69  ARG A CB  1 
ATOM   511  C CG  . ARG A 1 69  ? 7.263   11.666  0.261   1.00 46.02 ? 69  ARG A CG  1 
ATOM   512  C CD  . ARG A 1 69  ? 7.543   13.146  0.495   1.00 49.82 ? 69  ARG A CD  1 
ATOM   513  N NE  . ARG A 1 69  ? 6.691   14.003  -0.326  1.00 54.29 ? 69  ARG A NE  1 
ATOM   514  C CZ  . ARG A 1 69  ? 5.484   14.432  0.033   1.00 56.27 ? 69  ARG A CZ  1 
ATOM   515  N NH1 . ARG A 1 69  ? 4.976   14.089  1.209   1.00 57.86 ? 69  ARG A NH1 1 
ATOM   516  N NH2 . ARG A 1 69  ? 4.782   15.207  -0.785  1.00 56.43 ? 69  ARG A NH2 1 
ATOM   517  N N   . GLU A 1 70  ? 8.707   8.134   2.832   1.00 37.34 ? 70  GLU A N   1 
ATOM   518  C CA  . GLU A 1 70  ? 9.616   7.405   3.707   1.00 36.83 ? 70  GLU A CA  1 
ATOM   519  C C   . GLU A 1 70  ? 9.966   6.032   3.147   1.00 36.73 ? 70  GLU A C   1 
ATOM   520  O O   . GLU A 1 70  ? 11.113  5.600   3.223   1.00 33.21 ? 70  GLU A O   1 
ATOM   521  C CB  . GLU A 1 70  ? 9.017   7.272   5.109   1.00 37.26 ? 70  GLU A CB  1 
ATOM   522  C CG  . GLU A 1 70  ? 8.962   8.591   5.861   1.00 40.53 ? 70  GLU A CG  1 
ATOM   523  C CD  . GLU A 1 70  ? 10.281  9.346   5.789   1.00 41.24 ? 70  GLU A CD  1 
ATOM   524  O OE1 . GLU A 1 70  ? 11.318  8.761   6.161   1.00 41.93 ? 70  GLU A OE1 1 
ATOM   525  O OE2 . GLU A 1 70  ? 10.279  10.522  5.355   1.00 44.38 ? 70  GLU A OE2 1 
ATOM   526  N N   . ILE A 1 71  ? 8.978   5.344   2.580   1.00 37.50 ? 71  ILE A N   1 
ATOM   527  C CA  . ILE A 1 71  ? 9.227   4.023   2.008   1.00 37.14 ? 71  ILE A CA  1 
ATOM   528  C C   . ILE A 1 71  ? 10.223  4.100   0.854   1.00 37.61 ? 71  ILE A C   1 
ATOM   529  O O   . ILE A 1 71  ? 11.110  3.259   0.740   1.00 39.20 ? 71  ILE A O   1 
ATOM   530  C CB  . ILE A 1 71  ? 7.915   3.371   1.492   1.00 36.83 ? 71  ILE A CB  1 
ATOM   531  C CG1 . ILE A 1 71  ? 7.036   2.975   2.679   1.00 35.48 ? 71  ILE A CG1 1 
ATOM   532  C CG2 . ILE A 1 71  ? 8.242   2.150   0.625   1.00 35.30 ? 71  ILE A CG2 1 
ATOM   533  C CD1 . ILE A 1 71  ? 5.658   2.473   2.284   1.00 35.29 ? 71  ILE A CD1 1 
ATOM   534  N N   . LYS A 1 72  ? 10.075  5.114   0.008   1.00 39.63 ? 72  LYS A N   1 
ATOM   535  C CA  . LYS A 1 72  ? 10.953  5.296   -1.146  1.00 43.10 ? 72  LYS A CA  1 
ATOM   536  C C   . LYS A 1 72  ? 12.412  5.526   -0.748  1.00 44.38 ? 72  LYS A C   1 
ATOM   537  O O   . LYS A 1 72  ? 13.330  5.150   -1.478  1.00 42.10 ? 72  LYS A O   1 
ATOM   538  C CB  . LYS A 1 72  ? 10.470  6.479   -1.986  1.00 45.47 ? 72  LYS A CB  1 
ATOM   539  C CG  . LYS A 1 72  ? 9.051   6.339   -2.521  1.00 49.13 ? 72  LYS A CG  1 
ATOM   540  C CD  . LYS A 1 72  ? 9.019   5.807   -3.946  1.00 52.15 ? 72  LYS A CD  1 
ATOM   541  C CE  . LYS A 1 72  ? 9.430   4.345   -4.033  1.00 52.49 ? 72  LYS A CE  1 
ATOM   542  N NZ  . LYS A 1 72  ? 9.423   3.907   -5.452  1.00 52.64 ? 72  LYS A NZ  1 
ATOM   543  N N   . LYS A 1 73  ? 12.623  6.153   0.404   1.00 45.38 ? 73  LYS A N   1 
ATOM   544  C CA  . LYS A 1 73  ? 13.976  6.417   0.876   1.00 46.22 ? 73  LYS A CA  1 
ATOM   545  C C   . LYS A 1 73  ? 14.642  5.130   1.348   1.00 46.11 ? 73  LYS A C   1 
ATOM   546  O O   . LYS A 1 73  ? 15.853  4.965   1.220   1.00 48.13 ? 73  LYS A O   1 
ATOM   547  C CB  . LYS A 1 73  ? 13.947  7.446   2.009   1.00 47.63 ? 73  LYS A CB  1 
ATOM   548  C CG  . LYS A 1 73  ? 13.525  8.831   1.557   1.00 48.74 ? 73  LYS A CG  1 
ATOM   549  C CD  . LYS A 1 73  ? 13.377  9.780   2.734   1.00 52.00 ? 73  LYS A CD  1 
ATOM   550  C CE  . LYS A 1 73  ? 12.924  11.156  2.274   1.00 52.24 ? 73  LYS A CE  1 
ATOM   551  N NZ  . LYS A 1 73  ? 13.916  11.784  1.353   1.00 54.52 ? 73  LYS A NZ  1 
ATOM   552  N N   . ILE A 1 74  ? 13.842  4.215   1.884   1.00 45.51 ? 74  ILE A N   1 
ATOM   553  C CA  . ILE A 1 74  ? 14.341  2.936   2.376   1.00 46.11 ? 74  ILE A CA  1 
ATOM   554  C C   . ILE A 1 74  ? 14.484  1.938   1.223   1.00 46.97 ? 74  ILE A C   1 
ATOM   555  O O   . ILE A 1 74  ? 15.554  1.367   1.000   1.00 46.57 ? 74  ILE A O   1 
ATOM   556  C CB  . ILE A 1 74  ? 13.376  2.359   3.426   1.00 47.36 ? 74  ILE A CB  1 
ATOM   557  C CG1 . ILE A 1 74  ? 13.222  3.354   4.579   1.00 48.60 ? 74  ILE A CG1 1 
ATOM   558  C CG2 . ILE A 1 74  ? 13.880  1.016   3.925   1.00 47.86 ? 74  ILE A CG2 1 
ATOM   559  C CD1 . ILE A 1 74  ? 12.102  3.008   5.541   1.00 47.91 ? 74  ILE A CD1 1 
ATOM   560  N N   . THR A 1 75  ? 13.389  1.735   0.497   1.00 45.56 ? 75  THR A N   1 
ATOM   561  C CA  . THR A 1 75  ? 13.359  0.820   -0.641  1.00 44.02 ? 75  THR A CA  1 
ATOM   562  C C   . THR A 1 75  ? 12.857  1.597   -1.853  1.00 44.27 ? 75  THR A C   1 
ATOM   563  O O   . THR A 1 75  ? 11.651  1.690   -2.093  1.00 41.16 ? 75  THR A O   1 
ATOM   564  C CB  . THR A 1 75  ? 12.415  -0.361  -0.372  1.00 44.40 ? 75  THR A CB  1 
ATOM   565  O OG1 . THR A 1 75  ? 11.169  0.136   0.132   1.00 45.33 ? 75  THR A OG1 1 
ATOM   566  C CG2 . THR A 1 75  ? 13.027  -1.315  0.642   1.00 43.99 ? 75  THR A CG2 1 
ATOM   567  N N   . PRO A 1 76  ? 13.787  2.163   -2.637  1.00 42.61 ? 76  PRO A N   1 
ATOM   568  C CA  . PRO A 1 76  ? 13.497  2.956   -3.836  1.00 42.33 ? 76  PRO A CA  1 
ATOM   569  C C   . PRO A 1 76  ? 12.580  2.311   -4.873  1.00 40.41 ? 76  PRO A C   1 
ATOM   570  O O   . PRO A 1 76  ? 11.878  3.011   -5.597  1.00 40.03 ? 76  PRO A O   1 
ATOM   571  C CB  . PRO A 1 76  ? 14.888  3.235   -4.407  1.00 43.50 ? 76  PRO A CB  1 
ATOM   572  C CG  . PRO A 1 76  ? 15.752  3.263   -3.180  1.00 44.78 ? 76  PRO A CG  1 
ATOM   573  C CD  . PRO A 1 76  ? 15.242  2.066   -2.422  1.00 44.34 ? 76  PRO A CD  1 
ATOM   574  N N   . HIS A 1 77  ? 12.583  0.986   -4.950  1.00 38.80 ? 77  HIS A N   1 
ATOM   575  C CA  . HIS A 1 77  ? 11.763  0.309   -5.952  1.00 38.73 ? 77  HIS A CA  1 
ATOM   576  C C   . HIS A 1 77  ? 10.540  -0.421  -5.402  1.00 35.46 ? 77  HIS A C   1 
ATOM   577  O O   . HIS A 1 77  ? 9.895   -1.178  -6.126  1.00 33.69 ? 77  HIS A O   1 
ATOM   578  C CB  . HIS A 1 77  ? 12.635  -0.667  -6.743  1.00 39.73 ? 77  HIS A CB  1 
ATOM   579  C CG  . HIS A 1 77  ? 13.832  -0.024  -7.372  1.00 41.97 ? 77  HIS A CG  1 
ATOM   580  N ND1 . HIS A 1 77  ? 15.108  -0.526  -7.233  1.00 44.27 ? 77  HIS A ND1 1 
ATOM   581  C CD2 . HIS A 1 77  ? 13.947  1.086   -8.142  1.00 42.52 ? 77  HIS A CD2 1 
ATOM   582  C CE1 . HIS A 1 77  ? 15.958  0.247   -7.887  1.00 43.34 ? 77  HIS A CE1 1 
ATOM   583  N NE2 . HIS A 1 77  ? 15.278  1.232   -8.447  1.00 43.56 ? 77  HIS A NE2 1 
ATOM   584  N N   . MET A 1 78  ? 10.223  -0.187  -4.133  1.00 33.28 ? 78  MET A N   1 
ATOM   585  C CA  . MET A 1 78  ? 9.072   -0.830  -3.506  1.00 30.17 ? 78  MET A CA  1 
ATOM   586  C C   . MET A 1 78  ? 7.778   -0.289  -4.105  1.00 29.06 ? 78  MET A C   1 
ATOM   587  O O   . MET A 1 78  ? 7.628   0.919   -4.300  1.00 28.24 ? 78  MET A O   1 
ATOM   588  C CB  . MET A 1 78  ? 9.082   -0.585  -1.994  1.00 30.58 ? 78  MET A CB  1 
ATOM   589  C CG  . MET A 1 78  ? 7.878   -1.163  -1.232  1.00 28.63 ? 78  MET A CG  1 
ATOM   590  S SD  . MET A 1 78  ? 7.686   -2.976  -1.289  1.00 23.76 ? 78  MET A SD  1 
ATOM   591  C CE  . MET A 1 78  ? 9.161   -3.517  -0.398  1.00 31.58 ? 78  MET A CE  1 
ATOM   592  N N   . ALA A 1 79  ? 6.851   -1.191  -4.408  1.00 27.20 ? 79  ALA A N   1 
ATOM   593  C CA  . ALA A 1 79  ? 5.566   -0.797  -4.968  1.00 27.54 ? 79  ALA A CA  1 
ATOM   594  C C   . ALA A 1 79  ? 4.654   -0.320  -3.851  1.00 27.44 ? 79  ALA A C   1 
ATOM   595  O O   . ALA A 1 79  ? 4.408   -1.046  -2.890  1.00 27.56 ? 79  ALA A O   1 
ATOM   596  C CB  . ALA A 1 79  ? 4.913   -1.977  -5.692  1.00 25.04 ? 79  ALA A CB  1 
ATOM   597  N N   . VAL A 1 80  ? 4.169   0.911   -3.973  1.00 26.00 ? 80  VAL A N   1 
ATOM   598  C CA  . VAL A 1 80  ? 3.255   1.461   -2.987  1.00 27.09 ? 80  VAL A CA  1 
ATOM   599  C C   . VAL A 1 80  ? 1.957   1.845   -3.690  1.00 24.79 ? 80  VAL A C   1 
ATOM   600  O O   . VAL A 1 80  ? 1.959   2.608   -4.655  1.00 26.66 ? 80  VAL A O   1 
ATOM   601  C CB  . VAL A 1 80  ? 3.839   2.706   -2.288  1.00 27.80 ? 80  VAL A CB  1 
ATOM   602  C CG1 . VAL A 1 80  ? 2.830   3.254   -1.287  1.00 29.06 ? 80  VAL A CG1 1 
ATOM   603  C CG2 . VAL A 1 80  ? 5.143   2.338   -1.585  1.00 27.70 ? 80  VAL A CG2 1 
ATOM   604  N N   . ILE A 1 81  ? 0.853   1.286   -3.211  1.00 25.45 ? 81  ILE A N   1 
ATOM   605  C CA  . ILE A 1 81  ? -0.463  1.560   -3.775  1.00 25.48 ? 81  ILE A CA  1 
ATOM   606  C C   . ILE A 1 81  ? -1.253  2.367   -2.754  1.00 26.25 ? 81  ILE A C   1 
ATOM   607  O O   . ILE A 1 81  ? -1.357  1.971   -1.595  1.00 27.70 ? 81  ILE A O   1 
ATOM   608  C CB  . ILE A 1 81  ? -1.228  0.252   -4.058  1.00 27.15 ? 81  ILE A CB  1 
ATOM   609  C CG1 . ILE A 1 81  ? -0.500  -0.546  -5.147  1.00 27.29 ? 81  ILE A CG1 1 
ATOM   610  C CG2 . ILE A 1 81  ? -2.677  0.565   -4.448  1.00 26.21 ? 81  ILE A CG2 1 
ATOM   611  C CD1 . ILE A 1 81  ? -1.055  -1.952  -5.352  1.00 28.17 ? 81  ILE A CD1 1 
ATOM   612  N N   . ILE A 1 82  ? -1.814  3.491   -3.182  1.00 25.54 ? 82  ILE A N   1 
ATOM   613  C CA  . ILE A 1 82  ? -2.581  4.329   -2.272  1.00 27.62 ? 82  ILE A CA  1 
ATOM   614  C C   . ILE A 1 82  ? -4.067  4.311   -2.594  1.00 28.61 ? 82  ILE A C   1 
ATOM   615  O O   . ILE A 1 82  ? -4.459  4.481   -3.745  1.00 27.40 ? 82  ILE A O   1 
ATOM   616  C CB  . ILE A 1 82  ? -2.101  5.798   -2.328  1.00 29.33 ? 82  ILE A CB  1 
ATOM   617  C CG1 . ILE A 1 82  ? -0.591  5.864   -2.078  1.00 31.17 ? 82  ILE A CG1 1 
ATOM   618  C CG2 . ILE A 1 82  ? -2.854  6.632   -1.293  1.00 29.88 ? 82  ILE A CG2 1 
ATOM   619  C CD1 . ILE A 1 82  ? -0.005  7.258   -2.241  1.00 32.50 ? 82  ILE A CD1 1 
ATOM   620  N N   . LEU A 1 83  ? -4.892  4.107   -1.571  1.00 27.95 ? 83  LEU A N   1 
ATOM   621  C CA  . LEU A 1 83  ? -6.340  4.109   -1.749  1.00 29.49 ? 83  LEU A CA  1 
ATOM   622  C C   . LEU A 1 83  ? -6.784  5.542   -1.457  1.00 31.25 ? 83  LEU A C   1 
ATOM   623  O O   . LEU A 1 83  ? -6.516  6.079   -0.378  1.00 30.85 ? 83  LEU A O   1 
ATOM   624  C CB  . LEU A 1 83  ? -6.991  3.116   -0.781  1.00 29.47 ? 83  LEU A CB  1 
ATOM   625  C CG  . LEU A 1 83  ? -6.390  1.703   -0.822  1.00 30.72 ? 83  LEU A CG  1 
ATOM   626  C CD1 . LEU A 1 83  ? -7.278  0.748   -0.029  1.00 30.59 ? 83  LEU A CD1 1 
ATOM   627  C CD2 . LEU A 1 83  ? -6.253  1.230   -2.265  1.00 28.71 ? 83  LEU A CD2 1 
ATOM   628  N N   . THR A 1 84  ? -7.455  6.162   -2.422  1.00 31.39 ? 84  THR A N   1 
ATOM   629  C CA  . THR A 1 84  ? -7.871  7.554   -2.289  1.00 33.80 ? 84  THR A CA  1 
ATOM   630  C C   . THR A 1 84  ? -9.373  7.807   -2.275  1.00 34.71 ? 84  THR A C   1 
ATOM   631  O O   . THR A 1 84  ? -10.147 7.090   -2.906  1.00 32.39 ? 84  THR A O   1 
ATOM   632  C CB  . THR A 1 84  ? -7.264  8.403   -3.423  1.00 35.65 ? 84  THR A CB  1 
ATOM   633  O OG1 . THR A 1 84  ? -7.809  7.977   -4.680  1.00 35.48 ? 84  THR A OG1 1 
ATOM   634  C CG2 . THR A 1 84  ? -5.742  8.227   -3.463  1.00 35.25 ? 84  THR A CG2 1 
ATOM   635  N N   . GLY A 1 85  ? -9.762  8.859   -1.561  1.00 37.96 ? 85  GLY A N   1 
ATOM   636  C CA  . GLY A 1 85  ? -11.161 9.225   -1.462  1.00 41.92 ? 85  GLY A CA  1 
ATOM   637  C C   . GLY A 1 85  ? -11.386 10.674  -1.854  1.00 45.25 ? 85  GLY A C   1 
ATOM   638  O O   . GLY A 1 85  ? -10.664 11.218  -2.692  1.00 44.74 ? 85  GLY A O   1 
ATOM   639  N N   . HIS A 1 86  ? -12.381 11.302  -1.234  1.00 47.62 ? 86  HIS A N   1 
ATOM   640  C CA  . HIS A 1 86  ? -12.717 12.689  -1.531  1.00 50.27 ? 86  HIS A CA  1 
ATOM   641  C C   . HIS A 1 86  ? -11.595 13.682  -1.218  1.00 49.12 ? 86  HIS A C   1 
ATOM   642  O O   . HIS A 1 86  ? -10.990 13.639  -0.146  1.00 48.96 ? 86  HIS A O   1 
ATOM   643  C CB  . HIS A 1 86  ? -13.985 13.092  -0.772  1.00 53.79 ? 86  HIS A CB  1 
ATOM   644  C CG  . HIS A 1 86  ? -14.406 14.508  -1.015  1.00 59.59 ? 86  HIS A CG  1 
ATOM   645  N ND1 . HIS A 1 86  ? -14.574 15.027  -2.282  1.00 60.83 ? 86  HIS A ND1 1 
ATOM   646  C CD2 . HIS A 1 86  ? -14.684 15.517  -0.155  1.00 60.55 ? 86  HIS A CD2 1 
ATOM   647  C CE1 . HIS A 1 86  ? -14.936 16.295  -2.191  1.00 61.95 ? 86  HIS A CE1 1 
ATOM   648  N NE2 . HIS A 1 86  ? -15.010 16.616  -0.912  1.00 62.31 ? 86  HIS A NE2 1 
ATOM   649  N N   . GLY A 1 87  ? -11.327 14.568  -2.174  1.00 47.47 ? 87  GLY A N   1 
ATOM   650  C CA  . GLY A 1 87  ? -10.300 15.578  -2.003  1.00 46.77 ? 87  GLY A CA  1 
ATOM   651  C C   . GLY A 1 87  ? -8.855  15.130  -2.141  1.00 47.02 ? 87  GLY A C   1 
ATOM   652  O O   . GLY A 1 87  ? -7.949  15.964  -2.097  1.00 47.46 ? 87  GLY A O   1 
ATOM   653  N N   . ASP A 1 88  ? -8.624  13.832  -2.324  1.00 45.89 ? 88  ASP A N   1 
ATOM   654  C CA  . ASP A 1 88  ? -7.260  13.313  -2.439  1.00 44.99 ? 88  ASP A CA  1 
ATOM   655  C C   . ASP A 1 88  ? -6.692  13.302  -3.851  1.00 45.59 ? 88  ASP A C   1 
ATOM   656  O O   . ASP A 1 88  ? -5.507  13.034  -4.039  1.00 44.68 ? 88  ASP A O   1 
ATOM   657  C CB  . ASP A 1 88  ? -7.184  11.887  -1.885  1.00 45.16 ? 88  ASP A CB  1 
ATOM   658  C CG  . ASP A 1 88  ? -7.616  11.796  -0.443  1.00 44.88 ? 88  ASP A CG  1 
ATOM   659  O OD1 . ASP A 1 88  ? -7.267  12.708  0.340   1.00 43.37 ? 88  ASP A OD1 1 
ATOM   660  O OD2 . ASP A 1 88  ? -8.292  10.802  -0.089  1.00 45.43 ? 88  ASP A OD2 1 
ATOM   661  N N   . LEU A 1 89  ? -7.532  13.597  -4.836  1.00 46.18 ? 89  LEU A N   1 
ATOM   662  C CA  . LEU A 1 89  ? -7.111  13.581  -6.229  1.00 47.18 ? 89  LEU A CA  1 
ATOM   663  C C   . LEU A 1 89  ? -5.795  14.303  -6.517  1.00 46.50 ? 89  LEU A C   1 
ATOM   664  O O   . LEU A 1 89  ? -4.899  13.732  -7.137  1.00 45.76 ? 89  LEU A O   1 
ATOM   665  C CB  . LEU A 1 89  ? -8.224  14.156  -7.110  1.00 50.13 ? 89  LEU A CB  1 
ATOM   666  C CG  . LEU A 1 89  ? -8.273  13.636  -8.552  1.00 53.28 ? 89  LEU A CG  1 
ATOM   667  C CD1 . LEU A 1 89  ? -7.040  14.084  -9.321  1.00 52.73 ? 89  LEU A CD1 1 
ATOM   668  C CD2 . LEU A 1 89  ? -8.376  12.114  -8.531  1.00 53.35 ? 89  LEU A CD2 1 
ATOM   669  N N   . ASP A 1 90  ? -5.671  15.552  -6.081  1.00 46.33 ? 90  ASP A N   1 
ATOM   670  C CA  . ASP A 1 90  ? -4.442  16.301  -6.321  1.00 45.96 ? 90  ASP A CA  1 
ATOM   671  C C   . ASP A 1 90  ? -3.222  15.587  -5.746  1.00 43.15 ? 90  ASP A C   1 
ATOM   672  O O   . ASP A 1 90  ? -2.194  15.462  -6.413  1.00 41.73 ? 90  ASP A O   1 
ATOM   673  C CB  . ASP A 1 90  ? -4.541  17.707  -5.722  1.00 51.11 ? 90  ASP A CB  1 
ATOM   674  C CG  . ASP A 1 90  ? -5.518  18.588  -6.469  1.00 54.98 ? 90  ASP A CG  1 
ATOM   675  O OD1 . ASP A 1 90  ? -5.342  18.759  -7.695  1.00 58.41 ? 90  ASP A OD1 1 
ATOM   676  O OD2 . ASP A 1 90  ? -6.461  19.112  -5.836  1.00 58.53 ? 90  ASP A OD2 1 
ATOM   677  N N   . ASN A 1 91  ? -3.339  15.124  -4.506  1.00 40.88 ? 91  ASN A N   1 
ATOM   678  C CA  . ASN A 1 91  ? -2.240  14.426  -3.852  1.00 39.23 ? 91  ASN A CA  1 
ATOM   679  C C   . ASN A 1 91  ? -1.949  13.086  -4.522  1.00 36.91 ? 91  ASN A C   1 
ATOM   680  O O   . ASN A 1 91  ? -0.801  12.655  -4.581  1.00 34.92 ? 91  ASN A O   1 
ATOM   681  C CB  . ASN A 1 91  ? -2.559  14.218  -2.373  1.00 40.75 ? 91  ASN A CB  1 
ATOM   682  C CG  . ASN A 1 91  ? -2.318  15.470  -1.547  1.00 44.89 ? 91  ASN A CG  1 
ATOM   683  O OD1 . ASN A 1 91  ? -2.870  15.623  -0.458  1.00 46.94 ? 91  ASN A OD1 1 
ATOM   684  N ND2 . ASN A 1 91  ? -1.480  16.365  -2.059  1.00 43.99 ? 91  ASN A ND2 1 
ATOM   685  N N   . ALA A 1 92  ? -2.992  12.433  -5.024  1.00 37.31 ? 92  ALA A N   1 
ATOM   686  C CA  . ALA A 1 92  ? -2.832  11.148  -5.705  1.00 36.70 ? 92  ALA A CA  1 
ATOM   687  C C   . ALA A 1 92  ? -1.960  11.329  -6.948  1.00 36.47 ? 92  ALA A C   1 
ATOM   688  O O   . ALA A 1 92  ? -1.052  10.536  -7.210  1.00 35.86 ? 92  ALA A O   1 
ATOM   689  C CB  . ALA A 1 92  ? -4.203  10.586  -6.097  1.00 36.46 ? 92  ALA A CB  1 
ATOM   690  N N   . ILE A 1 93  ? -2.243  12.376  -7.718  1.00 36.36 ? 93  ILE A N   1 
ATOM   691  C CA  . ILE A 1 93  ? -1.470  12.659  -8.920  1.00 37.74 ? 93  ILE A CA  1 
ATOM   692  C C   . ILE A 1 93  ? -0.029  12.965  -8.525  1.00 37.40 ? 93  ILE A C   1 
ATOM   693  O O   . ILE A 1 93  ? 0.917   12.485  -9.153  1.00 35.60 ? 93  ILE A O   1 
ATOM   694  C CB  . ILE A 1 93  ? -2.053  13.869  -9.683  1.00 39.78 ? 93  ILE A CB  1 
ATOM   695  C CG1 . ILE A 1 93  ? -3.436  13.518  -10.230 1.00 41.17 ? 93  ILE A CG1 1 
ATOM   696  C CG2 . ILE A 1 93  ? -1.117  14.283  -10.806 1.00 40.74 ? 93  ILE A CG2 1 
ATOM   697  C CD1 . ILE A 1 93  ? -4.158  14.700  -10.844 1.00 42.49 ? 93  ILE A CD1 1 
ATOM   698  N N   . LEU A 1 94  ? 0.137   13.771  -7.482  1.00 36.99 ? 94  LEU A N   1 
ATOM   699  C CA  . LEU A 1 94  ? 1.471   14.117  -7.014  1.00 38.28 ? 94  LEU A CA  1 
ATOM   700  C C   . LEU A 1 94  ? 2.212   12.852  -6.589  1.00 36.80 ? 94  LEU A C   1 
ATOM   701  O O   . LEU A 1 94  ? 3.392   12.687  -6.888  1.00 37.02 ? 94  LEU A O   1 
ATOM   702  C CB  . LEU A 1 94  ? 1.387   15.097  -5.841  1.00 39.52 ? 94  LEU A CB  1 
ATOM   703  C CG  . LEU A 1 94  ? 2.718   15.492  -5.192  1.00 42.73 ? 94  LEU A CG  1 
ATOM   704  C CD1 . LEU A 1 94  ? 3.694   15.999  -6.253  1.00 43.40 ? 94  LEU A CD1 1 
ATOM   705  C CD2 . LEU A 1 94  ? 2.465   16.561  -4.134  1.00 43.09 ? 94  LEU A CD2 1 
ATOM   706  N N   . ALA A 1 95  ? 1.510   11.954  -5.905  1.00 35.49 ? 95  ALA A N   1 
ATOM   707  C CA  . ALA A 1 95  ? 2.113   10.704  -5.451  1.00 34.75 ? 95  ALA A CA  1 
ATOM   708  C C   . ALA A 1 95  ? 2.679   9.909   -6.624  1.00 34.09 ? 95  ALA A C   1 
ATOM   709  O O   . ALA A 1 95  ? 3.760   9.323   -6.528  1.00 33.04 ? 95  ALA A O   1 
ATOM   710  C CB  . ALA A 1 95  ? 1.077   9.864   -4.703  1.00 35.13 ? 95  ALA A CB  1 
ATOM   711  N N   . MET A 1 96  ? 1.946   9.883   -7.731  1.00 34.85 ? 96  MET A N   1 
ATOM   712  C CA  . MET A 1 96  ? 2.398   9.160   -8.913  1.00 36.92 ? 96  MET A CA  1 
ATOM   713  C C   . MET A 1 96  ? 3.693   9.773   -9.423  1.00 38.80 ? 96  MET A C   1 
ATOM   714  O O   . MET A 1 96  ? 4.542   9.077   -9.974  1.00 40.40 ? 96  MET A O   1 
ATOM   715  C CB  . MET A 1 96  ? 1.330   9.199   -10.006 1.00 35.03 ? 96  MET A CB  1 
ATOM   716  C CG  . MET A 1 96  ? 0.066   8.435   -9.654  1.00 32.73 ? 96  MET A CG  1 
ATOM   717  S SD  . MET A 1 96  ? 0.354   6.664   -9.352  1.00 25.04 ? 96  MET A SD  1 
ATOM   718  C CE  . MET A 1 96  ? 1.045   6.146   -10.940 1.00 35.08 ? 96  MET A CE  1 
ATOM   719  N N   . LYS A 1 97  ? 3.842   11.080  -9.246  1.00 41.77 ? 97  LYS A N   1 
ATOM   720  C CA  . LYS A 1 97  ? 5.062   11.752  -9.674  1.00 45.25 ? 97  LYS A CA  1 
ATOM   721  C C   . LYS A 1 97  ? 6.129   11.554  -8.600  1.00 45.73 ? 97  LYS A C   1 
ATOM   722  O O   . LYS A 1 97  ? 7.319   11.752  -8.844  1.00 47.48 ? 97  LYS A O   1 
ATOM   723  C CB  . LYS A 1 97  ? 4.813   13.248  -9.881  1.00 47.74 ? 97  LYS A CB  1 
ATOM   724  C CG  . LYS A 1 97  ? 3.874   13.590  -11.028 1.00 50.13 ? 97  LYS A CG  1 
ATOM   725  C CD  . LYS A 1 97  ? 3.919   15.083  -11.320 1.00 53.44 ? 97  LYS A CD  1 
ATOM   726  C CE  . LYS A 1 97  ? 2.977   15.474  -12.448 1.00 55.39 ? 97  LYS A CE  1 
ATOM   727  N NZ  . LYS A 1 97  ? 1.547   15.353  -12.058 1.00 56.89 ? 97  LYS A NZ  1 
ATOM   728  N N   . GLU A 1 98  ? 5.691   11.152  -7.410  1.00 45.79 ? 98  GLU A N   1 
ATOM   729  C CA  . GLU A 1 98  ? 6.598   10.929  -6.285  1.00 47.62 ? 98  GLU A CA  1 
ATOM   730  C C   . GLU A 1 98  ? 7.108   9.493   -6.227  1.00 46.97 ? 98  GLU A C   1 
ATOM   731  O O   . GLU A 1 98  ? 7.883   9.144   -5.338  1.00 47.36 ? 98  GLU A O   1 
ATOM   732  C CB  . GLU A 1 98  ? 5.895   11.251  -4.965  1.00 50.90 ? 98  GLU A CB  1 
ATOM   733  C CG  . GLU A 1 98  ? 5.428   12.688  -4.827  1.00 56.60 ? 98  GLU A CG  1 
ATOM   734  C CD  . GLU A 1 98  ? 6.574   13.657  -4.649  1.00 58.82 ? 98  GLU A CD  1 
ATOM   735  O OE1 . GLU A 1 98  ? 7.411   13.762  -5.571  1.00 61.36 ? 98  GLU A OE1 1 
ATOM   736  O OE2 . GLU A 1 98  ? 6.635   14.312  -3.585  1.00 58.67 ? 98  GLU A OE2 1 
ATOM   737  N N   . GLY A 1 99  ? 6.666   8.655   -7.158  1.00 43.55 ? 99  GLY A N   1 
ATOM   738  C CA  . GLY A 1 99  ? 7.124   7.279   -7.156  1.00 40.93 ? 99  GLY A CA  1 
ATOM   739  C C   . GLY A 1 99  ? 6.117   6.239   -6.697  1.00 38.15 ? 99  GLY A C   1 
ATOM   740  O O   . GLY A 1 99  ? 6.479   5.074   -6.525  1.00 39.17 ? 99  GLY A O   1 
ATOM   741  N N   . ALA A 1 100 ? 4.865   6.633   -6.482  1.00 33.63 ? 100 ALA A N   1 
ATOM   742  C CA  . ALA A 1 100 ? 3.856   5.658   -6.063  1.00 31.95 ? 100 ALA A CA  1 
ATOM   743  C C   . ALA A 1 100 ? 3.609   4.744   -7.266  1.00 30.91 ? 100 ALA A C   1 
ATOM   744  O O   . ALA A 1 100 ? 3.775   5.171   -8.411  1.00 27.88 ? 100 ALA A O   1 
ATOM   745  C CB  . ALA A 1 100 ? 2.568   6.362   -5.656  1.00 30.67 ? 100 ALA A CB  1 
ATOM   746  N N   . PHE A 1 101 ? 3.217   3.497   -7.010  1.00 29.18 ? 101 PHE A N   1 
ATOM   747  C CA  . PHE A 1 101 ? 2.978   2.547   -8.093  1.00 29.64 ? 101 PHE A CA  1 
ATOM   748  C C   . PHE A 1 101 ? 1.641   2.804   -8.772  1.00 30.65 ? 101 PHE A C   1 
ATOM   749  O O   . PHE A 1 101 ? 1.544   2.809   -10.004 1.00 29.56 ? 101 PHE A O   1 
ATOM   750  C CB  . PHE A 1 101 ? 3.005   1.111   -7.565  1.00 27.87 ? 101 PHE A CB  1 
ATOM   751  C CG  . PHE A 1 101 ? 2.820   0.066   -8.640  1.00 28.71 ? 101 PHE A CG  1 
ATOM   752  C CD1 . PHE A 1 101 ? 3.835   -0.192  -9.555  1.00 27.97 ? 101 PHE A CD1 1 
ATOM   753  C CD2 . PHE A 1 101 ? 1.616   -0.629  -8.757  1.00 28.02 ? 101 PHE A CD2 1 
ATOM   754  C CE1 . PHE A 1 101 ? 3.656   -1.129  -10.578 1.00 29.02 ? 101 PHE A CE1 1 
ATOM   755  C CE2 . PHE A 1 101 ? 1.428   -1.567  -9.774  1.00 28.56 ? 101 PHE A CE2 1 
ATOM   756  C CZ  . PHE A 1 101 ? 2.450   -1.815  -10.685 1.00 25.80 ? 101 PHE A CZ  1 
ATOM   757  N N   . GLU A 1 102 ? 0.615   3.032   -7.957  1.00 29.55 ? 102 GLU A N   1 
ATOM   758  C CA  . GLU A 1 102 ? -0.724  3.278   -8.468  1.00 30.48 ? 102 GLU A CA  1 
ATOM   759  C C   . GLU A 1 102 ? -1.606  3.794   -7.335  1.00 29.23 ? 102 GLU A C   1 
ATOM   760  O O   . GLU A 1 102 ? -1.281  3.620   -6.161  1.00 28.80 ? 102 GLU A O   1 
ATOM   761  C CB  . GLU A 1 102 ? -1.304  1.952   -8.986  1.00 32.67 ? 102 GLU A CB  1 
ATOM   762  C CG  . GLU A 1 102 ? -2.609  2.046   -9.764  1.00 36.52 ? 102 GLU A CG  1 
ATOM   763  C CD  . GLU A 1 102 ? -3.015  0.700   -10.364 1.00 38.77 ? 102 GLU A CD  1 
ATOM   764  O OE1 . GLU A 1 102 ? -2.130  -0.150  -10.580 1.00 39.46 ? 102 GLU A OE1 1 
ATOM   765  O OE2 . GLU A 1 102 ? -4.213  0.493   -10.631 1.00 42.10 ? 102 GLU A OE2 1 
ATOM   766  N N   . TYR A 1 103 ? -2.691  4.473   -7.685  1.00 26.90 ? 103 TYR A N   1 
ATOM   767  C CA  . TYR A 1 103 ? -3.648  4.879   -6.670  1.00 27.52 ? 103 TYR A CA  1 
ATOM   768  C C   . TYR A 1 103 ? -4.981  4.341   -7.157  1.00 29.56 ? 103 TYR A C   1 
ATOM   769  O O   . TYR A 1 103 ? -5.238  4.273   -8.370  1.00 28.09 ? 103 TYR A O   1 
ATOM   770  C CB  . TYR A 1 103 ? -3.685  6.403   -6.437  1.00 29.32 ? 103 TYR A CB  1 
ATOM   771  C CG  . TYR A 1 103 ? -4.117  7.277   -7.592  1.00 28.54 ? 103 TYR A CG  1 
ATOM   772  C CD1 . TYR A 1 103 ? -5.465  7.422   -7.926  1.00 31.20 ? 103 TYR A CD1 1 
ATOM   773  C CD2 . TYR A 1 103 ? -3.174  7.999   -8.322  1.00 28.55 ? 103 TYR A CD2 1 
ATOM   774  C CE1 . TYR A 1 103 ? -5.860  8.272   -8.964  1.00 32.37 ? 103 TYR A CE1 1 
ATOM   775  C CE2 . TYR A 1 103 ? -3.557  8.847   -9.356  1.00 30.98 ? 103 TYR A CE2 1 
ATOM   776  C CZ  . TYR A 1 103 ? -4.896  8.980   -9.671  1.00 32.25 ? 103 TYR A CZ  1 
ATOM   777  O OH  . TYR A 1 103 ? -5.267  9.824   -10.695 1.00 35.85 ? 103 TYR A OH  1 
ATOM   778  N N   . LEU A 1 104 ? -5.803  3.912   -6.210  1.00 28.95 ? 104 LEU A N   1 
ATOM   779  C CA  . LEU A 1 104 ? -7.108  3.354   -6.517  1.00 30.17 ? 104 LEU A CA  1 
ATOM   780  C C   . LEU A 1 104 ? -8.166  4.186   -5.819  1.00 30.01 ? 104 LEU A C   1 
ATOM   781  O O   . LEU A 1 104 ? -8.140  4.350   -4.599  1.00 28.07 ? 104 LEU A O   1 
ATOM   782  C CB  . LEU A 1 104 ? -7.180  1.898   -6.040  1.00 29.43 ? 104 LEU A CB  1 
ATOM   783  C CG  . LEU A 1 104 ? -6.161  0.938   -6.672  1.00 32.02 ? 104 LEU A CG  1 
ATOM   784  C CD1 . LEU A 1 104 ? -6.211  -0.418  -5.966  1.00 31.26 ? 104 LEU A CD1 1 
ATOM   785  C CD2 . LEU A 1 104 ? -6.464  0.782   -8.153  1.00 33.27 ? 104 LEU A CD2 1 
ATOM   786  N N   . ARG A 1 105 ? -9.094  4.717   -6.604  1.00 29.44 ? 105 ARG A N   1 
ATOM   787  C CA  . ARG A 1 105 ? -10.158 5.538   -6.063  1.00 31.26 ? 105 ARG A CA  1 
ATOM   788  C C   . ARG A 1 105 ? -11.245 4.671   -5.438  1.00 31.17 ? 105 ARG A C   1 
ATOM   789  O O   . ARG A 1 105 ? -11.649 3.648   -6.001  1.00 30.28 ? 105 ARG A O   1 
ATOM   790  C CB  . ARG A 1 105 ? -10.729 6.422   -7.175  1.00 34.29 ? 105 ARG A CB  1 
ATOM   791  C CG  . ARG A 1 105 ? -11.792 7.399   -6.725  1.00 40.85 ? 105 ARG A CG  1 
ATOM   792  C CD  . ARG A 1 105 ? -11.917 8.547   -7.728  1.00 47.56 ? 105 ARG A CD  1 
ATOM   793  N NE  . ARG A 1 105 ? -11.829 8.075   -9.108  1.00 48.42 ? 105 ARG A NE  1 
ATOM   794  C CZ  . ARG A 1 105 ? -12.768 8.269   -10.030 1.00 50.56 ? 105 ARG A CZ  1 
ATOM   795  N NH1 . ARG A 1 105 ? -13.877 8.933   -9.724  1.00 48.46 ? 105 ARG A NH1 1 
ATOM   796  N NH2 . ARG A 1 105 ? -12.598 7.790   -11.258 1.00 48.70 ? 105 ARG A NH2 1 
ATOM   797  N N   . LYS A 1 106 ? -11.693 5.080   -4.256  1.00 29.40 ? 106 LYS A N   1 
ATOM   798  C CA  . LYS A 1 106 ? -12.735 4.367   -3.529  1.00 30.60 ? 106 LYS A CA  1 
ATOM   799  C C   . LYS A 1 106 ? -14.088 4.626   -4.178  1.00 32.27 ? 106 LYS A C   1 
ATOM   800  O O   . LYS A 1 106 ? -14.321 5.697   -4.741  1.00 31.88 ? 106 LYS A O   1 
ATOM   801  C CB  . LYS A 1 106 ? -12.778 4.834   -2.076  1.00 31.49 ? 106 LYS A CB  1 
ATOM   802  C CG  . LYS A 1 106 ? -11.500 4.579   -1.290  1.00 33.33 ? 106 LYS A CG  1 
ATOM   803  C CD  . LYS A 1 106 ? -11.584 5.262   0.066   1.00 36.56 ? 106 LYS A CD  1 
ATOM   804  C CE  . LYS A 1 106 ? -10.280 5.164   0.826   1.00 38.65 ? 106 LYS A CE  1 
ATOM   805  N NZ  . LYS A 1 106 ? -10.362 5.937   2.099   1.00 37.67 ? 106 LYS A NZ  1 
ATOM   806  N N   . PRO A 1 107 ? -14.995 3.640   -4.118  1.00 33.38 ? 107 PRO A N   1 
ATOM   807  C CA  . PRO A 1 107 ? -14.770 2.337   -3.478  1.00 32.12 ? 107 PRO A CA  1 
ATOM   808  C C   . PRO A 1 107 ? -13.875 1.457   -4.349  1.00 30.91 ? 107 PRO A C   1 
ATOM   809  O O   . PRO A 1 107 ? -14.041 1.423   -5.565  1.00 29.81 ? 107 PRO A O   1 
ATOM   810  C CB  . PRO A 1 107 ? -16.183 1.781   -3.339  1.00 32.18 ? 107 PRO A CB  1 
ATOM   811  C CG  . PRO A 1 107 ? -16.861 2.324   -4.556  1.00 33.56 ? 107 PRO A CG  1 
ATOM   812  C CD  . PRO A 1 107 ? -16.383 3.757   -4.600  1.00 33.02 ? 107 PRO A CD  1 
ATOM   813  N N   . VAL A 1 108 ? -12.924 0.750   -3.746  1.00 30.67 ? 108 VAL A N   1 
ATOM   814  C CA  . VAL A 1 108 ? -12.054 -0.102  -4.557  1.00 32.66 ? 108 VAL A CA  1 
ATOM   815  C C   . VAL A 1 108 ? -12.590 -1.527  -4.579  1.00 31.78 ? 108 VAL A C   1 
ATOM   816  O O   . VAL A 1 108 ? -13.035 -2.058  -3.561  1.00 30.18 ? 108 VAL A O   1 
ATOM   817  C CB  . VAL A 1 108 ? -10.567 -0.066  -4.064  1.00 35.35 ? 108 VAL A CB  1 
ATOM   818  C CG1 . VAL A 1 108 ? -10.373 1.057   -3.056  1.00 35.01 ? 108 VAL A CG1 1 
ATOM   819  C CG2 . VAL A 1 108 ? -10.146 -1.398  -3.509  1.00 37.72 ? 108 VAL A CG2 1 
ATOM   820  N N   . THR A 1 109 ? -12.572 -2.135  -5.758  1.00 32.31 ? 109 THR A N   1 
ATOM   821  C CA  . THR A 1 109 ? -13.080 -3.491  -5.915  1.00 33.85 ? 109 THR A CA  1 
ATOM   822  C C   . THR A 1 109 ? -11.987 -4.534  -5.739  1.00 34.55 ? 109 THR A C   1 
ATOM   823  O O   . THR A 1 109 ? -10.795 -4.226  -5.844  1.00 34.35 ? 109 THR A O   1 
ATOM   824  C CB  . THR A 1 109 ? -13.715 -3.679  -7.303  1.00 34.62 ? 109 THR A CB  1 
ATOM   825  O OG1 . THR A 1 109 ? -12.697 -3.605  -8.307  1.00 33.70 ? 109 THR A OG1 1 
ATOM   826  C CG2 . THR A 1 109 ? -14.750 -2.590  -7.562  1.00 34.05 ? 109 THR A CG2 1 
ATOM   827  N N   . ALA A 1 110 ? -12.398 -5.767  -5.468  1.00 31.87 ? 110 ALA A N   1 
ATOM   828  C CA  . ALA A 1 110 ? -11.454 -6.859  -5.293  1.00 33.14 ? 110 ALA A CA  1 
ATOM   829  C C   . ALA A 1 110 ? -10.652 -7.018  -6.578  1.00 33.62 ? 110 ALA A C   1 
ATOM   830  O O   . ALA A 1 110 ? -9.461  -7.321  -6.540  1.00 32.86 ? 110 ALA A O   1 
ATOM   831  C CB  . ALA A 1 110 ? -12.197 -8.156  -4.959  1.00 33.46 ? 110 ALA A CB  1 
ATOM   832  N N   . GLN A 1 111 ? -11.308 -6.808  -7.716  1.00 34.65 ? 111 GLN A N   1 
ATOM   833  C CA  . GLN A 1 111 ? -10.638 -6.917  -9.008  1.00 36.72 ? 111 GLN A CA  1 
ATOM   834  C C   . GLN A 1 111 ? -9.572  -5.834  -9.154  1.00 36.31 ? 111 GLN A C   1 
ATOM   835  O O   . GLN A 1 111 ? -8.450  -6.120  -9.580  1.00 37.17 ? 111 GLN A O   1 
ATOM   836  C CB  . GLN A 1 111 ? -11.649 -6.802  -10.152 1.00 39.07 ? 111 GLN A CB  1 
ATOM   837  C CG  . GLN A 1 111 ? -10.998 -6.751  -11.528 1.00 47.18 ? 111 GLN A CG  1 
ATOM   838  C CD  . GLN A 1 111 ? -12.004 -6.634  -12.656 1.00 51.40 ? 111 GLN A CD  1 
ATOM   839  O OE1 . GLN A 1 111 ? -12.850 -5.733  -12.664 1.00 54.42 ? 111 GLN A OE1 1 
ATOM   840  N NE2 . GLN A 1 111 ? -11.914 -7.542  -13.623 1.00 53.28 ? 111 GLN A NE2 1 
ATOM   841  N N   . ASP A 1 112 ? -9.926  -4.593  -8.813  1.00 36.74 ? 112 ASP A N   1 
ATOM   842  C CA  . ASP A 1 112 ? -8.985  -3.464  -8.888  1.00 37.04 ? 112 ASP A CA  1 
ATOM   843  C C   . ASP A 1 112 ? -7.701  -3.786  -8.130  1.00 35.91 ? 112 ASP A C   1 
ATOM   844  O O   . ASP A 1 112 ? -6.589  -3.591  -8.624  1.00 36.32 ? 112 ASP A O   1 
ATOM   845  C CB  . ASP A 1 112 ? -9.552  -2.197  -8.226  1.00 38.13 ? 112 ASP A CB  1 
ATOM   846  C CG  . ASP A 1 112 ? -10.700 -1.577  -8.987  1.00 42.50 ? 112 ASP A CG  1 
ATOM   847  O OD1 . ASP A 1 112 ? -10.720 -1.671  -10.236 1.00 40.27 ? 112 ASP A OD1 1 
ATOM   848  O OD2 . ASP A 1 112 ? -11.574 -0.960  -8.319  1.00 41.98 ? 112 ASP A OD2 1 
ATOM   849  N N   . LEU A 1 113 ? -7.883  -4.249  -6.902  1.00 35.42 ? 113 LEU A N   1 
ATOM   850  C CA  . LEU A 1 113 ? -6.782  -4.573  -6.008  1.00 36.18 ? 113 LEU A CA  1 
ATOM   851  C C   . LEU A 1 113 ? -5.933  -5.739  -6.512  1.00 34.90 ? 113 LEU A C   1 
ATOM   852  O O   . LEU A 1 113 ? -4.700  -5.657  -6.542  1.00 32.81 ? 113 LEU A O   1 
ATOM   853  C CB  . LEU A 1 113 ? -7.359  -4.882  -4.625  1.00 38.47 ? 113 LEU A CB  1 
ATOM   854  C CG  . LEU A 1 113 ? -6.639  -4.448  -3.347  1.00 42.91 ? 113 LEU A CG  1 
ATOM   855  C CD1 . LEU A 1 113 ? -6.060  -3.046  -3.478  1.00 41.35 ? 113 LEU A CD1 1 
ATOM   856  C CD2 . LEU A 1 113 ? -7.648  -4.508  -2.206  1.00 43.36 ? 113 LEU A CD2 1 
ATOM   857  N N   . SER A 1 114 ? -6.592  -6.823  -6.908  1.00 34.13 ? 114 SER A N   1 
ATOM   858  C CA  . SER A 1 114 ? -5.882  -7.996  -7.404  1.00 33.45 ? 114 SER A CA  1 
ATOM   859  C C   . SER A 1 114 ? -5.057  -7.662  -8.651  1.00 30.83 ? 114 SER A C   1 
ATOM   860  O O   . SER A 1 114 ? -3.930  -8.135  -8.799  1.00 31.82 ? 114 SER A O   1 
ATOM   861  C CB  . SER A 1 114 ? -6.874  -9.121  -7.724  1.00 35.09 ? 114 SER A CB  1 
ATOM   862  O OG  . SER A 1 114 ? -6.185  -10.311 -8.071  1.00 37.03 ? 114 SER A OG  1 
ATOM   863  N N   . ILE A 1 115 ? -5.613  -6.851  -9.544  1.00 30.84 ? 115 ILE A N   1 
ATOM   864  C CA  . ILE A 1 115 ? -4.897  -6.471  -10.766 1.00 32.55 ? 115 ILE A CA  1 
ATOM   865  C C   . ILE A 1 115 ? -3.666  -5.634  -10.421 1.00 30.54 ? 115 ILE A C   1 
ATOM   866  O O   . ILE A 1 115 ? -2.559  -5.905  -10.891 1.00 29.09 ? 115 ILE A O   1 
ATOM   867  C CB  . ILE A 1 115 ? -5.788  -5.635  -11.728 1.00 33.82 ? 115 ILE A CB  1 
ATOM   868  C CG1 . ILE A 1 115 ? -6.998  -6.455  -12.189 1.00 37.96 ? 115 ILE A CG1 1 
ATOM   869  C CG2 . ILE A 1 115 ? -4.970  -5.176  -12.929 1.00 34.92 ? 115 ILE A CG2 1 
ATOM   870  C CD1 . ILE A 1 115 ? -6.647  -7.785  -12.807 1.00 41.21 ? 115 ILE A CD1 1 
ATOM   871  N N   . ALA A 1 116 ? -3.870  -4.614  -9.597  1.00 30.10 ? 116 ALA A N   1 
ATOM   872  C CA  . ALA A 1 116 ? -2.780  -3.731  -9.194  1.00 28.17 ? 116 ALA A CA  1 
ATOM   873  C C   . ALA A 1 116 ? -1.665  -4.520  -8.506  1.00 27.71 ? 116 ALA A C   1 
ATOM   874  O O   . ALA A 1 116 ? -0.482  -4.315  -8.786  1.00 27.16 ? 116 ALA A O   1 
ATOM   875  C CB  . ALA A 1 116 ? -3.317  -2.638  -8.266  1.00 28.23 ? 116 ALA A CB  1 
ATOM   876  N N   . ILE A 1 117 ? -2.042  -5.429  -7.614  1.00 27.65 ? 117 ILE A N   1 
ATOM   877  C CA  . ILE A 1 117 ? -1.054  -6.233  -6.901  1.00 29.14 ? 117 ILE A CA  1 
ATOM   878  C C   . ILE A 1 117 ? -0.277  -7.130  -7.858  1.00 29.50 ? 117 ILE A C   1 
ATOM   879  O O   . ILE A 1 117 ? 0.937   -7.274  -7.736  1.00 29.03 ? 117 ILE A O   1 
ATOM   880  C CB  . ILE A 1 117 ? -1.718  -7.096  -5.808  1.00 30.48 ? 117 ILE A CB  1 
ATOM   881  C CG1 . ILE A 1 117 ? -2.145  -6.197  -4.641  1.00 31.36 ? 117 ILE A CG1 1 
ATOM   882  C CG2 . ILE A 1 117 ? -0.749  -8.175  -5.319  1.00 29.97 ? 117 ILE A CG2 1 
ATOM   883  C CD1 . ILE A 1 117 ? -2.906  -6.930  -3.550  1.00 33.69 ? 117 ILE A CD1 1 
ATOM   884  N N   . ASN A 1 118 ? -0.982  -7.729  -8.811  1.00 29.97 ? 118 ASN A N   1 
ATOM   885  C CA  . ASN A 1 118 ? -0.347  -8.601  -9.790  1.00 30.04 ? 118 ASN A CA  1 
ATOM   886  C C   . ASN A 1 118 ? 0.668   -7.816  -10.623 1.00 29.03 ? 118 ASN A C   1 
ATOM   887  O O   . ASN A 1 118 ? 1.767   -8.301  -10.900 1.00 26.65 ? 118 ASN A O   1 
ATOM   888  C CB  . ASN A 1 118 ? -1.402  -9.211  -10.713 1.00 33.84 ? 118 ASN A CB  1 
ATOM   889  C CG  . ASN A 1 118 ? -0.823  -10.259 -11.629 1.00 39.95 ? 118 ASN A CG  1 
ATOM   890  O OD1 . ASN A 1 118 ? -0.993  -10.204 -12.849 1.00 43.82 ? 118 ASN A OD1 1 
ATOM   891  N ND2 . ASN A 1 118 ? -0.131  -11.229 -11.045 1.00 42.66 ? 118 ASN A ND2 1 
ATOM   892  N N   . ASN A 1 119 ? 0.292   -6.603  -11.027 1.00 27.23 ? 119 ASN A N   1 
ATOM   893  C CA  . ASN A 1 119 ? 1.189   -5.761  -11.812 1.00 28.14 ? 119 ASN A CA  1 
ATOM   894  C C   . ASN A 1 119 ? 2.404   -5.346  -10.984 1.00 27.09 ? 119 ASN A C   1 
ATOM   895  O O   . ASN A 1 119 ? 3.522   -5.275  -11.500 1.00 27.20 ? 119 ASN A O   1 
ATOM   896  C CB  . ASN A 1 119 ? 0.445   -4.523  -12.332 1.00 28.96 ? 119 ASN A CB  1 
ATOM   897  C CG  . ASN A 1 119 ? -0.599  -4.874  -13.385 1.00 34.15 ? 119 ASN A CG  1 
ATOM   898  O OD1 . ASN A 1 119 ? -0.473  -5.880  -14.081 1.00 32.91 ? 119 ASN A OD1 1 
ATOM   899  N ND2 . ASN A 1 119 ? -1.619  -4.037  -13.519 1.00 33.33 ? 119 ASN A ND2 1 
ATOM   900  N N   . ALA A 1 120 ? 2.186   -5.084  -9.696  1.00 26.76 ? 120 ALA A N   1 
ATOM   901  C CA  . ALA A 1 120 ? 3.284   -4.696  -8.812  1.00 27.49 ? 120 ALA A CA  1 
ATOM   902  C C   . ALA A 1 120 ? 4.279   -5.850  -8.672  1.00 26.85 ? 120 ALA A C   1 
ATOM   903  O O   . ALA A 1 120 ? 5.494   -5.642  -8.702  1.00 27.01 ? 120 ALA A O   1 
ATOM   904  C CB  . ALA A 1 120 ? 2.739   -4.296  -7.433  1.00 26.62 ? 120 ALA A CB  1 
ATOM   905  N N   . ILE A 1 121 ? 3.761   -7.064  -8.515  1.00 27.33 ? 121 ILE A N   1 
ATOM   906  C CA  . ILE A 1 121 ? 4.616   -8.238  -8.375  1.00 28.21 ? 121 ILE A CA  1 
ATOM   907  C C   . ILE A 1 121 ? 5.398   -8.482  -9.665  1.00 29.91 ? 121 ILE A C   1 
ATOM   908  O O   . ILE A 1 121 ? 6.583   -8.828  -9.621  1.00 28.77 ? 121 ILE A O   1 
ATOM   909  C CB  . ILE A 1 121 ? 3.782   -9.488  -8.012  1.00 30.48 ? 121 ILE A CB  1 
ATOM   910  C CG1 . ILE A 1 121 ? 3.139   -9.285  -6.633  1.00 32.09 ? 121 ILE A CG1 1 
ATOM   911  C CG2 . ILE A 1 121 ? 4.673   -10.734 -8.013  1.00 31.01 ? 121 ILE A CG2 1 
ATOM   912  C CD1 . ILE A 1 121 ? 2.131   -10.348 -6.243  1.00 34.60 ? 121 ILE A CD1 1 
ATOM   913  N N   . ASN A 1 122 ? 4.745   -8.296  -10.814 1.00 30.36 ? 122 ASN A N   1 
ATOM   914  C CA  . ASN A 1 122 ? 5.428   -8.475  -12.100 1.00 30.44 ? 122 ASN A CA  1 
ATOM   915  C C   . ASN A 1 122 ? 6.595   -7.502  -12.193 1.00 30.02 ? 122 ASN A C   1 
ATOM   916  O O   . ASN A 1 122 ? 7.696   -7.872  -12.617 1.00 28.66 ? 122 ASN A O   1 
ATOM   917  C CB  . ASN A 1 122 ? 4.481   -8.215  -13.278 1.00 33.48 ? 122 ASN A CB  1 
ATOM   918  C CG  . ASN A 1 122 ? 5.166   -8.406  -14.628 1.00 38.43 ? 122 ASN A CG  1 
ATOM   919  O OD1 . ASN A 1 122 ? 5.569   -9.518  -14.981 1.00 41.48 ? 122 ASN A OD1 1 
ATOM   920  N ND2 . ASN A 1 122 ? 5.308   -7.321  -15.386 1.00 39.93 ? 122 ASN A ND2 1 
ATOM   921  N N   . ARG A 1 123 ? 6.361   -6.252  -11.799 1.00 29.08 ? 123 ARG A N   1 
ATOM   922  C CA  . ARG A 1 123 ? 7.422   -5.253  -11.854 1.00 30.63 ? 123 ARG A CA  1 
ATOM   923  C C   . ARG A 1 123 ? 8.596   -5.672  -10.976 1.00 31.67 ? 123 ARG A C   1 
ATOM   924  O O   . ARG A 1 123 ? 9.754   -5.552  -11.377 1.00 32.56 ? 123 ARG A O   1 
ATOM   925  C CB  . ARG A 1 123 ? 6.910   -3.877  -11.412 1.00 32.06 ? 123 ARG A CB  1 
ATOM   926  C CG  . ARG A 1 123 ? 7.959   -2.775  -11.565 1.00 35.84 ? 123 ARG A CG  1 
ATOM   927  C CD  . ARG A 1 123 ? 7.361   -1.376  -11.478 1.00 38.25 ? 123 ARG A CD  1 
ATOM   928  N NE  . ARG A 1 123 ? 8.323   -0.361  -11.912 1.00 42.25 ? 123 ARG A NE  1 
ATOM   929  C CZ  . ARG A 1 123 ? 9.351   0.076   -11.185 1.00 44.15 ? 123 ARG A CZ  1 
ATOM   930  N NH1 . ARG A 1 123 ? 9.566   -0.402  -9.963  1.00 44.19 ? 123 ARG A NH1 1 
ATOM   931  N NH2 . ARG A 1 123 ? 10.179  0.985   -11.687 1.00 43.76 ? 123 ARG A NH2 1 
ATOM   932  N N   . LYS A 1 124 ? 8.301   -6.169  -9.779  1.00 31.80 ? 124 LYS A N   1 
ATOM   933  C CA  . LYS A 1 124 ? 9.365   -6.599  -8.880  1.00 31.72 ? 124 LYS A CA  1 
ATOM   934  C C   . LYS A 1 124 ? 10.189  -7.705  -9.535  1.00 30.88 ? 124 LYS A C   1 
ATOM   935  O O   . LYS A 1 124 ? 11.419  -7.708  -9.459  1.00 30.29 ? 124 LYS A O   1 
ATOM   936  C CB  . LYS A 1 124 ? 8.782   -7.092  -7.546  1.00 32.49 ? 124 LYS A CB  1 
ATOM   937  C CG  . LYS A 1 124 ? 9.839   -7.634  -6.580  1.00 35.42 ? 124 LYS A CG  1 
ATOM   938  C CD  . LYS A 1 124 ? 9.276   -7.855  -5.176  1.00 37.39 ? 124 LYS A CD  1 
ATOM   939  C CE  . LYS A 1 124 ? 10.378  -8.310  -4.213  1.00 39.63 ? 124 LYS A CE  1 
ATOM   940  N NZ  . LYS A 1 124 ? 9.958   -8.172  -2.789  1.00 41.41 ? 124 LYS A NZ  1 
ATOM   941  N N   . LYS A 1 125 ? 9.512   -8.641  -10.193 1.00 31.40 ? 125 LYS A N   1 
ATOM   942  C CA  . LYS A 1 125 ? 10.210  -9.736  -10.850 1.00 32.03 ? 125 LYS A CA  1 
ATOM   943  C C   . LYS A 1 125 ? 11.093  -9.243  -11.992 1.00 32.59 ? 125 LYS A C   1 
ATOM   944  O O   . LYS A 1 125 ? 12.175  -9.785  -12.225 1.00 31.85 ? 125 LYS A O   1 
ATOM   945  C CB  . LYS A 1 125 ? 9.209   -10.775 -11.361 1.00 34.90 ? 125 LYS A CB  1 
ATOM   946  C CG  . LYS A 1 125 ? 8.529   -11.557 -10.246 1.00 38.85 ? 125 LYS A CG  1 
ATOM   947  C CD  . LYS A 1 125 ? 7.654   -12.668 -10.800 1.00 42.63 ? 125 LYS A CD  1 
ATOM   948  C CE  . LYS A 1 125 ? 6.918   -13.395 -9.688  1.00 44.81 ? 125 LYS A CE  1 
ATOM   949  N NZ  . LYS A 1 125 ? 7.867   -13.848 -8.646  1.00 50.24 ? 125 LYS A NZ  1 
ATOM   950  N N   . LEU A 1 126 ? 10.640  -8.215  -12.704 1.00 31.29 ? 126 LEU A N   1 
ATOM   951  C CA  . LEU A 1 126 ? 11.429  -7.662  -13.801 1.00 33.56 ? 126 LEU A CA  1 
ATOM   952  C C   . LEU A 1 126 ? 12.722  -7.063  -13.266 1.00 36.32 ? 126 LEU A C   1 
ATOM   953  O O   . LEU A 1 126 ? 13.749  -7.054  -13.953 1.00 36.82 ? 126 LEU A O   1 
ATOM   954  C CB  . LEU A 1 126 ? 10.648  -6.566  -14.533 1.00 32.48 ? 126 LEU A CB  1 
ATOM   955  C CG  . LEU A 1 126 ? 9.438   -6.988  -15.365 1.00 32.33 ? 126 LEU A CG  1 
ATOM   956  C CD1 . LEU A 1 126 ? 8.742   -5.742  -15.897 1.00 33.53 ? 126 LEU A CD1 1 
ATOM   957  C CD2 . LEU A 1 126 ? 9.882   -7.884  -16.518 1.00 33.21 ? 126 LEU A CD2 1 
ATOM   958  N N   . LEU A 1 127 ? 12.663  -6.558  -12.037 1.00 38.08 ? 127 LEU A N   1 
ATOM   959  C CA  . LEU A 1 127 ? 13.818  -5.932  -11.405 1.00 42.44 ? 127 LEU A CA  1 
ATOM   960  C C   . LEU A 1 127 ? 14.809  -6.882  -10.740 1.00 44.06 ? 127 LEU A C   1 
ATOM   961  O O   . LEU A 1 127 ? 15.916  -6.470  -10.397 1.00 45.56 ? 127 LEU A O   1 
ATOM   962  C CB  . LEU A 1 127 ? 13.349  -4.890  -10.385 1.00 42.59 ? 127 LEU A CB  1 
ATOM   963  C CG  . LEU A 1 127 ? 12.957  -3.526  -10.962 1.00 45.46 ? 127 LEU A CG  1 
ATOM   964  C CD1 . LEU A 1 127 ? 12.193  -2.708  -9.931  1.00 45.18 ? 127 LEU A CD1 1 
ATOM   965  C CD2 . LEU A 1 127 ? 14.222  -2.793  -11.405 1.00 46.25 ? 127 LEU A CD2 1 
ATOM   966  N N   . MET A 1 128 ? 14.432  -8.144  -10.560 1.00 45.63 ? 128 MET A N   1 
ATOM   967  C CA  . MET A 1 128 ? 15.334  -9.102  -9.919  1.00 49.24 ? 128 MET A CA  1 
ATOM   968  C C   . MET A 1 128 ? 16.602  -9.323  -10.742 1.00 51.52 ? 128 MET A C   1 
ATOM   969  O O   . MET A 1 128 ? 16.531  -9.211  -11.984 1.00 52.78 ? 128 MET A O   1 
ATOM   970  C CB  . MET A 1 128 ? 14.627  -10.443 -9.704  1.00 47.53 ? 128 MET A CB  1 
ATOM   971  C CG  . MET A 1 128 ? 13.542  -10.411 -8.639  1.00 46.38 ? 128 MET A CG  1 
ATOM   972  S SD  . MET A 1 128 ? 12.742  -12.017 -8.394  1.00 41.46 ? 128 MET A SD  1 
ATOM   973  C CE  . MET A 1 128 ? 11.309  -11.540 -7.408  1.00 43.47 ? 128 MET A CE  1 
HETATM 974  O O   . HOH B 2 .   ? 7.152   -3.679  -7.666  1.00 30.41 ? 144 HOH A O   1 
HETATM 975  O O   . HOH B 2 .   ? -14.219 -7.134  -8.043  1.00 34.07 ? 145 HOH A O   1 
HETATM 976  O O   . HOH B 2 .   ? 7.631   -3.957  -5.057  1.00 30.37 ? 146 HOH A O   1 
HETATM 977  O O   . HOH B 2 .   ? 5.716   2.615   -5.576  1.00 31.97 ? 147 HOH A O   1 
HETATM 978  O O   . HOH B 2 .   ? -2.458  -14.137 -5.656  1.00 33.07 ? 148 HOH A O   1 
HETATM 979  O O   . HOH B 2 .   ? -15.319 -3.536  -3.170  1.00 32.30 ? 149 HOH A O   1 
HETATM 980  O O   . HOH B 2 .   ? 11.512  1.938   -9.351  1.00 46.40 ? 150 HOH A O   1 
HETATM 981  O O   . HOH B 2 .   ? 12.828  -9.215  5.779   1.00 49.11 ? 151 HOH A O   1 
HETATM 982  O O   . HOH B 2 .   ? -8.011  2.170   3.109   1.00 39.11 ? 152 HOH A O   1 
HETATM 983  O O   . HOH B 2 .   ? -8.720  8.595   1.467   1.00 53.02 ? 153 HOH A O   1 
HETATM 984  O O   . HOH B 2 .   ? -0.590  -12.427 -5.081  1.00 32.96 ? 154 HOH A O   1 
HETATM 985  O O   . HOH B 2 .   ? -4.164  12.502  6.178   1.00 42.99 ? 155 HOH A O   1 
HETATM 986  O O   . HOH B 2 .   ? 14.129  -1.018  -3.612  1.00 39.41 ? 156 HOH A O   1 
HETATM 987  O O   . HOH B 2 .   ? -10.275 1.685   -7.482  1.00 37.83 ? 157 HOH A O   1 
HETATM 988  O O   . HOH B 2 .   ? 4.364   -4.802  -14.638 1.00 55.93 ? 158 HOH A O   1 
HETATM 989  O O   . HOH B 2 .   ? 6.777   1.427   -8.013  1.00 40.53 ? 159 HOH A O   1 
HETATM 990  O O   . HOH B 2 .   ? 2.910   -10.601 -12.965 1.00 57.64 ? 160 HOH A O   1 
HETATM 991  O O   . HOH B 2 .   ? -2.009  -13.443 6.076   1.00 39.57 ? 161 HOH A O   1 
HETATM 992  O O   . HOH B 2 .   ? -5.419  16.244  -2.914  1.00 46.53 ? 162 HOH A O   1 
HETATM 993  O O   . HOH B 2 .   ? -3.761  -1.961  -12.090 1.00 45.95 ? 163 HOH A O   1 
HETATM 994  O O   . HOH B 2 .   ? 7.615   -0.983  -7.899  1.00 39.24 ? 164 HOH A O   1 
HETATM 995  O O   . HOH B 2 .   ? -13.639 0.375   -9.582  1.00 47.48 ? 165 HOH A O   1 
HETATM 996  O O   . HOH B 2 .   ? -10.108 -11.300 -3.216  1.00 39.59 ? 166 HOH A O   1 
HETATM 997  O O   . HOH B 2 .   ? -12.068 4.400   3.584   1.00 43.30 ? 167 HOH A O   1 
HETATM 998  O O   . HOH B 2 .   ? -1.254  7.266   12.128  1.00 42.60 ? 168 HOH A O   1 
HETATM 999  O O   . HOH B 2 .   ? -13.451 8.175   -4.213  1.00 49.68 ? 169 HOH A O   1 
HETATM 1000 O O   . HOH B 2 .   ? -9.930  7.486   4.713   1.00 49.21 ? 170 HOH A O   1 
HETATM 1001 O O   . HOH B 2 .   ? -10.542 14.889  -4.935  1.00 61.46 ? 171 HOH A O   1 
HETATM 1002 O O   . HOH B 2 .   ? -2.585  7.163   14.577  1.00 42.97 ? 172 HOH A O   1 
HETATM 1003 O O   . HOH B 2 .   ? -6.778  -10.556 -11.021 1.00 61.62 ? 173 HOH A O   1 
HETATM 1004 O O   . HOH B 2 .   ? -6.095  -1.904  -11.002 1.00 44.89 ? 174 HOH A O   1 
HETATM 1005 O O   . HOH B 2 .   ? 2.602   2.876   16.781  1.00 57.36 ? 175 HOH A O   1 
HETATM 1006 O O   . HOH B 2 .   ? 7.123   -12.572 -0.777  1.00 48.85 ? 176 HOH A O   1 
HETATM 1007 O O   . HOH B 2 .   ? -5.171  14.265  0.512   1.00 50.96 ? 177 HOH A O   1 
HETATM 1008 O O   . HOH B 2 .   ? -5.295  0.701   3.056   1.00 38.20 ? 178 HOH A O   1 
HETATM 1009 O O   . HOH B 2 .   ? 0.101   -8.015  10.885  1.00 47.18 ? 179 HOH A O   1 
HETATM 1010 O O   . HOH B 2 .   ? -1.217  -1.472  -12.503 1.00 45.64 ? 180 HOH A O   1 
HETATM 1011 O O   . HOH B 2 .   ? 1.375   7.451   13.169  1.00 47.06 ? 181 HOH A O   1 
HETATM 1012 O O   . HOH B 2 .   ? -7.666  4.800   -9.568  1.00 44.24 ? 182 HOH A O   1 
HETATM 1013 O O   . HOH B 2 .   ? 6.128   2.601   -10.585 1.00 46.93 ? 183 HOH A O   1 
HETATM 1014 O O   . HOH B 2 .   ? 10.087  -4.505  -4.200  1.00 40.68 ? 184 HOH A O   1 
HETATM 1015 O O   . HOH B 2 .   ? 9.249   2.506   -7.650  1.00 47.05 ? 185 HOH A O   1 
HETATM 1016 O O   . HOH B 2 .   ? -9.809  3.189   -9.436  1.00 57.12 ? 186 HOH A O   1 
HETATM 1017 O O   . HOH B 2 .   ? 0.822   -0.388  -13.838 1.00 66.24 ? 187 HOH A O   1 
HETATM 1018 O O   . HOH B 2 .   ? -9.981  -3.072  -12.088 1.00 61.58 ? 188 HOH A O   1 
HETATM 1019 O O   . HOH B 2 .   ? -3.260  14.237  12.357  1.00 60.22 ? 189 HOH A O   1 
HETATM 1020 O O   . HOH B 2 .   ? -5.766  2.521   -10.859 1.00 49.65 ? 190 HOH A O   1 
HETATM 1021 O O   . HOH B 2 .   ? 7.699   11.368  5.020   1.00 49.13 ? 191 HOH A O   1 
HETATM 1022 O O   . HOH B 2 .   ? -3.559  -4.229  12.600  1.00 54.78 ? 192 HOH A O   1 
HETATM 1023 O O   . HOH B 2 .   ? -7.995  6.510   6.734   1.00 55.07 ? 193 HOH A O   1 
HETATM 1024 O O   . HOH B 2 .   ? -14.741 8.586   -1.014  1.00 66.92 ? 194 HOH A O   1 
HETATM 1025 O O   . HOH B 2 .   ? 3.141   2.296   -12.521 1.00 60.89 ? 195 HOH A O   1 
HETATM 1026 O O   . HOH B 2 .   ? -0.803  0.893   15.901  1.00 52.39 ? 196 HOH A O   1 
HETATM 1027 O O   . HOH B 2 .   ? -13.125 0.554   12.555  1.00 63.91 ? 197 HOH A O   1 
HETATM 1028 O O   . HOH B 2 .   ? 2.035   -6.563  -15.387 1.00 58.20 ? 198 HOH A O   1 
HETATM 1029 O O   . HOH B 2 .   ? 11.947  -4.753  -6.328  1.00 45.97 ? 199 HOH A O   1 
HETATM 1030 O O   . HOH B 2 .   ? 1.961   0.314   17.678  1.00 66.10 ? 200 HOH A O   1 
HETATM 1031 O O   . HOH B 2 .   ? 4.580   11.947  -1.693  1.00 66.10 ? 201 HOH A O   1 
HETATM 1032 O O   . HOH B 2 .   ? -13.433 9.955   1.871   1.00 68.25 ? 202 HOH A O   1 
HETATM 1033 O O   . HOH B 2 .   ? -11.500 8.596   2.306   1.00 60.42 ? 203 HOH A O   1 
HETATM 1034 O O   . HOH B 2 .   ? -2.218  13.371  8.514   1.00 53.21 ? 204 HOH A O   1 
HETATM 1035 O O   . HOH B 2 .   ? 14.405  7.199   -3.023  1.00 63.25 ? 205 HOH A O   1 
HETATM 1036 O O   . HOH B 2 .   ? 0.594   15.138  3.573   1.00 67.39 ? 206 HOH A O   1 
# 
